data_4KV5
#
_entry.id   4KV5
#
_cell.length_a   108.188
_cell.length_b   171.769
_cell.length_c   109.876
_cell.angle_alpha   90.00
_cell.angle_beta   111.30
_cell.angle_gamma   90.00
#
_symmetry.space_group_name_H-M   'C 1 2 1'
#
loop_
_entity.id
_entity.type
_entity.pdbx_description
1 polymer 'Transforming growth factor beta-1 proprotein'
2 polymer 'Single-chain variable fragment GC1009'
#
loop_
_entity_poly.entity_id
_entity_poly.type
_entity_poly.pdbx_seq_one_letter_code
_entity_poly.pdbx_strand_id
1 'polypeptide(L)'
;ALDTNYCFSSTEKNCCVRQLYIDFRKDLGWKWIHEPKGYHANFCLGPCPYIWSLDTQYSKVLALYNQHNPGASAAPCCVP
QALEPLPIVYYVGRKPKVEQLSNMIVRSCKCS
;
C,D,A,B
2 'polypeptide(L)'
;QVQLVQSGAEVKKPGSSVKVSCKASGYTFSSNVISWVRQAPGQGLEWMGGVIPIVDIANYAQRFKGRVTITADESTSTTY
MELSSLRSEDTAVYYCASTLGLVLDAMDYWGQGTLVTVSSGGGGSGGGGSGGGGSALETVLTQSPGTLSLSPGERATLSC
RASQSLGSSYLAWYQQKPGQAPRLLIYGASSRAPGIPDRFSGSGSGTDFTLTISRLEPEDFAVYYCQQYADSPITFGQGT
RLEIKRHHHHHH
;
J,H,E,G
#
# COMPACT_ATOMS: atom_id res chain seq x y z
N ALA A 1 8.53 -25.34 2.27
CA ALA A 1 9.52 -24.28 2.05
C ALA A 1 10.22 -24.48 0.70
N LEU A 2 9.44 -24.61 -0.38
CA LEU A 2 9.98 -24.78 -1.73
C LEU A 2 10.28 -23.43 -2.38
N ASP A 3 11.08 -22.63 -1.69
CA ASP A 3 11.36 -21.27 -2.13
C ASP A 3 12.69 -21.17 -2.87
N THR A 4 13.02 -19.95 -3.30
CA THR A 4 14.27 -19.66 -4.00
C THR A 4 15.46 -19.91 -3.07
N ASN A 5 15.23 -19.65 -1.78
CA ASN A 5 16.18 -19.96 -0.71
C ASN A 5 16.57 -21.45 -0.67
N TYR A 6 15.60 -22.34 -0.51
CA TYR A 6 15.90 -23.76 -0.59
C TYR A 6 16.37 -24.23 -1.99
N CYS A 7 15.55 -23.97 -3.02
CA CYS A 7 15.73 -24.56 -4.34
C CYS A 7 16.99 -24.13 -5.05
N PHE A 8 17.41 -22.88 -4.83
CA PHE A 8 18.60 -22.39 -5.52
C PHE A 8 19.85 -22.88 -4.78
N SER A 9 19.67 -23.17 -3.49
CA SER A 9 20.72 -23.70 -2.62
C SER A 9 21.19 -25.08 -3.05
N SER A 10 20.50 -25.70 -3.99
CA SER A 10 20.86 -27.03 -4.42
C SER A 10 20.43 -27.35 -5.84
N THR A 11 20.93 -28.46 -6.35
CA THR A 11 20.32 -29.13 -7.47
C THR A 11 19.15 -29.84 -6.85
N GLU A 12 18.10 -30.06 -7.62
CA GLU A 12 16.89 -30.62 -7.04
C GLU A 12 16.04 -31.16 -8.17
N LYS A 13 15.80 -32.46 -8.22
CA LYS A 13 15.02 -33.00 -9.35
C LYS A 13 13.50 -32.79 -9.17
N ASN A 14 13.00 -32.69 -7.95
CA ASN A 14 11.56 -32.50 -7.80
C ASN A 14 11.15 -31.04 -7.99
N CYS A 15 9.83 -30.82 -8.08
CA CYS A 15 9.20 -29.50 -8.19
C CYS A 15 9.89 -28.39 -7.41
N CYS A 16 10.30 -27.35 -8.13
CA CYS A 16 11.10 -26.28 -7.55
C CYS A 16 11.17 -24.98 -8.36
N VAL A 17 11.52 -23.88 -7.69
CA VAL A 17 11.71 -22.61 -8.35
C VAL A 17 12.94 -22.67 -9.24
N ARG A 18 12.80 -22.28 -10.49
CA ARG A 18 13.90 -22.28 -11.45
C ARG A 18 14.19 -20.89 -11.92
N GLN A 19 15.46 -20.64 -12.18
CA GLN A 19 15.91 -19.36 -12.69
C GLN A 19 15.25 -19.00 -14.03
N LEU A 20 14.78 -17.76 -14.18
CA LEU A 20 14.29 -17.31 -15.49
C LEU A 20 14.28 -15.81 -15.62
N TYR A 21 14.93 -15.30 -16.66
CA TYR A 21 14.93 -13.88 -16.92
C TYR A 21 14.05 -13.53 -18.10
N ILE A 22 13.30 -12.44 -17.99
CA ILE A 22 12.47 -12.02 -19.09
C ILE A 22 12.85 -10.62 -19.60
N ASP A 23 13.11 -10.50 -20.90
CA ASP A 23 13.35 -9.18 -21.48
C ASP A 23 12.00 -8.62 -21.87
N PHE A 24 11.68 -7.42 -21.40
CA PHE A 24 10.37 -6.85 -21.72
C PHE A 24 10.20 -6.74 -23.24
N ARG A 25 11.18 -6.18 -23.95
CA ARG A 25 11.06 -6.03 -25.41
C ARG A 25 11.25 -7.32 -26.20
N LYS A 26 12.30 -8.07 -25.95
CA LYS A 26 12.57 -9.33 -26.67
C LYS A 26 11.54 -10.41 -26.40
N ASP A 27 11.12 -10.53 -25.14
CA ASP A 27 10.20 -11.61 -24.79
C ASP A 27 8.68 -11.30 -24.73
N LEU A 28 8.25 -10.09 -24.41
CA LEU A 28 6.82 -9.83 -24.35
C LEU A 28 6.40 -8.91 -25.47
N GLY A 29 7.37 -8.19 -26.01
CA GLY A 29 7.11 -7.15 -26.98
C GLY A 29 6.54 -5.90 -26.33
N TRP A 30 6.89 -5.70 -25.06
CA TRP A 30 6.47 -4.52 -24.31
C TRP A 30 7.49 -3.44 -24.51
N LYS A 31 7.10 -2.38 -25.22
CA LYS A 31 8.00 -1.32 -25.62
C LYS A 31 7.73 -0.05 -24.81
N TRP A 32 6.97 -0.20 -23.72
CA TRP A 32 6.43 0.95 -23.02
C TRP A 32 7.04 1.21 -21.66
N ILE A 33 7.71 0.21 -21.11
CA ILE A 33 8.36 0.34 -19.80
C ILE A 33 9.70 1.05 -19.96
N HIS A 34 10.08 1.88 -18.99
CA HIS A 34 11.39 2.53 -19.11
C HIS A 34 12.47 1.78 -18.34
N GLU A 35 12.27 1.50 -17.05
CA GLU A 35 13.18 0.65 -16.27
C GLU A 35 12.35 -0.27 -15.36
N PRO A 36 12.79 -1.52 -15.17
CA PRO A 36 13.99 -2.09 -15.80
C PRO A 36 13.76 -2.48 -17.24
N LYS A 37 14.79 -2.95 -17.92
CA LYS A 37 14.62 -3.40 -19.30
C LYS A 37 14.10 -4.85 -19.30
N GLY A 38 14.11 -5.48 -18.12
CA GLY A 38 13.59 -6.82 -17.92
C GLY A 38 13.69 -7.28 -16.45
N TYR A 39 13.32 -8.53 -16.14
CA TYR A 39 13.37 -9.01 -14.76
C TYR A 39 13.37 -10.52 -14.61
N HIS A 40 13.72 -10.98 -13.40
CA HIS A 40 13.82 -12.38 -13.05
C HIS A 40 12.54 -12.94 -12.53
N ALA A 41 11.70 -13.42 -13.45
CA ALA A 41 10.39 -13.91 -13.09
C ALA A 41 10.46 -15.23 -12.36
N ASN A 42 11.37 -16.10 -12.81
CA ASN A 42 11.50 -17.50 -12.39
C ASN A 42 10.32 -18.34 -12.89
N PHE A 43 10.40 -19.66 -12.76
CA PHE A 43 9.27 -20.49 -13.12
C PHE A 43 9.34 -21.80 -12.35
N CYS A 44 8.27 -22.59 -12.43
CA CYS A 44 8.16 -23.81 -11.63
C CYS A 44 8.32 -25.04 -12.46
N LEU A 45 9.31 -25.85 -12.13
CA LEU A 45 9.53 -27.10 -12.86
C LEU A 45 9.91 -28.26 -11.94
N GLY A 46 9.38 -29.45 -12.25
CA GLY A 46 9.78 -30.65 -11.55
C GLY A 46 8.62 -31.56 -11.19
N PRO A 47 8.86 -32.87 -11.14
CA PRO A 47 7.90 -33.91 -10.79
C PRO A 47 7.34 -33.80 -9.37
N CYS A 48 6.10 -34.24 -9.15
CA CYS A 48 5.47 -34.12 -7.83
C CYS A 48 5.14 -35.47 -7.28
N PRO A 49 6.15 -36.14 -6.68
CA PRO A 49 6.02 -37.44 -6.02
C PRO A 49 5.31 -37.24 -4.72
N TYR A 50 4.84 -38.31 -4.10
CA TYR A 50 4.19 -38.17 -2.81
C TYR A 50 5.15 -37.59 -1.77
N ILE A 51 4.57 -36.92 -0.75
CA ILE A 51 5.20 -36.14 0.34
C ILE A 51 5.61 -34.75 -0.13
N TRP A 52 5.96 -34.62 -1.40
CA TRP A 52 6.56 -33.40 -1.93
C TRP A 52 5.56 -32.27 -2.12
N SER A 53 5.33 -31.52 -1.05
CA SER A 53 4.45 -30.36 -1.06
C SER A 53 3.13 -30.65 -1.73
N LEU A 54 2.47 -31.70 -1.28
CA LEU A 54 1.13 -31.95 -1.75
C LEU A 54 0.25 -31.35 -0.66
N ASP A 55 -0.43 -30.27 -1.06
CA ASP A 55 -1.12 -29.36 -0.14
C ASP A 55 -2.58 -29.76 -0.03
N THR A 56 -3.28 -29.75 -1.16
CA THR A 56 -4.68 -30.19 -1.19
C THR A 56 -4.81 -31.70 -0.97
N GLN A 57 -6.02 -32.12 -0.62
CA GLN A 57 -6.31 -33.54 -0.40
C GLN A 57 -6.21 -34.36 -1.68
N TYR A 58 -6.77 -33.79 -2.75
CA TYR A 58 -6.78 -34.41 -4.07
C TYR A 58 -5.36 -34.66 -4.60
N SER A 59 -4.44 -33.73 -4.36
CA SER A 59 -3.02 -33.90 -4.68
C SER A 59 -2.47 -35.19 -4.06
N LYS A 60 -2.77 -35.38 -2.78
CA LYS A 60 -2.31 -36.55 -2.06
C LYS A 60 -2.80 -37.83 -2.70
N VAL A 61 -4.10 -37.95 -2.90
CA VAL A 61 -4.64 -39.15 -3.55
C VAL A 61 -4.03 -39.31 -4.97
N LEU A 62 -3.99 -38.22 -5.73
CA LEU A 62 -3.45 -38.20 -7.10
C LEU A 62 -1.99 -38.61 -7.12
N ALA A 63 -1.18 -38.03 -6.23
CA ALA A 63 0.22 -38.45 -6.16
C ALA A 63 0.29 -39.93 -5.81
N LEU A 64 -0.52 -40.34 -4.83
CA LEU A 64 -0.56 -41.71 -4.34
C LEU A 64 -0.97 -42.67 -5.43
N TYR A 65 -2.00 -42.31 -6.17
CA TYR A 65 -2.39 -43.08 -7.35
C TYR A 65 -1.21 -43.35 -8.30
N ASN A 66 -0.40 -42.32 -8.48
CA ASN A 66 0.68 -42.34 -9.44
C ASN A 66 1.77 -43.31 -9.06
N GLN A 67 2.05 -43.37 -7.76
CA GLN A 67 2.95 -44.38 -7.23
C GLN A 67 2.56 -45.78 -7.68
N HIS A 68 1.38 -46.23 -7.27
CA HIS A 68 0.85 -47.54 -7.62
C HIS A 68 0.52 -47.68 -9.11
N ASN A 69 0.93 -46.70 -9.91
CA ASN A 69 0.64 -46.67 -11.36
C ASN A 69 1.60 -45.84 -12.22
N PRO A 70 2.92 -46.04 -12.07
CA PRO A 70 4.00 -45.16 -12.55
C PRO A 70 3.75 -44.39 -13.84
N GLY A 71 3.77 -45.06 -15.00
CA GLY A 71 3.60 -44.35 -16.25
C GLY A 71 2.14 -43.99 -16.50
N ALA A 72 1.71 -42.86 -15.94
CA ALA A 72 0.29 -42.62 -15.83
C ALA A 72 -0.20 -41.30 -16.48
N SER A 73 0.71 -40.33 -16.60
CA SER A 73 0.41 -38.94 -16.99
C SER A 73 -0.24 -38.21 -15.83
N ALA A 74 -1.23 -38.87 -15.22
CA ALA A 74 -2.00 -38.30 -14.13
C ALA A 74 -1.12 -38.10 -12.91
N ALA A 75 -0.85 -36.84 -12.60
CA ALA A 75 0.09 -36.49 -11.57
C ALA A 75 -0.13 -35.04 -11.17
N PRO A 76 0.15 -34.72 -9.91
CA PRO A 76 0.16 -33.34 -9.48
C PRO A 76 1.15 -32.60 -10.33
N CYS A 77 0.94 -31.32 -10.59
CA CYS A 77 1.93 -30.56 -11.35
C CYS A 77 2.56 -29.44 -10.52
N CYS A 78 3.83 -29.16 -10.80
CA CYS A 78 4.57 -28.08 -10.16
C CYS A 78 4.19 -26.69 -10.69
N VAL A 79 3.62 -25.88 -9.80
CA VAL A 79 3.13 -24.52 -10.06
C VAL A 79 3.46 -23.53 -8.95
N PRO A 80 3.39 -22.21 -9.24
CA PRO A 80 3.72 -21.18 -8.23
C PRO A 80 2.77 -21.15 -7.05
N GLN A 81 3.31 -20.77 -5.89
CA GLN A 81 2.52 -20.60 -4.68
C GLN A 81 2.58 -19.14 -4.23
N ALA A 82 3.77 -18.63 -3.99
CA ALA A 82 3.88 -17.22 -3.62
C ALA A 82 4.32 -16.40 -4.82
N LEU A 83 3.56 -15.34 -5.11
CA LEU A 83 3.91 -14.43 -6.17
C LEU A 83 4.18 -13.05 -5.58
N GLU A 84 5.22 -12.39 -6.07
CA GLU A 84 5.59 -11.06 -5.60
C GLU A 84 5.59 -9.98 -6.68
N PRO A 85 5.36 -8.72 -6.27
CA PRO A 85 5.24 -7.61 -7.24
C PRO A 85 6.56 -7.15 -7.85
N LEU A 86 6.43 -6.46 -8.96
CA LEU A 86 7.58 -5.87 -9.61
C LEU A 86 7.32 -4.39 -9.81
N PRO A 87 8.17 -3.57 -9.21
CA PRO A 87 8.12 -2.13 -9.42
C PRO A 87 8.80 -1.77 -10.73
N ILE A 88 8.21 -0.83 -11.46
CA ILE A 88 8.74 -0.36 -12.74
C ILE A 88 8.59 1.16 -12.88
N VAL A 89 9.17 1.72 -13.95
CA VAL A 89 8.93 3.10 -14.35
C VAL A 89 8.51 3.15 -15.81
N TYR A 90 7.40 3.82 -16.13
CA TYR A 90 7.10 4.06 -17.54
C TYR A 90 6.79 5.52 -17.66
N TYR A 91 7.04 6.11 -18.83
CA TYR A 91 6.67 7.50 -19.04
C TYR A 91 5.28 7.61 -19.63
N VAL A 92 4.59 8.69 -19.28
CA VAL A 92 3.36 9.07 -19.94
C VAL A 92 3.70 10.41 -20.56
N GLY A 93 4.11 10.42 -21.81
CA GLY A 93 4.72 11.62 -22.33
C GLY A 93 6.10 11.80 -21.70
N ARG A 94 6.33 12.88 -20.95
CA ARG A 94 7.63 12.96 -20.30
C ARG A 94 7.52 13.01 -18.77
N LYS A 95 6.32 12.87 -18.23
CA LYS A 95 6.18 12.59 -16.81
C LYS A 95 6.49 11.10 -16.53
N PRO A 96 7.42 10.80 -15.64
CA PRO A 96 7.61 9.39 -15.27
C PRO A 96 6.67 9.00 -14.17
N LYS A 97 6.18 7.78 -14.20
CA LYS A 97 5.27 7.28 -13.18
C LYS A 97 5.78 5.93 -12.73
N VAL A 98 5.65 5.66 -11.45
CA VAL A 98 6.05 4.39 -10.88
C VAL A 98 4.83 3.57 -10.60
N GLU A 99 4.74 2.39 -11.18
CA GLU A 99 3.61 1.54 -10.87
C GLU A 99 4.17 0.29 -10.22
N GLN A 100 3.39 -0.39 -9.40
CA GLN A 100 3.84 -1.66 -8.87
C GLN A 100 3.00 -2.78 -9.41
N LEU A 101 3.58 -3.56 -10.31
CA LEU A 101 2.88 -4.64 -10.99
C LEU A 101 2.73 -5.88 -10.10
N SER A 102 1.50 -6.32 -9.86
CA SER A 102 1.25 -7.37 -8.88
C SER A 102 1.54 -8.75 -9.44
N ASN A 103 2.01 -9.64 -8.57
CA ASN A 103 2.26 -11.04 -8.93
C ASN A 103 3.00 -11.25 -10.26
N MET A 104 4.29 -10.96 -10.28
CA MET A 104 5.10 -11.07 -11.49
C MET A 104 6.28 -11.99 -11.25
N ILE A 105 6.60 -12.19 -9.98
CA ILE A 105 7.75 -12.98 -9.57
C ILE A 105 7.28 -14.17 -8.73
N VAL A 106 7.66 -15.38 -9.15
CA VAL A 106 7.42 -16.53 -8.31
C VAL A 106 8.57 -16.69 -7.31
N ARG A 107 8.22 -16.74 -6.04
CA ARG A 107 9.17 -16.90 -4.96
C ARG A 107 9.13 -18.34 -4.46
N SER A 108 8.03 -19.04 -4.73
CA SER A 108 7.87 -20.43 -4.26
C SER A 108 6.89 -21.30 -5.09
N CYS A 109 7.17 -22.60 -5.20
CA CYS A 109 6.29 -23.46 -5.97
C CYS A 109 5.61 -24.54 -5.10
N LYS A 110 4.56 -25.14 -5.64
CA LYS A 110 3.89 -26.24 -4.95
C LYS A 110 3.42 -27.28 -5.95
N CYS A 111 2.88 -28.39 -5.45
CA CYS A 111 2.32 -29.42 -6.32
C CYS A 111 0.81 -29.41 -6.26
N SER A 112 0.17 -29.36 -7.43
CA SER A 112 -1.28 -29.25 -7.48
C SER A 112 -1.97 -30.18 -8.50
N ALA B 1 -14.37 -21.70 -18.59
CA ALA B 1 -15.29 -22.81 -18.47
C ALA B 1 -14.64 -24.11 -18.97
N LEU B 2 -13.46 -24.43 -18.43
CA LEU B 2 -12.74 -25.66 -18.79
C LEU B 2 -13.17 -26.85 -17.93
N ASP B 3 -14.47 -27.11 -17.88
CA ASP B 3 -15.04 -28.12 -16.98
C ASP B 3 -15.30 -29.44 -17.63
N THR B 4 -15.87 -30.39 -16.88
CA THR B 4 -16.15 -31.70 -17.43
C THR B 4 -17.16 -31.58 -18.56
N ASN B 5 -18.12 -30.67 -18.41
CA ASN B 5 -19.10 -30.42 -19.46
C ASN B 5 -18.45 -30.13 -20.82
N TYR B 6 -17.58 -29.12 -20.86
CA TYR B 6 -16.82 -28.78 -22.07
C TYR B 6 -15.88 -29.91 -22.46
N CYS B 7 -15.08 -30.33 -21.50
CA CYS B 7 -13.92 -31.18 -21.70
C CYS B 7 -14.28 -32.57 -22.21
N PHE B 8 -15.39 -33.10 -21.75
CA PHE B 8 -15.79 -34.46 -22.13
C PHE B 8 -16.58 -34.56 -23.43
N SER B 9 -17.30 -33.50 -23.82
CA SER B 9 -18.10 -33.48 -25.07
C SER B 9 -17.25 -33.60 -26.33
N SER B 10 -15.94 -33.44 -26.20
CA SER B 10 -15.06 -33.48 -27.35
C SER B 10 -13.69 -33.91 -26.90
N THR B 11 -12.80 -34.18 -27.85
CA THR B 11 -11.38 -34.21 -27.51
C THR B 11 -10.86 -32.76 -27.53
N GLU B 12 -9.75 -32.52 -26.84
CA GLU B 12 -9.26 -31.16 -26.60
C GLU B 12 -7.78 -31.17 -26.32
N LYS B 13 -6.98 -30.59 -27.21
CA LYS B 13 -5.55 -30.76 -27.07
C LYS B 13 -4.96 -29.90 -25.96
N ASN B 14 -5.61 -28.79 -25.64
CA ASN B 14 -5.12 -27.92 -24.60
C ASN B 14 -5.50 -28.39 -23.19
N CYS B 15 -4.97 -27.71 -22.18
CA CYS B 15 -5.34 -27.95 -20.78
C CYS B 15 -6.84 -28.24 -20.63
N CYS B 16 -7.17 -29.38 -20.06
CA CYS B 16 -8.56 -29.71 -19.94
C CYS B 16 -8.69 -30.88 -18.93
N VAL B 17 -9.90 -31.06 -18.37
CA VAL B 17 -10.16 -32.17 -17.46
C VAL B 17 -10.18 -33.51 -18.17
N ARG B 18 -9.47 -34.47 -17.60
CA ARG B 18 -9.39 -35.80 -18.18
C ARG B 18 -9.97 -36.84 -17.25
N GLN B 19 -10.70 -37.78 -17.83
CA GLN B 19 -11.31 -38.86 -17.11
C GLN B 19 -10.33 -39.72 -16.31
N LEU B 20 -10.71 -40.07 -15.08
CA LEU B 20 -9.91 -40.98 -14.25
C LEU B 20 -10.73 -41.65 -13.17
N TYR B 21 -10.64 -42.97 -13.07
CA TYR B 21 -11.29 -43.69 -11.98
C TYR B 21 -10.27 -44.23 -10.98
N ILE B 22 -10.53 -44.06 -9.68
CA ILE B 22 -9.60 -44.56 -8.67
C ILE B 22 -10.19 -45.64 -7.79
N ASP B 23 -9.56 -46.80 -7.79
CA ASP B 23 -10.04 -47.90 -6.96
C ASP B 23 -9.43 -47.78 -5.61
N PHE B 24 -10.26 -47.72 -4.59
CA PHE B 24 -9.77 -47.54 -3.23
C PHE B 24 -8.78 -48.64 -2.81
N ARG B 25 -9.16 -49.90 -2.97
CA ARG B 25 -8.28 -50.95 -2.56
C ARG B 25 -7.10 -51.13 -3.53
N LYS B 26 -7.37 -51.23 -4.83
CA LYS B 26 -6.28 -51.45 -5.79
C LYS B 26 -5.29 -50.28 -5.94
N ASP B 27 -5.76 -49.04 -6.00
CA ASP B 27 -4.84 -47.94 -6.22
C ASP B 27 -4.30 -47.26 -4.95
N LEU B 28 -5.09 -47.21 -3.87
CA LEU B 28 -4.68 -46.52 -2.65
C LEU B 28 -4.37 -47.45 -1.47
N GLY B 29 -4.83 -48.70 -1.58
CA GLY B 29 -4.65 -49.66 -0.51
C GLY B 29 -5.54 -49.34 0.67
N TRP B 30 -6.64 -48.66 0.40
CA TRP B 30 -7.57 -48.28 1.44
C TRP B 30 -8.56 -49.39 1.72
N LYS B 31 -8.44 -49.96 2.92
CA LYS B 31 -9.24 -51.12 3.29
C LYS B 31 -10.34 -50.76 4.28
N TRP B 32 -10.52 -49.46 4.50
CA TRP B 32 -11.36 -49.01 5.59
C TRP B 32 -12.71 -48.44 5.14
N ILE B 33 -12.83 -48.09 3.87
CA ILE B 33 -14.09 -47.59 3.29
C ILE B 33 -15.01 -48.76 2.95
N HIS B 34 -16.31 -48.53 3.10
CA HIS B 34 -17.29 -49.51 2.63
C HIS B 34 -17.94 -49.13 1.28
N GLU B 35 -18.49 -47.93 1.18
CA GLU B 35 -19.05 -47.46 -0.09
C GLU B 35 -18.54 -46.06 -0.35
N PRO B 36 -18.12 -45.80 -1.60
CA PRO B 36 -18.02 -46.72 -2.74
C PRO B 36 -16.77 -47.56 -2.70
N LYS B 37 -16.61 -48.47 -3.68
CA LYS B 37 -15.39 -49.25 -3.79
C LYS B 37 -14.31 -48.46 -4.51
N GLY B 38 -14.75 -47.37 -5.14
CA GLY B 38 -13.91 -46.42 -5.87
C GLY B 38 -14.76 -45.27 -6.40
N TYR B 39 -14.16 -44.35 -7.13
CA TYR B 39 -14.92 -43.20 -7.63
C TYR B 39 -14.20 -42.51 -8.78
N HIS B 40 -14.91 -41.65 -9.54
CA HIS B 40 -14.29 -40.96 -10.69
C HIS B 40 -13.66 -39.62 -10.31
N ALA B 41 -12.39 -39.61 -9.95
CA ALA B 41 -11.73 -38.37 -9.52
C ALA B 41 -11.46 -37.42 -10.66
N ASN B 42 -11.02 -37.97 -11.81
CA ASN B 42 -10.56 -37.19 -12.99
C ASN B 42 -9.23 -36.47 -12.75
N PHE B 43 -8.65 -35.87 -13.79
CA PHE B 43 -7.43 -35.08 -13.57
C PHE B 43 -7.21 -34.00 -14.63
N CYS B 44 -6.19 -33.17 -14.40
CA CYS B 44 -5.86 -32.06 -15.29
C CYS B 44 -4.58 -32.29 -16.08
N LEU B 45 -4.73 -32.35 -17.40
CA LEU B 45 -3.59 -32.51 -18.30
C LEU B 45 -3.78 -31.70 -19.55
N GLY B 46 -2.71 -31.09 -20.03
CA GLY B 46 -2.78 -30.38 -21.30
C GLY B 46 -1.99 -29.09 -21.27
N PRO B 47 -1.49 -28.67 -22.44
CA PRO B 47 -0.75 -27.42 -22.62
C PRO B 47 -1.54 -26.16 -22.31
N CYS B 48 -0.82 -25.11 -21.92
CA CYS B 48 -1.43 -23.81 -21.60
C CYS B 48 -0.88 -22.68 -22.46
N PRO B 49 -1.36 -22.59 -23.71
CA PRO B 49 -1.00 -21.47 -24.59
C PRO B 49 -1.61 -20.16 -24.10
N TYR B 50 -1.22 -19.05 -24.71
CA TYR B 50 -1.83 -17.78 -24.34
C TYR B 50 -3.35 -17.77 -24.61
N ILE B 51 -4.08 -16.96 -23.83
CA ILE B 51 -5.58 -16.86 -23.75
C ILE B 51 -6.23 -18.03 -23.03
N TRP B 52 -5.61 -19.21 -23.06
CA TRP B 52 -6.29 -20.41 -22.58
C TRP B 52 -6.39 -20.44 -21.07
N SER B 53 -7.41 -19.77 -20.55
CA SER B 53 -7.69 -19.77 -19.13
C SER B 53 -6.48 -19.45 -18.24
N LEU B 54 -5.83 -18.32 -18.51
CA LEU B 54 -4.73 -17.86 -17.67
C LEU B 54 -5.22 -16.83 -16.65
N ASP B 55 -5.12 -17.20 -15.38
CA ASP B 55 -5.81 -16.51 -14.30
C ASP B 55 -4.97 -15.44 -13.62
N THR B 56 -3.84 -15.86 -13.02
CA THR B 56 -2.93 -14.89 -12.42
C THR B 56 -2.17 -14.13 -13.50
N GLN B 57 -1.66 -12.97 -13.13
CA GLN B 57 -0.94 -12.12 -14.06
C GLN B 57 0.34 -12.81 -14.57
N TYR B 58 1.01 -13.49 -13.65
CA TYR B 58 2.23 -14.19 -13.97
C TYR B 58 1.97 -15.23 -15.03
N SER B 59 0.86 -15.94 -14.91
CA SER B 59 0.48 -16.90 -15.94
C SER B 59 0.44 -16.25 -17.31
N LYS B 60 -0.24 -15.11 -17.43
CA LYS B 60 -0.33 -14.40 -18.70
C LYS B 60 1.06 -14.09 -19.20
N VAL B 61 1.87 -13.46 -18.36
CA VAL B 61 3.24 -13.12 -18.73
C VAL B 61 4.02 -14.35 -19.19
N LEU B 62 3.94 -15.43 -18.43
CA LEU B 62 4.64 -16.68 -18.76
C LEU B 62 4.21 -17.21 -20.12
N ALA B 63 2.90 -17.24 -20.34
CA ALA B 63 2.34 -17.66 -21.61
C ALA B 63 2.83 -16.79 -22.75
N LEU B 64 2.83 -15.47 -22.54
CA LEU B 64 3.29 -14.56 -23.58
C LEU B 64 4.76 -14.80 -23.91
N TYR B 65 5.60 -14.95 -22.89
CA TYR B 65 6.99 -15.36 -23.05
C TYR B 65 7.10 -16.59 -23.93
N ASN B 66 6.22 -17.54 -23.71
CA ASN B 66 6.30 -18.80 -24.43
C ASN B 66 5.92 -18.66 -25.92
N GLN B 67 4.97 -17.77 -26.25
CA GLN B 67 4.73 -17.38 -27.65
C GLN B 67 5.99 -16.98 -28.39
N HIS B 68 6.66 -15.94 -27.87
CA HIS B 68 7.94 -15.46 -28.42
C HIS B 68 9.11 -16.43 -28.22
N ASN B 69 8.86 -17.61 -27.68
CA ASN B 69 9.96 -18.52 -27.41
C ASN B 69 9.57 -19.98 -27.38
N PRO B 70 8.85 -20.46 -28.41
CA PRO B 70 8.15 -21.76 -28.47
C PRO B 70 8.64 -22.94 -27.57
N GLY B 71 9.55 -23.81 -27.96
CA GLY B 71 9.81 -24.92 -27.04
C GLY B 71 10.59 -24.42 -25.85
N ALA B 72 9.92 -23.98 -24.80
CA ALA B 72 10.61 -23.14 -23.82
C ALA B 72 10.74 -23.73 -22.41
N SER B 73 9.89 -24.71 -22.06
CA SER B 73 9.82 -25.27 -20.71
C SER B 73 9.06 -24.34 -19.78
N ALA B 74 9.44 -23.07 -19.82
CA ALA B 74 8.78 -22.09 -19.00
C ALA B 74 7.38 -21.89 -19.58
N ALA B 75 6.40 -22.41 -18.87
CA ALA B 75 5.03 -22.40 -19.35
C ALA B 75 4.08 -22.68 -18.18
N PRO B 76 2.92 -22.06 -18.22
CA PRO B 76 1.82 -22.38 -17.29
C PRO B 76 1.44 -23.86 -17.38
N CYS B 77 1.05 -24.46 -16.25
CA CYS B 77 0.69 -25.87 -16.25
C CYS B 77 -0.78 -26.10 -15.96
N CYS B 78 -1.35 -27.12 -16.57
CA CYS B 78 -2.75 -27.46 -16.34
C CYS B 78 -2.98 -28.05 -14.96
N VAL B 79 -3.73 -27.33 -14.14
CA VAL B 79 -4.03 -27.79 -12.78
C VAL B 79 -5.50 -27.54 -12.47
N PRO B 80 -6.03 -28.26 -11.46
CA PRO B 80 -7.45 -28.14 -11.12
C PRO B 80 -7.87 -26.74 -10.64
N GLN B 81 -9.14 -26.40 -10.84
CA GLN B 81 -9.69 -25.17 -10.28
C GLN B 81 -10.77 -25.46 -9.26
N ALA B 82 -11.81 -26.15 -9.70
CA ALA B 82 -12.92 -26.50 -8.82
C ALA B 82 -12.84 -27.93 -8.37
N LEU B 83 -12.91 -28.14 -7.08
CA LEU B 83 -12.96 -29.48 -6.55
C LEU B 83 -14.33 -29.70 -5.91
N GLU B 84 -14.88 -30.89 -6.08
CA GLU B 84 -16.13 -31.27 -5.43
C GLU B 84 -15.93 -32.43 -4.45
N PRO B 85 -16.75 -32.49 -3.39
CA PRO B 85 -16.62 -33.57 -2.39
C PRO B 85 -17.12 -34.94 -2.86
N LEU B 86 -16.72 -35.95 -2.10
CA LEU B 86 -17.16 -37.30 -2.33
C LEU B 86 -17.77 -37.80 -1.06
N PRO B 87 -19.04 -38.21 -1.15
CA PRO B 87 -19.67 -38.81 0.03
C PRO B 87 -19.24 -40.25 0.19
N ILE B 88 -18.98 -40.69 1.42
CA ILE B 88 -18.61 -42.11 1.68
C ILE B 88 -19.30 -42.69 2.88
N VAL B 89 -19.20 -44.01 2.98
CA VAL B 89 -19.62 -44.77 4.15
C VAL B 89 -18.47 -45.66 4.61
N TYR B 90 -18.15 -45.58 5.89
CA TYR B 90 -17.21 -46.51 6.45
C TYR B 90 -17.77 -47.07 7.74
N TYR B 91 -17.31 -48.26 8.12
CA TYR B 91 -17.78 -48.81 9.40
C TYR B 91 -16.91 -48.37 10.55
N VAL B 92 -17.55 -48.11 11.69
CA VAL B 92 -16.83 -47.96 12.94
C VAL B 92 -17.37 -49.02 13.87
N GLY B 93 -16.64 -50.11 14.01
CA GLY B 93 -17.21 -51.30 14.62
C GLY B 93 -18.22 -51.84 13.63
N ARG B 94 -19.48 -51.91 14.02
CA ARG B 94 -20.49 -52.31 13.07
C ARG B 94 -21.54 -51.21 12.91
N LYS B 95 -21.33 -50.08 13.58
CA LYS B 95 -22.13 -48.89 13.26
C LYS B 95 -21.59 -48.25 12.00
N PRO B 96 -22.45 -48.00 11.01
CA PRO B 96 -22.01 -47.29 9.80
C PRO B 96 -22.00 -45.79 9.98
N LYS B 97 -21.09 -45.11 9.31
CA LYS B 97 -21.02 -43.66 9.39
C LYS B 97 -20.98 -42.99 8.03
N VAL B 98 -21.64 -41.84 7.93
CA VAL B 98 -21.72 -41.12 6.67
C VAL B 98 -20.83 -39.89 6.73
N GLU B 99 -19.84 -39.83 5.87
CA GLU B 99 -18.94 -38.68 5.86
C GLU B 99 -18.87 -38.03 4.45
N GLN B 100 -18.49 -36.77 4.39
CA GLN B 100 -18.20 -36.08 3.13
C GLN B 100 -16.71 -35.78 3.10
N LEU B 101 -15.94 -36.43 2.22
CA LEU B 101 -14.52 -36.07 2.11
C LEU B 101 -14.38 -34.85 1.21
N SER B 102 -13.76 -33.77 1.68
CA SER B 102 -13.74 -32.56 0.86
C SER B 102 -12.69 -32.60 -0.24
N ASN B 103 -13.00 -31.91 -1.34
CA ASN B 103 -12.11 -31.79 -2.49
C ASN B 103 -11.52 -33.09 -2.94
N MET B 104 -12.35 -33.94 -3.52
CA MET B 104 -11.91 -35.25 -3.99
C MET B 104 -12.19 -35.45 -5.48
N ILE B 105 -13.02 -34.59 -6.07
CA ILE B 105 -13.34 -34.69 -7.51
C ILE B 105 -12.94 -33.42 -8.26
N VAL B 106 -12.10 -33.53 -9.28
CA VAL B 106 -11.84 -32.34 -10.07
C VAL B 106 -12.94 -32.18 -11.15
N ARG B 107 -13.54 -30.99 -11.11
CA ARG B 107 -14.63 -30.56 -11.98
C ARG B 107 -14.16 -29.59 -13.07
N SER B 108 -13.01 -28.96 -12.85
CA SER B 108 -12.50 -27.96 -13.81
C SER B 108 -11.00 -27.75 -13.71
N CYS B 109 -10.37 -27.33 -14.81
CA CYS B 109 -8.94 -27.00 -14.74
C CYS B 109 -8.66 -25.56 -15.08
N LYS B 110 -7.45 -25.13 -14.75
CA LYS B 110 -6.95 -23.82 -15.11
C LYS B 110 -5.44 -23.89 -15.44
N CYS B 111 -4.91 -22.79 -15.98
CA CYS B 111 -3.49 -22.69 -16.29
C CYS B 111 -2.79 -21.73 -15.33
N SER B 112 -1.70 -22.20 -14.73
CA SER B 112 -1.05 -21.42 -13.68
C SER B 112 0.46 -21.30 -13.89
N ALA C 1 -4.97 28.20 -3.51
CA ALA C 1 -4.49 27.73 -4.81
C ALA C 1 -3.13 28.32 -5.18
N LEU C 2 -2.16 28.18 -4.28
CA LEU C 2 -0.78 28.64 -4.53
C LEU C 2 0.11 27.60 -5.20
N ASP C 3 -0.30 27.11 -6.37
CA ASP C 3 0.46 26.04 -7.03
C ASP C 3 1.37 26.55 -8.14
N THR C 4 2.06 25.62 -8.79
CA THR C 4 2.95 25.94 -9.90
C THR C 4 2.15 26.53 -11.05
N ASN C 5 0.94 26.02 -11.25
CA ASN C 5 0.00 26.56 -12.25
C ASN C 5 -0.22 28.08 -12.09
N TYR C 6 -0.67 28.53 -10.92
CA TYR C 6 -0.77 29.97 -10.66
C TYR C 6 0.62 30.63 -10.58
N CYS C 7 1.47 30.11 -9.67
CA CYS C 7 2.69 30.79 -9.23
C CYS C 7 3.76 31.02 -10.29
N PHE C 8 3.86 30.09 -11.23
CA PHE C 8 4.81 30.22 -12.33
C PHE C 8 4.23 31.07 -13.46
N SER C 9 2.90 31.10 -13.56
CA SER C 9 2.22 31.87 -14.62
C SER C 9 2.43 33.37 -14.51
N SER C 10 3.00 33.85 -13.41
CA SER C 10 3.17 35.28 -13.22
C SER C 10 4.36 35.61 -12.32
N THR C 11 4.68 36.90 -12.27
CA THR C 11 5.50 37.43 -11.20
C THR C 11 4.57 37.55 -10.00
N GLU C 12 5.15 37.46 -8.80
CA GLU C 12 4.33 37.41 -7.62
C GLU C 12 5.20 37.73 -6.42
N LYS C 13 4.95 38.85 -5.77
CA LYS C 13 5.81 39.24 -4.65
C LYS C 13 5.47 38.43 -3.38
N ASN C 14 4.26 37.91 -3.31
CA ASN C 14 3.85 37.11 -2.16
C ASN C 14 4.26 35.65 -2.17
N CYS C 15 4.06 35.00 -1.03
CA CYS C 15 4.30 33.57 -0.86
C CYS C 15 3.87 32.78 -2.07
N CYS C 16 4.83 32.09 -2.67
CA CYS C 16 4.56 31.38 -3.89
C CYS C 16 5.64 30.34 -4.19
N VAL C 17 5.30 29.35 -5.02
CA VAL C 17 6.27 28.38 -5.49
C VAL C 17 7.30 28.99 -6.42
N ARG C 18 8.56 28.70 -6.15
CA ARG C 18 9.65 29.23 -6.96
C ARG C 18 10.45 28.15 -7.64
N GLN C 19 10.83 28.39 -8.88
CA GLN C 19 11.61 27.42 -9.61
C GLN C 19 12.93 27.12 -8.93
N LEU C 20 13.22 25.84 -8.80
CA LEU C 20 14.52 25.38 -8.30
C LEU C 20 14.81 23.98 -8.77
N TYR C 21 15.97 23.82 -9.41
CA TYR C 21 16.47 22.52 -9.83
C TYR C 21 17.68 22.15 -8.99
N ILE C 22 17.68 20.90 -8.55
CA ILE C 22 18.73 20.33 -7.70
C ILE C 22 19.48 19.23 -8.42
N ASP C 23 20.80 19.32 -8.45
CA ASP C 23 21.63 18.25 -9.01
C ASP C 23 21.98 17.25 -7.90
N PHE C 24 21.69 15.97 -8.10
CA PHE C 24 21.98 14.97 -7.07
C PHE C 24 23.46 14.92 -6.66
N ARG C 25 24.36 14.84 -7.63
CA ARG C 25 25.78 14.79 -7.30
C ARG C 25 26.31 16.15 -6.88
N LYS C 26 26.05 17.18 -7.67
CA LYS C 26 26.60 18.49 -7.35
C LYS C 26 26.06 19.13 -6.06
N ASP C 27 24.75 19.11 -5.86
CA ASP C 27 24.14 19.78 -4.72
C ASP C 27 24.02 18.86 -3.49
N LEU C 28 23.88 17.55 -3.68
CA LEU C 28 23.69 16.67 -2.55
C LEU C 28 24.90 15.78 -2.29
N GLY C 29 25.77 15.62 -3.28
CA GLY C 29 26.90 14.75 -3.09
C GLY C 29 26.44 13.32 -3.00
N TRP C 30 25.33 13.03 -3.66
CA TRP C 30 24.80 11.68 -3.76
C TRP C 30 25.35 10.95 -4.98
N LYS C 31 26.04 9.84 -4.75
CA LYS C 31 26.65 9.10 -5.83
C LYS C 31 25.98 7.75 -6.14
N TRP C 32 24.81 7.52 -5.58
CA TRP C 32 24.19 6.20 -5.64
C TRP C 32 23.03 6.13 -6.61
N ILE C 33 22.43 7.26 -6.96
CA ILE C 33 21.28 7.24 -7.86
C ILE C 33 21.75 7.19 -9.31
N HIS C 34 21.02 6.50 -10.17
CA HIS C 34 21.34 6.47 -11.59
C HIS C 34 20.52 7.42 -12.47
N GLU C 35 19.19 7.37 -12.37
CA GLU C 35 18.26 8.29 -13.07
C GLU C 35 17.23 8.83 -12.11
N PRO C 36 16.95 10.15 -12.16
CA PRO C 36 17.52 11.23 -12.96
C PRO C 36 18.82 11.78 -12.35
N LYS C 37 19.49 12.73 -13.04
CA LYS C 37 20.72 13.31 -12.50
C LYS C 37 20.38 14.43 -11.55
N GLY C 38 19.14 14.87 -11.65
CA GLY C 38 18.63 15.89 -10.77
C GLY C 38 17.21 16.16 -11.14
N TYR C 39 16.56 17.09 -10.45
CA TYR C 39 15.13 17.31 -10.64
C TYR C 39 14.70 18.66 -10.14
N HIS C 40 13.49 19.06 -10.55
CA HIS C 40 12.91 20.36 -10.20
C HIS C 40 12.16 20.31 -8.89
N ALA C 41 12.88 20.56 -7.80
CA ALA C 41 12.33 20.45 -6.47
C ALA C 41 11.39 21.62 -6.14
N ASN C 42 11.80 22.81 -6.57
CA ASN C 42 11.15 24.07 -6.22
C ASN C 42 11.32 24.39 -4.73
N PHE C 43 10.94 25.60 -4.35
CA PHE C 43 10.95 25.97 -2.95
C PHE C 43 9.95 27.11 -2.72
N CYS C 44 9.69 27.44 -1.46
CA CYS C 44 8.66 28.42 -1.17
C CYS C 44 9.23 29.73 -0.68
N LEU C 45 8.95 30.81 -1.40
CA LEU C 45 9.45 32.10 -0.95
C LEU C 45 8.41 33.22 -1.03
N GLY C 46 8.39 34.09 -0.03
CA GLY C 46 7.56 35.26 -0.10
C GLY C 46 6.84 35.62 1.17
N PRO C 47 6.60 36.92 1.38
CA PRO C 47 5.91 37.50 2.54
C PRO C 47 4.48 36.99 2.66
N CYS C 48 3.97 36.96 3.89
CA CYS C 48 2.62 36.47 4.13
C CYS C 48 1.71 37.53 4.73
N PRO C 49 1.17 38.41 3.88
CA PRO C 49 0.20 39.40 4.33
C PRO C 49 -1.12 38.73 4.71
N TYR C 50 -2.03 39.47 5.36
CA TYR C 50 -3.33 38.91 5.72
C TYR C 50 -4.10 38.47 4.46
N ILE C 51 -5.03 37.51 4.62
CA ILE C 51 -5.76 36.81 3.52
C ILE C 51 -4.93 35.86 2.63
N TRP C 52 -3.60 36.06 2.56
CA TRP C 52 -2.81 35.30 1.59
C TRP C 52 -2.57 33.87 2.02
N SER C 53 -3.57 33.02 1.78
CA SER C 53 -3.53 31.60 2.12
C SER C 53 -3.04 31.37 3.57
N LEU C 54 -3.73 32.02 4.51
CA LEU C 54 -3.48 31.78 5.92
C LEU C 54 -4.52 30.76 6.39
N ASP C 55 -4.01 29.54 6.67
CA ASP C 55 -4.83 28.33 6.83
C ASP C 55 -5.17 28.03 8.29
N THR C 56 -4.20 27.88 9.18
CA THR C 56 -4.57 27.71 10.59
C THR C 56 -5.12 29.02 11.16
N GLN C 57 -5.85 28.94 12.27
CA GLN C 57 -6.35 30.14 12.94
C GLN C 57 -5.23 31.02 13.46
N TYR C 58 -4.16 30.41 13.97
CA TYR C 58 -2.99 31.14 14.45
C TYR C 58 -2.35 31.99 13.35
N SER C 59 -2.32 31.44 12.14
CA SER C 59 -1.80 32.18 10.98
C SER C 59 -2.45 33.52 10.81
N LYS C 60 -3.77 33.49 10.84
CA LYS C 60 -4.57 34.70 10.68
C LYS C 60 -4.19 35.69 11.75
N VAL C 61 -4.23 35.24 12.99
CA VAL C 61 -3.89 36.10 14.11
C VAL C 61 -2.50 36.70 13.93
N LEU C 62 -1.50 35.86 13.63
CA LEU C 62 -0.10 36.30 13.48
C LEU C 62 0.04 37.35 12.40
N ALA C 63 -0.58 37.10 11.25
CA ALA C 63 -0.57 38.06 10.14
C ALA C 63 -1.14 39.38 10.57
N LEU C 64 -2.29 39.30 11.23
CA LEU C 64 -2.99 40.47 11.69
C LEU C 64 -2.14 41.21 12.71
N TYR C 65 -1.52 40.45 13.60
CA TYR C 65 -0.53 40.99 14.53
C TYR C 65 0.50 41.82 13.77
N ASN C 66 0.94 41.31 12.63
CA ASN C 66 2.01 41.97 11.90
C ASN C 66 1.58 43.27 11.22
N GLN C 67 0.36 43.31 10.67
CA GLN C 67 -0.20 44.56 10.18
C GLN C 67 -0.04 45.66 11.20
N HIS C 68 -0.68 45.45 12.35
CA HIS C 68 -0.66 46.43 13.42
C HIS C 68 0.76 46.63 14.02
N ASN C 69 1.78 46.05 13.40
CA ASN C 69 3.15 46.07 13.93
C ASN C 69 4.29 45.94 12.89
N PRO C 70 4.26 46.77 11.83
CA PRO C 70 5.06 46.59 10.60
C PRO C 70 6.36 45.78 10.71
N GLY C 71 7.47 46.32 11.21
CA GLY C 71 8.73 45.56 11.22
C GLY C 71 8.98 44.57 12.35
N ALA C 72 8.47 43.34 12.30
CA ALA C 72 8.33 42.62 13.57
C ALA C 72 9.04 41.26 13.77
N SER C 73 9.36 40.56 12.67
CA SER C 73 9.86 39.17 12.69
C SER C 73 8.73 38.17 12.86
N ALA C 74 7.84 38.42 13.82
CA ALA C 74 6.72 37.52 14.01
C ALA C 74 5.78 37.67 12.83
N ALA C 75 5.69 36.65 11.99
CA ALA C 75 4.87 36.70 10.79
C ALA C 75 4.75 35.30 10.24
N PRO C 76 3.61 34.97 9.65
CA PRO C 76 3.54 33.66 8.99
C PRO C 76 4.70 33.50 8.01
N CYS C 77 5.22 32.29 7.88
CA CYS C 77 6.30 32.11 6.97
C CYS C 77 5.80 31.26 5.82
N CYS C 78 6.35 31.50 4.63
CA CYS C 78 5.99 30.76 3.42
C CYS C 78 6.64 29.36 3.36
N VAL C 79 5.80 28.32 3.41
CA VAL C 79 6.25 26.91 3.43
C VAL C 79 5.43 26.01 2.49
N PRO C 80 5.93 24.80 2.20
CA PRO C 80 5.20 23.90 1.30
C PRO C 80 3.87 23.41 1.85
N GLN C 81 2.91 23.14 0.97
CA GLN C 81 1.64 22.57 1.38
C GLN C 81 1.37 21.15 0.86
N ALA C 82 1.34 21.02 -0.45
CA ALA C 82 1.19 19.70 -1.08
C ALA C 82 2.55 19.24 -1.60
N LEU C 83 2.99 18.03 -1.25
CA LEU C 83 4.24 17.54 -1.83
C LEU C 83 4.02 16.34 -2.75
N GLU C 84 4.72 16.32 -3.88
CA GLU C 84 4.57 15.19 -4.81
C GLU C 84 5.85 14.34 -4.90
N PRO C 85 5.70 13.04 -5.21
CA PRO C 85 6.81 12.08 -5.28
C PRO C 85 7.71 12.26 -6.47
N LEU C 86 8.89 11.69 -6.39
CA LEU C 86 9.85 11.66 -7.50
C LEU C 86 10.27 10.23 -7.68
N PRO C 87 9.99 9.70 -8.84
CA PRO C 87 10.42 8.35 -9.15
C PRO C 87 11.89 8.35 -9.50
N ILE C 88 12.65 7.38 -9.00
CA ILE C 88 14.08 7.30 -9.27
C ILE C 88 14.48 5.90 -9.65
N VAL C 89 15.68 5.79 -10.23
CA VAL C 89 16.35 4.53 -10.50
C VAL C 89 17.75 4.53 -9.92
N TYR C 90 18.10 3.51 -9.14
CA TYR C 90 19.49 3.36 -8.71
C TYR C 90 19.92 1.92 -8.97
N TYR C 91 21.23 1.71 -9.10
CA TYR C 91 21.72 0.35 -9.26
C TYR C 91 22.03 -0.37 -7.97
N VAL C 92 21.77 -1.67 -7.99
CA VAL C 92 22.24 -2.58 -6.97
C VAL C 92 23.09 -3.64 -7.65
N GLY C 93 24.39 -3.46 -7.61
CA GLY C 93 25.22 -4.28 -8.45
C GLY C 93 24.87 -3.77 -9.80
N ARG C 94 24.35 -4.65 -10.66
CA ARG C 94 23.87 -4.26 -11.99
C ARG C 94 22.38 -4.52 -12.21
N LYS C 95 21.70 -4.97 -11.17
CA LYS C 95 20.24 -5.03 -11.16
C LYS C 95 19.72 -3.64 -10.92
N PRO C 96 18.90 -3.11 -11.84
CA PRO C 96 18.34 -1.79 -11.61
C PRO C 96 17.11 -1.84 -10.73
N LYS C 97 16.95 -0.84 -9.88
CA LYS C 97 15.81 -0.87 -8.99
C LYS C 97 15.03 0.43 -9.08
N VAL C 98 13.71 0.28 -9.01
CA VAL C 98 12.80 1.40 -9.14
C VAL C 98 12.18 1.79 -7.81
N GLU C 99 12.44 3.01 -7.36
CA GLU C 99 11.87 3.52 -6.12
C GLU C 99 11.07 4.77 -6.42
N GLN C 100 10.17 5.12 -5.50
CA GLN C 100 9.48 6.42 -5.44
C GLN C 100 9.92 7.13 -4.15
N LEU C 101 10.67 8.22 -4.24
CA LEU C 101 10.99 8.94 -3.02
C LEU C 101 9.78 9.79 -2.72
N SER C 102 9.25 9.70 -1.51
CA SER C 102 8.01 10.36 -1.18
C SER C 102 8.28 11.81 -0.91
N ASN C 103 7.30 12.69 -1.18
CA ASN C 103 7.43 14.11 -0.85
C ASN C 103 8.81 14.70 -1.20
N MET C 104 9.04 14.89 -2.49
CA MET C 104 10.30 15.41 -2.97
C MET C 104 10.14 16.67 -3.80
N ILE C 105 8.93 16.92 -4.27
CA ILE C 105 8.64 18.06 -5.10
C ILE C 105 7.55 18.88 -4.49
N VAL C 106 7.81 20.16 -4.23
CA VAL C 106 6.75 21.02 -3.74
C VAL C 106 5.97 21.54 -4.93
N ARG C 107 4.65 21.30 -4.90
CA ARG C 107 3.72 21.71 -5.93
C ARG C 107 2.93 22.97 -5.53
N SER C 108 2.87 23.22 -4.22
CA SER C 108 2.11 24.36 -3.69
C SER C 108 2.63 24.80 -2.30
N CYS C 109 2.46 26.09 -2.00
CA CYS C 109 2.86 26.60 -0.71
C CYS C 109 1.68 27.12 0.08
N LYS C 110 1.91 27.39 1.37
CA LYS C 110 0.93 28.02 2.23
C LYS C 110 1.65 28.93 3.21
N CYS C 111 0.90 29.68 4.00
CA CYS C 111 1.49 30.51 5.06
C CYS C 111 1.20 29.98 6.48
N SER C 112 2.22 29.93 7.35
CA SER C 112 2.01 29.33 8.66
C SER C 112 2.48 30.15 9.86
N ALA D 1 11.33 17.94 19.61
CA ALA D 1 10.82 18.61 20.81
C ALA D 1 11.28 20.07 20.89
N LEU D 2 11.01 20.83 19.83
CA LEU D 2 11.33 22.24 19.83
C LEU D 2 10.22 23.05 20.52
N ASP D 3 9.93 22.72 21.78
CA ASP D 3 8.79 23.32 22.49
C ASP D 3 9.24 24.45 23.40
N THR D 4 8.29 25.02 24.14
CA THR D 4 8.60 26.11 25.09
C THR D 4 9.50 25.68 26.26
N ASN D 5 9.35 24.43 26.71
CA ASN D 5 10.28 23.85 27.70
C ASN D 5 11.74 23.97 27.27
N TYR D 6 12.06 23.37 26.13
CA TYR D 6 13.40 23.51 25.62
C TYR D 6 13.70 24.98 25.28
N CYS D 7 12.89 25.58 24.43
CA CYS D 7 13.24 26.84 23.76
C CYS D 7 13.41 28.07 24.68
N PHE D 8 12.67 28.11 25.79
CA PHE D 8 12.77 29.25 26.71
C PHE D 8 13.91 29.04 27.73
N SER D 9 14.22 27.77 28.01
CA SER D 9 15.26 27.39 28.98
C SER D 9 16.69 27.79 28.63
N SER D 10 16.89 28.24 27.40
CA SER D 10 18.22 28.55 26.89
C SER D 10 18.19 29.64 25.82
N THR D 11 19.37 30.13 25.41
CA THR D 11 19.48 30.87 24.16
C THR D 11 19.51 29.84 23.05
N GLU D 12 19.14 30.25 21.84
CA GLU D 12 19.08 29.31 20.73
C GLU D 12 19.04 30.07 19.43
N LYS D 13 20.09 29.95 18.60
CA LYS D 13 20.13 30.75 17.38
C LYS D 13 19.25 30.13 16.29
N ASN D 14 19.04 28.81 16.37
CA ASN D 14 18.25 28.08 15.38
C ASN D 14 16.75 28.21 15.62
N CYS D 15 15.96 27.74 14.66
CA CYS D 15 14.50 27.65 14.76
C CYS D 15 14.00 27.19 16.13
N CYS D 16 13.20 28.02 16.77
CA CYS D 16 12.77 27.70 18.11
C CYS D 16 11.58 28.61 18.48
N VAL D 17 10.77 28.22 19.47
CA VAL D 17 9.64 29.04 19.95
C VAL D 17 10.09 30.32 20.62
N ARG D 18 9.48 31.43 20.25
CA ARG D 18 9.85 32.70 20.86
C ARG D 18 8.67 33.32 21.62
N GLN D 19 8.98 33.97 22.74
CA GLN D 19 7.96 34.70 23.49
C GLN D 19 7.28 35.76 22.62
N LEU D 20 5.96 35.86 22.74
CA LEU D 20 5.18 36.94 22.11
C LEU D 20 3.86 37.12 22.82
N TYR D 21 3.55 38.35 23.26
CA TYR D 21 2.25 38.64 23.89
C TYR D 21 1.40 39.52 22.97
N ILE D 22 0.14 39.16 22.81
CA ILE D 22 -0.69 39.89 21.90
C ILE D 22 -1.86 40.56 22.56
N ASP D 23 -2.01 41.86 22.28
CA ASP D 23 -3.12 42.65 22.79
C ASP D 23 -4.28 42.51 21.83
N PHE D 24 -5.43 42.04 22.30
CA PHE D 24 -6.58 41.89 21.42
C PHE D 24 -7.00 43.18 20.70
N ARG D 25 -7.16 44.27 21.44
CA ARG D 25 -7.56 45.53 20.82
C ARG D 25 -6.40 46.19 20.09
N LYS D 26 -5.27 46.33 20.78
CA LYS D 26 -4.09 47.03 20.24
C LYS D 26 -3.39 46.28 19.10
N ASP D 27 -3.26 44.96 19.18
CA ASP D 27 -2.57 44.22 18.12
C ASP D 27 -3.47 43.64 17.02
N LEU D 28 -4.72 43.30 17.34
CA LEU D 28 -5.64 42.71 16.36
C LEU D 28 -6.82 43.59 15.98
N GLY D 29 -7.10 44.60 16.79
CA GLY D 29 -8.28 45.43 16.58
C GLY D 29 -9.56 44.73 16.98
N TRP D 30 -9.47 43.79 17.92
CA TRP D 30 -10.64 43.05 18.35
C TRP D 30 -11.36 43.82 19.45
N LYS D 31 -12.58 44.25 19.16
CA LYS D 31 -13.32 45.07 20.14
C LYS D 31 -14.43 44.33 20.85
N TRP D 32 -14.50 43.04 20.63
CA TRP D 32 -15.64 42.26 21.05
C TRP D 32 -15.31 41.35 22.21
N ILE D 33 -14.02 41.12 22.46
CA ILE D 33 -13.60 40.28 23.59
C ILE D 33 -13.62 41.06 24.88
N HIS D 34 -14.01 40.41 25.98
CA HIS D 34 -14.01 41.01 27.31
C HIS D 34 -12.82 40.57 28.12
N GLU D 35 -12.64 39.25 28.28
CA GLU D 35 -11.50 38.69 29.01
C GLU D 35 -10.91 37.49 28.25
N PRO D 36 -9.57 37.37 28.18
CA PRO D 36 -8.59 38.30 28.73
C PRO D 36 -8.41 39.49 27.81
N LYS D 37 -7.58 40.45 28.19
CA LYS D 37 -7.34 41.59 27.33
C LYS D 37 -6.26 41.22 26.30
N GLY D 38 -5.59 40.09 26.55
CA GLY D 38 -4.56 39.54 25.68
C GLY D 38 -4.02 38.20 26.18
N TYR D 39 -3.04 37.65 25.49
CA TYR D 39 -2.49 36.35 25.87
C TYR D 39 -1.12 36.07 25.25
N HIS D 40 -0.44 35.03 25.70
CA HIS D 40 0.88 34.72 25.15
C HIS D 40 0.81 33.78 23.95
N ALA D 41 0.68 34.33 22.76
CA ALA D 41 0.52 33.49 21.59
C ALA D 41 1.81 32.77 21.24
N ASN D 42 2.93 33.50 21.35
CA ASN D 42 4.27 33.06 20.91
C ASN D 42 4.37 33.00 19.37
N PHE D 43 5.60 32.86 18.86
CA PHE D 43 5.84 32.68 17.41
C PHE D 43 7.15 31.93 17.11
N CYS D 44 7.32 31.56 15.84
CA CYS D 44 8.45 30.71 15.44
C CYS D 44 9.48 31.48 14.65
N LEU D 45 10.68 31.55 15.19
CA LEU D 45 11.76 32.19 14.49
C LEU D 45 13.08 31.44 14.61
N GLY D 46 13.82 31.40 13.51
CA GLY D 46 15.16 30.86 13.50
C GLY D 46 15.48 30.00 12.30
N PRO D 47 16.76 30.01 11.89
CA PRO D 47 17.32 29.27 10.75
C PRO D 47 17.22 27.74 10.88
N CYS D 48 17.12 27.06 9.75
CA CYS D 48 16.95 25.62 9.78
C CYS D 48 18.06 24.83 9.09
N PRO D 49 19.23 24.68 9.75
CA PRO D 49 20.32 23.84 9.21
C PRO D 49 19.95 22.36 9.23
N TYR D 50 20.74 21.52 8.57
CA TYR D 50 20.48 20.08 8.58
C TYR D 50 20.57 19.52 10.02
N ILE D 51 19.87 18.41 10.28
CA ILE D 51 19.66 17.79 11.60
C ILE D 51 18.63 18.51 12.44
N TRP D 52 18.49 19.83 12.23
CA TRP D 52 17.64 20.59 13.12
C TRP D 52 16.17 20.35 12.81
N SER D 53 15.66 19.25 13.39
CA SER D 53 14.25 18.87 13.34
C SER D 53 13.66 19.09 11.95
N LEU D 54 14.32 18.45 10.99
CA LEU D 54 13.83 18.37 9.64
C LEU D 54 13.12 17.02 9.48
N ASP D 55 11.79 17.13 9.37
CA ASP D 55 10.85 16.03 9.54
C ASP D 55 10.53 15.43 8.17
N THR D 56 10.03 16.25 7.24
CA THR D 56 9.75 15.76 5.88
C THR D 56 11.07 15.51 5.11
N GLN D 57 10.96 14.62 4.12
CA GLN D 57 12.08 14.24 3.28
C GLN D 57 12.57 15.39 2.42
N TYR D 58 11.61 16.19 1.94
CA TYR D 58 11.95 17.39 1.18
C TYR D 58 12.75 18.37 2.03
N SER D 59 12.38 18.53 3.31
CA SER D 59 13.09 19.40 4.26
C SER D 59 14.55 19.09 4.29
N LYS D 60 14.83 17.79 4.42
CA LYS D 60 16.19 17.26 4.45
C LYS D 60 16.95 17.66 3.18
N VAL D 61 16.37 17.33 2.03
CA VAL D 61 16.99 17.67 0.76
C VAL D 61 17.20 19.18 0.62
N LEU D 62 16.19 19.95 0.98
CA LEU D 62 16.30 21.40 0.88
C LEU D 62 17.44 21.91 1.74
N ALA D 63 17.46 21.49 3.00
CA ALA D 63 18.52 21.90 3.91
C ALA D 63 19.86 21.49 3.35
N LEU D 64 19.93 20.23 2.89
CA LEU D 64 21.15 19.65 2.38
C LEU D 64 21.69 20.50 1.24
N TYR D 65 20.77 20.83 0.32
CA TYR D 65 21.04 21.74 -0.77
C TYR D 65 21.68 23.00 -0.28
N ASN D 66 21.18 23.50 0.84
CA ASN D 66 21.61 24.81 1.27
C ASN D 66 23.05 24.79 1.78
N GLN D 67 23.44 23.72 2.46
CA GLN D 67 24.84 23.49 2.82
C GLN D 67 25.74 23.67 1.61
N HIS D 68 25.59 22.79 0.62
CA HIS D 68 26.42 22.83 -0.57
C HIS D 68 26.18 24.11 -1.42
N ASN D 69 25.44 25.08 -0.88
CA ASN D 69 25.12 26.32 -1.64
C ASN D 69 24.79 27.55 -0.82
N PRO D 70 25.64 27.90 0.16
CA PRO D 70 25.34 28.86 1.22
C PRO D 70 24.29 29.93 0.87
N GLY D 71 24.66 31.05 0.28
CA GLY D 71 23.69 32.14 0.11
C GLY D 71 22.66 31.86 -0.96
N ALA D 72 21.58 31.18 -0.58
CA ALA D 72 20.77 30.54 -1.61
C ALA D 72 19.32 30.99 -1.71
N SER D 73 18.77 31.54 -0.63
CA SER D 73 17.32 31.86 -0.51
C SER D 73 16.50 30.61 -0.21
N ALA D 74 16.77 29.54 -0.96
CA ALA D 74 16.03 28.28 -0.78
C ALA D 74 16.39 27.61 0.54
N ALA D 75 15.46 27.63 1.49
CA ALA D 75 15.78 27.10 2.80
C ALA D 75 14.52 26.74 3.56
N PRO D 76 14.59 25.67 4.37
CA PRO D 76 13.47 25.31 5.24
C PRO D 76 13.17 26.47 6.14
N CYS D 77 11.91 26.69 6.52
CA CYS D 77 11.55 27.80 7.41
C CYS D 77 10.98 27.35 8.78
N CYS D 78 11.21 28.15 9.82
CA CYS D 78 10.68 27.89 11.15
C CYS D 78 9.18 28.22 11.31
N VAL D 79 8.34 27.20 11.46
CA VAL D 79 6.88 27.38 11.54
C VAL D 79 6.23 26.51 12.64
N PRO D 80 4.99 26.85 13.05
CA PRO D 80 4.45 26.09 14.17
C PRO D 80 4.19 24.62 13.91
N GLN D 81 4.30 23.81 14.96
CA GLN D 81 3.92 22.43 14.85
C GLN D 81 2.68 22.10 15.67
N ALA D 82 2.78 22.21 16.99
CA ALA D 82 1.61 21.97 17.83
C ALA D 82 1.00 23.29 18.28
N LEU D 83 -0.29 23.44 18.09
CA LEU D 83 -1.01 24.65 18.48
C LEU D 83 -2.01 24.32 19.58
N GLU D 84 -2.19 25.25 20.51
CA GLU D 84 -3.15 25.05 21.58
C GLU D 84 -4.29 26.11 21.62
N PRO D 85 -5.43 25.74 22.20
CA PRO D 85 -6.59 26.63 22.34
C PRO D 85 -6.44 27.67 23.45
N LEU D 86 -7.24 28.72 23.36
CA LEU D 86 -7.31 29.73 24.40
C LEU D 86 -8.77 29.97 24.76
N PRO D 87 -9.12 29.79 26.03
CA PRO D 87 -10.49 30.09 26.45
C PRO D 87 -10.70 31.60 26.61
N ILE D 88 -11.85 32.13 26.20
CA ILE D 88 -12.10 33.57 26.37
C ILE D 88 -13.49 33.88 26.92
N VAL D 89 -13.69 35.15 27.25
CA VAL D 89 -15.03 35.60 27.63
C VAL D 89 -15.48 36.80 26.80
N TYR D 90 -16.67 36.74 26.22
CA TYR D 90 -17.27 37.91 25.59
C TYR D 90 -18.70 38.05 26.00
N TYR D 91 -19.23 39.27 25.92
CA TYR D 91 -20.67 39.47 26.15
C TYR D 91 -21.49 39.38 24.86
N VAL D 92 -22.72 38.86 25.00
CA VAL D 92 -23.74 38.95 23.96
C VAL D 92 -24.87 39.76 24.58
N GLY D 93 -24.85 41.05 24.33
CA GLY D 93 -25.68 41.95 25.12
C GLY D 93 -25.04 41.96 26.48
N ARG D 94 -25.76 41.56 27.53
CA ARG D 94 -25.10 41.49 28.82
C ARG D 94 -24.99 40.09 29.39
N LYS D 95 -25.45 39.08 28.65
CA LYS D 95 -25.11 37.71 28.99
C LYS D 95 -23.65 37.42 28.61
N PRO D 96 -22.84 36.97 29.58
CA PRO D 96 -21.47 36.54 29.33
C PRO D 96 -21.44 35.11 28.81
N LYS D 97 -20.51 34.83 27.90
CA LYS D 97 -20.35 33.52 27.30
C LYS D 97 -18.87 33.11 27.27
N VAL D 98 -18.59 31.83 27.47
CA VAL D 98 -17.20 31.33 27.40
C VAL D 98 -17.02 30.57 26.15
N GLU D 99 -16.10 31.01 25.31
CA GLU D 99 -15.76 30.29 24.08
C GLU D 99 -14.35 29.78 24.23
N GLN D 100 -14.04 28.70 23.50
CA GLN D 100 -12.65 28.23 23.43
C GLN D 100 -12.16 28.43 22.04
N LEU D 101 -11.26 29.39 21.86
CA LEU D 101 -10.73 29.67 20.53
C LEU D 101 -9.63 28.66 20.21
N SER D 102 -9.81 27.95 19.11
CA SER D 102 -8.93 26.88 18.73
C SER D 102 -7.67 27.38 18.03
N ASN D 103 -6.56 26.66 18.24
CA ASN D 103 -5.26 26.93 17.65
C ASN D 103 -4.86 28.39 17.70
N MET D 104 -4.58 28.90 18.89
CA MET D 104 -4.23 30.31 19.02
C MET D 104 -2.82 30.45 19.58
N ILE D 105 -2.37 29.37 20.25
CA ILE D 105 -1.10 29.35 20.94
C ILE D 105 -0.15 28.33 20.37
N VAL D 106 1.03 28.78 19.97
CA VAL D 106 2.08 27.88 19.53
C VAL D 106 2.86 27.35 20.70
N ARG D 107 2.92 26.03 20.78
CA ARG D 107 3.63 25.35 21.85
C ARG D 107 4.97 24.87 21.33
N SER D 108 5.07 24.73 20.01
CA SER D 108 6.25 24.15 19.39
C SER D 108 6.46 24.56 17.94
N CYS D 109 7.71 24.49 17.50
CA CYS D 109 8.05 24.77 16.11
C CYS D 109 8.69 23.58 15.40
N LYS D 110 8.73 23.66 14.08
CA LYS D 110 9.43 22.70 13.24
C LYS D 110 10.00 23.41 12.02
N CYS D 111 10.79 22.69 11.23
CA CYS D 111 11.31 23.28 10.01
C CYS D 111 10.68 22.63 8.79
N SER D 112 10.16 23.47 7.88
CA SER D 112 9.44 22.98 6.71
C SER D 112 9.95 23.59 5.42
N GLN E 1 -12.83 54.84 3.51
CA GLN E 1 -13.57 54.46 2.33
C GLN E 1 -14.23 53.11 2.55
N VAL E 2 -15.00 53.03 3.65
CA VAL E 2 -15.72 51.81 4.00
C VAL E 2 -16.87 51.57 3.03
N GLN E 3 -17.01 50.32 2.65
CA GLN E 3 -18.00 49.96 1.67
C GLN E 3 -18.54 48.58 1.97
N LEU E 4 -19.86 48.45 1.95
CA LEU E 4 -20.49 47.16 1.99
C LEU E 4 -21.36 47.01 0.76
N VAL E 5 -21.01 46.07 -0.12
CA VAL E 5 -21.79 45.89 -1.34
C VAL E 5 -22.47 44.53 -1.34
N GLN E 6 -23.79 44.55 -1.47
CA GLN E 6 -24.56 43.32 -1.38
C GLN E 6 -24.92 42.82 -2.75
N SER E 7 -25.13 41.51 -2.85
CA SER E 7 -25.57 40.88 -4.08
C SER E 7 -26.88 41.51 -4.55
N GLY E 8 -27.23 41.29 -5.80
CA GLY E 8 -28.45 41.84 -6.38
C GLY E 8 -29.74 41.31 -5.78
N ALA E 9 -30.84 41.98 -6.13
CA ALA E 9 -32.19 41.59 -5.72
C ALA E 9 -32.64 40.24 -6.30
N GLU E 10 -33.46 39.51 -5.56
CA GLU E 10 -33.82 38.18 -6.01
C GLU E 10 -35.30 37.88 -5.81
N VAL E 11 -35.82 36.96 -6.63
CA VAL E 11 -37.20 36.49 -6.48
C VAL E 11 -37.18 34.97 -6.33
N LYS E 12 -37.77 34.48 -5.25
CA LYS E 12 -37.77 33.05 -4.96
C LYS E 12 -39.18 32.59 -4.65
N LYS E 13 -39.45 31.34 -4.97
CA LYS E 13 -40.72 30.72 -4.64
C LYS E 13 -40.72 30.20 -3.22
N PRO E 14 -41.91 30.01 -2.64
CA PRO E 14 -41.97 29.44 -1.30
C PRO E 14 -41.28 28.09 -1.26
N GLY E 15 -40.81 27.75 -0.06
CA GLY E 15 -40.02 26.56 0.21
C GLY E 15 -38.54 26.77 -0.04
N SER E 16 -38.22 27.43 -1.14
CA SER E 16 -36.84 27.65 -1.57
C SER E 16 -35.99 28.37 -0.52
N SER E 17 -34.71 28.57 -0.84
CA SER E 17 -33.78 29.25 0.04
C SER E 17 -33.01 30.30 -0.72
N VAL E 18 -32.63 31.38 -0.03
CA VAL E 18 -31.89 32.46 -0.66
C VAL E 18 -30.54 32.65 0.06
N LYS E 19 -29.48 32.98 -0.67
CA LYS E 19 -28.15 33.25 -0.10
C LYS E 19 -27.76 34.64 -0.51
N VAL E 20 -27.61 35.52 0.47
CA VAL E 20 -27.27 36.91 0.16
C VAL E 20 -25.82 37.20 0.52
N SER E 21 -25.14 37.96 -0.33
CA SER E 21 -23.75 38.26 -0.08
C SER E 21 -23.56 39.71 0.29
N CYS E 22 -22.41 40.00 0.87
CA CYS E 22 -22.05 41.33 1.27
C CYS E 22 -20.53 41.41 1.30
N LYS E 23 -19.94 42.21 0.42
CA LYS E 23 -18.48 42.26 0.34
C LYS E 23 -17.96 43.54 0.92
N ALA E 24 -17.16 43.41 1.96
CA ALA E 24 -16.61 44.56 2.68
C ALA E 24 -15.33 45.06 2.06
N SER E 25 -15.27 46.36 1.82
CA SER E 25 -14.02 46.99 1.46
C SER E 25 -13.59 47.76 2.67
N GLY E 26 -13.39 49.05 2.49
CA GLY E 26 -12.96 49.94 3.56
C GLY E 26 -11.73 49.43 4.27
N TYR E 27 -11.74 49.54 5.59
CA TYR E 27 -10.73 48.83 6.38
C TYR E 27 -11.28 47.52 6.97
N THR E 28 -10.61 47.03 8.01
CA THR E 28 -11.19 46.19 9.08
C THR E 28 -11.61 44.72 8.87
N PHE E 29 -12.76 44.50 8.21
CA PHE E 29 -13.51 43.22 8.13
C PHE E 29 -13.18 42.19 9.21
N SER E 30 -11.96 41.67 9.21
CA SER E 30 -11.53 40.66 10.17
C SER E 30 -11.74 41.08 11.62
N SER E 31 -11.60 42.38 11.87
CA SER E 31 -11.69 42.94 13.22
C SER E 31 -13.14 43.11 13.69
N ASN E 32 -14.03 43.39 12.74
CA ASN E 32 -15.40 43.80 13.04
C ASN E 32 -16.47 42.73 13.03
N VAL E 33 -17.49 42.90 13.86
CA VAL E 33 -18.61 41.98 13.85
C VAL E 33 -19.56 42.35 12.74
N ILE E 34 -20.07 41.36 12.00
CA ILE E 34 -20.98 41.63 10.89
C ILE E 34 -22.39 41.15 11.21
N SER E 35 -23.37 42.05 11.20
CA SER E 35 -24.76 41.65 11.44
C SER E 35 -25.66 41.69 10.21
N TRP E 36 -26.76 40.95 10.29
CA TRP E 36 -27.79 41.01 9.29
C TRP E 36 -29.14 41.40 9.86
N VAL E 37 -29.72 42.41 9.24
CA VAL E 37 -31.02 43.00 9.59
C VAL E 37 -31.90 43.05 8.35
N ARG E 38 -33.15 42.58 8.47
CA ARG E 38 -34.06 42.64 7.33
C ARG E 38 -35.19 43.60 7.63
N GLN E 39 -35.78 44.17 6.57
CA GLN E 39 -36.89 45.12 6.72
C GLN E 39 -37.98 44.82 5.71
N ALA E 40 -39.07 44.25 6.21
CA ALA E 40 -40.23 43.93 5.38
C ALA E 40 -40.94 45.21 4.98
N PRO E 41 -41.53 45.23 3.75
CA PRO E 41 -42.21 46.36 3.11
C PRO E 41 -42.94 47.24 4.11
N GLY E 42 -42.54 48.50 4.20
CA GLY E 42 -43.12 49.48 5.12
C GLY E 42 -43.24 49.07 6.58
N GLN E 43 -42.32 48.25 7.07
CA GLN E 43 -42.42 47.78 8.43
C GLN E 43 -41.10 48.09 9.15
N GLY E 44 -41.07 47.86 10.46
CA GLY E 44 -39.85 48.00 11.25
C GLY E 44 -38.80 46.95 10.88
N LEU E 45 -37.63 47.04 11.52
CA LEU E 45 -36.58 46.13 11.15
C LEU E 45 -36.48 44.99 12.14
N GLU E 46 -36.04 43.83 11.63
CA GLU E 46 -35.74 42.67 12.46
C GLU E 46 -34.22 42.34 12.42
N TRP E 47 -33.62 42.18 13.60
CA TRP E 47 -32.27 41.66 13.68
C TRP E 47 -32.27 40.16 13.46
N MET E 48 -31.38 39.68 12.62
CA MET E 48 -31.37 38.28 12.27
C MET E 48 -30.29 37.48 12.99
N GLY E 49 -29.10 38.05 13.06
CA GLY E 49 -27.98 37.38 13.68
C GLY E 49 -26.74 38.20 13.41
N GLY E 50 -25.59 37.62 13.71
CA GLY E 50 -24.34 38.33 13.55
C GLY E 50 -23.26 37.29 13.50
N VAL E 51 -22.08 37.67 13.04
CA VAL E 51 -20.94 36.75 13.01
C VAL E 51 -19.61 37.50 13.22
N ILE E 52 -18.65 36.86 13.89
CA ILE E 52 -17.33 37.46 14.11
C ILE E 52 -16.39 36.71 13.19
N PRO E 53 -15.82 37.42 12.24
CA PRO E 53 -15.22 36.88 11.02
C PRO E 53 -14.18 35.79 11.31
N ILE E 54 -13.06 36.13 11.96
CA ILE E 54 -11.95 35.19 11.97
C ILE E 54 -12.21 33.94 12.78
N VAL E 55 -12.72 34.13 13.98
CA VAL E 55 -13.00 33.02 14.89
C VAL E 55 -14.29 32.28 14.49
N ASP E 56 -14.92 32.75 13.42
CA ASP E 56 -16.16 32.18 12.89
C ASP E 56 -17.24 31.92 13.93
N ILE E 57 -17.51 32.93 14.77
CA ILE E 57 -18.53 32.84 15.82
C ILE E 57 -19.84 33.55 15.45
N ALA E 58 -20.90 32.76 15.43
CA ALA E 58 -22.18 33.30 15.07
C ALA E 58 -23.13 33.26 16.25
N ASN E 59 -23.83 34.38 16.43
CA ASN E 59 -24.95 34.47 17.33
C ASN E 59 -26.17 34.93 16.56
N TYR E 60 -27.27 34.21 16.75
CA TYR E 60 -28.50 34.46 16.05
C TYR E 60 -29.64 34.95 16.94
N ALA E 61 -30.75 35.32 16.31
CA ALA E 61 -32.00 35.65 17.00
C ALA E 61 -32.90 34.41 17.11
N GLN E 62 -33.64 34.31 18.20
CA GLN E 62 -34.52 33.16 18.48
C GLN E 62 -35.30 32.65 17.27
N ARG E 63 -36.19 33.49 16.76
CA ARG E 63 -37.12 33.13 15.66
C ARG E 63 -36.45 32.51 14.43
N PHE E 64 -35.14 32.64 14.34
CA PHE E 64 -34.45 32.33 13.11
C PHE E 64 -33.50 31.13 13.20
N LYS E 65 -33.12 30.73 14.42
CA LYS E 65 -32.27 29.55 14.57
C LYS E 65 -32.84 28.38 13.79
N GLY E 66 -32.01 27.79 12.94
CA GLY E 66 -32.46 26.70 12.10
C GLY E 66 -32.62 27.14 10.67
N ARG E 67 -33.39 28.21 10.47
CA ARG E 67 -33.66 28.66 9.11
C ARG E 67 -32.55 29.55 8.54
N VAL E 68 -31.73 30.12 9.43
CA VAL E 68 -30.67 31.05 9.02
C VAL E 68 -29.25 30.54 9.27
N THR E 69 -28.34 30.80 8.33
CA THR E 69 -26.93 30.48 8.53
C THR E 69 -26.07 31.63 8.06
N ILE E 70 -25.50 32.40 8.99
CA ILE E 70 -24.64 33.48 8.53
C ILE E 70 -23.19 33.00 8.58
N THR E 71 -22.47 33.15 7.46
CA THR E 71 -21.07 32.69 7.36
C THR E 71 -20.17 33.76 6.82
N ALA E 72 -18.92 33.72 7.26
CA ALA E 72 -17.94 34.68 6.76
C ALA E 72 -16.84 33.97 5.98
N ASP E 73 -16.46 34.57 4.87
CA ASP E 73 -15.41 34.07 3.99
C ASP E 73 -14.28 35.12 3.90
N GLU E 74 -13.27 34.93 4.74
CA GLU E 74 -12.21 35.88 4.97
C GLU E 74 -11.28 36.00 3.79
N SER E 75 -11.24 34.97 2.94
CA SER E 75 -10.37 35.03 1.76
C SER E 75 -10.81 36.11 0.78
N THR E 76 -12.09 36.46 0.82
CA THR E 76 -12.68 37.44 -0.11
C THR E 76 -13.32 38.65 0.57
N SER E 77 -13.19 38.75 1.89
CA SER E 77 -13.77 39.86 2.65
C SER E 77 -15.30 39.91 2.48
N THR E 78 -15.97 38.77 2.55
CA THR E 78 -17.35 38.67 2.13
C THR E 78 -18.19 37.88 3.12
N THR E 79 -19.39 38.35 3.43
CA THR E 79 -20.23 37.61 4.38
C THR E 79 -21.54 37.14 3.74
N TYR E 80 -22.00 35.96 4.16
CA TYR E 80 -23.17 35.35 3.54
C TYR E 80 -24.30 35.09 4.52
N MET E 81 -25.47 35.61 4.18
CA MET E 81 -26.70 35.31 4.91
C MET E 81 -27.50 34.33 4.09
N GLU E 82 -27.83 33.20 4.69
CA GLU E 82 -28.66 32.20 4.01
C GLU E 82 -29.90 31.82 4.81
N LEU E 83 -31.06 32.09 4.23
CA LEU E 83 -32.35 31.77 4.83
C LEU E 83 -33.12 30.74 3.97
N SER E 84 -33.66 29.70 4.63
CA SER E 84 -34.34 28.59 3.96
C SER E 84 -35.78 28.45 4.46
N SER E 85 -36.58 27.61 3.78
CA SER E 85 -38.01 27.47 4.07
C SER E 85 -38.69 28.83 3.94
N LEU E 86 -38.48 29.47 2.80
CA LEU E 86 -39.07 30.78 2.56
C LEU E 86 -40.59 30.69 2.57
N ARG E 87 -41.20 31.38 3.53
CA ARG E 87 -42.63 31.64 3.45
C ARG E 87 -42.81 33.05 2.89
N SER E 88 -44.04 33.51 2.84
CA SER E 88 -44.35 34.81 2.26
C SER E 88 -43.91 36.01 3.13
N GLU E 89 -44.03 35.89 4.45
CA GLU E 89 -43.68 36.99 5.35
C GLU E 89 -42.19 37.27 5.34
N ASP E 90 -41.43 36.39 4.68
CA ASP E 90 -39.99 36.51 4.54
C ASP E 90 -39.60 37.52 3.47
N THR E 91 -40.58 37.99 2.69
CA THR E 91 -40.33 39.03 1.69
C THR E 91 -39.90 40.28 2.40
N ALA E 92 -38.69 40.77 2.10
CA ALA E 92 -38.17 41.93 2.82
C ALA E 92 -36.94 42.44 2.13
N VAL E 93 -36.47 43.59 2.59
CA VAL E 93 -35.21 44.13 2.11
C VAL E 93 -34.16 43.77 3.15
N TYR E 94 -33.12 43.03 2.72
CA TYR E 94 -32.13 42.46 3.64
C TYR E 94 -30.84 43.26 3.72
N TYR E 95 -30.47 43.66 4.94
CA TYR E 95 -29.31 44.52 5.16
C TYR E 95 -28.20 43.86 5.93
N CYS E 96 -26.96 44.02 5.49
CA CYS E 96 -25.84 43.63 6.33
C CYS E 96 -25.23 44.89 6.92
N ALA E 97 -24.78 44.82 8.17
CA ALA E 97 -24.17 45.97 8.83
C ALA E 97 -23.04 45.55 9.76
N SER E 98 -22.03 46.39 9.87
CA SER E 98 -20.95 46.13 10.80
C SER E 98 -21.32 46.80 12.11
N THR E 99 -21.02 46.19 13.27
CA THR E 99 -21.35 46.82 14.55
C THR E 99 -20.20 47.71 14.99
N LEU E 100 -20.45 48.54 16.00
CA LEU E 100 -19.44 49.48 16.47
C LEU E 100 -18.29 48.77 17.16
N GLY E 101 -18.50 47.51 17.52
CA GLY E 101 -17.53 46.76 18.31
C GLY E 101 -18.05 45.49 18.97
N LEU E 102 -19.19 45.56 19.64
CA LEU E 102 -19.76 44.38 20.28
C LEU E 102 -20.53 43.45 19.34
N VAL E 103 -20.92 42.29 19.84
CA VAL E 103 -21.72 41.33 19.07
C VAL E 103 -23.14 41.85 18.93
N LEU E 104 -23.73 42.28 20.04
CA LEU E 104 -24.91 43.12 20.01
C LEU E 104 -24.45 44.54 20.30
N ASP E 105 -24.62 45.43 19.32
CA ASP E 105 -24.15 46.82 19.36
C ASP E 105 -24.98 47.67 18.43
N ALA E 106 -24.67 48.96 18.39
CA ALA E 106 -25.18 49.82 17.35
C ALA E 106 -24.45 49.50 16.04
N MET E 107 -25.07 49.82 14.92
CA MET E 107 -24.50 49.52 13.61
C MET E 107 -24.32 50.79 12.77
N ASP E 108 -23.08 51.05 12.36
CA ASP E 108 -22.73 52.34 11.73
C ASP E 108 -22.56 52.27 10.22
N TYR E 109 -22.17 51.12 9.69
CA TYR E 109 -21.99 50.93 8.26
C TYR E 109 -22.99 49.92 7.75
N TRP E 110 -23.65 50.29 6.65
CA TRP E 110 -24.71 49.48 6.07
C TRP E 110 -24.49 49.16 4.59
N GLY E 111 -25.18 48.11 4.17
CA GLY E 111 -25.21 47.76 2.77
C GLY E 111 -26.26 48.64 2.14
N GLN E 112 -26.49 48.44 0.85
CA GLN E 112 -27.48 49.24 0.17
C GLN E 112 -28.83 48.52 0.22
N GLY E 113 -28.80 47.33 0.77
CA GLY E 113 -29.99 46.51 0.84
C GLY E 113 -30.07 45.56 -0.32
N THR E 114 -30.68 44.40 -0.06
CA THR E 114 -30.99 43.45 -1.09
C THR E 114 -32.43 43.05 -0.93
N LEU E 115 -33.24 43.33 -1.95
CA LEU E 115 -34.62 42.96 -1.89
C LEU E 115 -34.78 41.50 -2.23
N VAL E 116 -35.46 40.79 -1.35
CA VAL E 116 -35.80 39.42 -1.61
C VAL E 116 -37.33 39.32 -1.61
N THR E 117 -37.88 38.90 -2.76
CA THR E 117 -39.32 38.79 -2.96
C THR E 117 -39.79 37.34 -3.10
N VAL E 118 -40.79 36.98 -2.29
CA VAL E 118 -41.35 35.63 -2.23
C VAL E 118 -42.85 35.57 -2.58
N SER E 119 -43.21 35.20 -3.81
CA SER E 119 -44.65 35.02 -4.11
C SER E 119 -45.05 33.62 -4.54
N SER E 120 -46.31 33.49 -4.93
CA SER E 120 -46.82 32.27 -5.54
C SER E 120 -47.86 32.59 -6.60
N LEU E 137 -40.62 37.46 26.67
CA LEU E 137 -39.93 36.68 25.65
C LEU E 137 -38.76 37.49 25.06
N GLU E 138 -39.03 38.51 24.24
CA GLU E 138 -37.96 39.43 23.80
C GLU E 138 -38.35 40.83 24.23
N THR E 139 -37.37 41.72 24.37
CA THR E 139 -37.65 43.13 24.71
C THR E 139 -38.39 43.84 23.58
N VAL E 140 -39.41 44.62 23.94
CA VAL E 140 -40.24 45.36 22.98
C VAL E 140 -40.11 46.87 23.10
N LEU E 141 -39.82 47.49 21.97
CA LEU E 141 -39.72 48.93 21.90
C LEU E 141 -41.01 49.52 21.35
N THR E 142 -41.64 50.38 22.14
CA THR E 142 -42.79 51.11 21.64
C THR E 142 -42.42 52.57 21.43
N GLN E 143 -42.51 53.02 20.19
CA GLN E 143 -42.24 54.42 19.86
C GLN E 143 -43.52 55.26 19.81
N SER E 144 -43.42 56.53 20.20
CA SER E 144 -44.54 57.45 20.01
C SER E 144 -44.06 58.87 19.71
N PRO E 145 -44.82 59.61 18.87
CA PRO E 145 -46.03 59.17 18.16
C PRO E 145 -45.70 58.42 16.88
N GLY E 146 -46.59 57.53 16.46
CA GLY E 146 -46.43 56.79 15.22
C GLY E 146 -46.16 57.73 14.05
N THR E 147 -46.82 58.89 14.07
CA THR E 147 -46.67 59.88 13.01
C THR E 147 -46.62 61.29 13.60
N LEU E 148 -45.86 62.16 12.95
CA LEU E 148 -45.64 63.50 13.49
C LEU E 148 -45.28 64.49 12.40
N SER E 149 -46.15 65.48 12.20
CA SER E 149 -45.97 66.46 11.14
C SER E 149 -45.74 67.88 11.62
N LEU E 150 -44.68 68.47 11.10
CA LEU E 150 -44.24 69.75 11.59
C LEU E 150 -43.63 70.59 10.51
N SER E 151 -43.17 71.76 10.92
CA SER E 151 -42.66 72.77 10.01
C SER E 151 -41.23 73.03 10.31
N PRO E 152 -40.47 73.31 9.25
CA PRO E 152 -39.05 73.65 9.34
C PRO E 152 -38.86 74.73 10.38
N GLY E 153 -37.99 74.50 11.36
CA GLY E 153 -37.74 75.50 12.38
C GLY E 153 -38.24 75.12 13.77
N GLU E 154 -39.20 74.20 13.78
CA GLU E 154 -39.75 73.66 15.01
C GLU E 154 -38.82 72.67 15.70
N ARG E 155 -39.29 72.12 16.81
CA ARG E 155 -38.52 71.13 17.55
C ARG E 155 -39.33 69.83 17.61
N ALA E 156 -38.68 68.70 17.35
CA ALA E 156 -39.35 67.39 17.39
C ALA E 156 -38.85 66.56 18.56
N THR E 157 -39.78 65.94 19.27
CA THR E 157 -39.45 65.14 20.43
C THR E 157 -40.07 63.78 20.28
N LEU E 158 -39.24 62.83 19.83
CA LEU E 158 -39.64 61.45 19.65
C LEU E 158 -39.34 60.66 20.90
N SER E 159 -40.21 59.70 21.19
CA SER E 159 -40.18 58.91 22.42
C SER E 159 -39.98 57.45 22.10
N CYS E 160 -39.21 56.78 22.94
CA CYS E 160 -39.03 55.33 22.86
C CYS E 160 -39.19 54.75 24.28
N ARG E 161 -40.15 53.83 24.42
CA ARG E 161 -40.42 53.23 25.72
C ARG E 161 -40.24 51.72 25.58
N ALA E 162 -39.52 51.13 26.53
CA ALA E 162 -39.10 49.74 26.39
C ALA E 162 -39.70 48.85 27.46
N SER E 163 -39.96 47.59 27.11
CA SER E 163 -40.64 46.69 28.04
C SER E 163 -39.76 46.20 29.22
N GLN E 164 -38.48 46.56 29.22
CA GLN E 164 -37.61 46.34 30.38
C GLN E 164 -36.39 47.25 30.31
N SER E 165 -35.70 47.41 31.43
CA SER E 165 -34.62 48.40 31.50
C SER E 165 -33.42 48.09 30.60
N LEU E 166 -32.96 49.14 29.93
CA LEU E 166 -31.88 49.02 28.98
C LEU E 166 -30.68 49.77 29.50
N GLY E 167 -30.56 49.79 30.84
CA GLY E 167 -29.50 50.54 31.47
C GLY E 167 -29.50 51.96 30.97
N SER E 168 -28.31 52.45 30.58
CA SER E 168 -28.16 53.81 30.09
C SER E 168 -27.31 53.87 28.81
N SER E 169 -26.99 52.70 28.28
CA SER E 169 -25.96 52.56 27.25
C SER E 169 -26.30 51.54 26.18
N TYR E 170 -27.56 51.15 26.06
CA TYR E 170 -27.84 50.09 25.09
C TYR E 170 -28.99 50.43 24.18
N LEU E 171 -29.03 51.70 23.79
CA LEU E 171 -30.04 52.15 22.86
C LEU E 171 -29.43 53.02 21.77
N ALA E 172 -29.93 52.84 20.55
CA ALA E 172 -29.47 53.66 19.44
C ALA E 172 -30.65 54.21 18.64
N TRP E 173 -30.40 55.33 17.96
CA TRP E 173 -31.40 55.97 17.12
C TRP E 173 -31.00 56.07 15.65
N TYR E 174 -31.96 55.85 14.76
CA TYR E 174 -31.69 55.91 13.32
C TYR E 174 -32.59 56.85 12.52
N GLN E 175 -32.02 57.36 11.44
CA GLN E 175 -32.76 58.09 10.43
C GLN E 175 -32.81 57.22 9.18
N GLN E 176 -34.01 56.99 8.63
CA GLN E 176 -34.14 56.29 7.35
C GLN E 176 -35.03 56.99 6.33
N LYS E 177 -34.40 57.55 5.28
CA LYS E 177 -35.09 58.08 4.09
C LYS E 177 -35.49 56.98 3.06
N PRO E 178 -36.55 57.19 2.29
CA PRO E 178 -37.11 56.18 1.37
C PRO E 178 -36.11 55.45 0.48
N GLY E 179 -36.21 54.11 0.45
CA GLY E 179 -35.38 53.31 -0.44
C GLY E 179 -33.89 53.46 -0.15
N GLN E 180 -33.58 53.77 1.10
CA GLN E 180 -32.21 53.89 1.60
C GLN E 180 -32.01 52.97 2.81
N ALA E 181 -30.76 52.73 3.16
CA ALA E 181 -30.41 52.06 4.42
C ALA E 181 -30.48 53.01 5.62
N PRO E 182 -30.83 52.50 6.82
CA PRO E 182 -30.87 53.33 8.03
C PRO E 182 -29.55 54.03 8.27
N ARG E 183 -29.58 55.03 9.14
CA ARG E 183 -28.40 55.87 9.38
C ARG E 183 -28.29 56.15 10.86
N LEU E 184 -27.12 55.87 11.41
CA LEU E 184 -26.98 55.94 12.85
C LEU E 184 -26.91 57.39 13.31
N LEU E 185 -27.72 57.70 14.31
CA LEU E 185 -27.73 59.03 14.86
C LEU E 185 -27.09 59.01 16.23
N ILE E 186 -27.67 58.18 17.10
CA ILE E 186 -27.25 58.15 18.48
C ILE E 186 -26.91 56.75 18.90
N TYR E 187 -25.83 56.57 19.67
CA TYR E 187 -25.59 55.30 20.33
C TYR E 187 -25.31 55.57 21.81
N GLY E 188 -25.41 54.54 22.64
CA GLY E 188 -25.26 54.69 24.09
C GLY E 188 -26.24 55.70 24.65
N ALA E 189 -27.45 55.65 24.11
CA ALA E 189 -28.55 56.54 24.50
C ALA E 189 -28.27 58.06 24.30
N SER E 190 -27.00 58.48 24.45
CA SER E 190 -26.69 59.92 24.43
C SER E 190 -25.51 60.34 23.53
N SER E 191 -24.73 59.41 22.98
CA SER E 191 -23.60 59.79 22.13
C SER E 191 -23.99 59.91 20.65
N ARG E 192 -23.68 61.05 20.05
CA ARG E 192 -23.85 61.28 18.62
C ARG E 192 -22.93 60.39 17.79
N ALA E 193 -23.44 59.81 16.70
CA ALA E 193 -22.54 59.13 15.77
C ALA E 193 -21.65 60.20 15.16
N PRO E 194 -20.49 59.80 14.62
CA PRO E 194 -19.65 60.79 13.93
C PRO E 194 -20.38 61.53 12.81
N GLY E 195 -20.12 62.83 12.69
CA GLY E 195 -20.67 63.64 11.59
C GLY E 195 -22.15 63.95 11.56
N ILE E 196 -22.75 64.02 12.75
CA ILE E 196 -24.17 64.30 12.95
C ILE E 196 -24.32 65.64 13.63
N PRO E 197 -25.02 66.57 12.98
CA PRO E 197 -25.30 67.93 13.46
C PRO E 197 -25.84 67.91 14.88
N ASP E 198 -25.54 68.97 15.64
CA ASP E 198 -25.88 69.05 17.07
C ASP E 198 -27.34 69.19 17.46
N ARG E 199 -28.21 69.47 16.49
CA ARG E 199 -29.63 69.58 16.77
C ARG E 199 -30.25 68.22 17.10
N PHE E 200 -29.50 67.15 16.84
CA PHE E 200 -29.89 65.78 17.21
C PHE E 200 -29.35 65.44 18.57
N SER E 201 -30.23 65.05 19.47
CA SER E 201 -29.79 64.85 20.84
C SER E 201 -30.43 63.63 21.49
N GLY E 202 -29.61 62.76 22.08
CA GLY E 202 -30.12 61.61 22.79
C GLY E 202 -30.18 61.81 24.29
N SER E 203 -31.15 61.15 24.94
CA SER E 203 -31.33 61.24 26.38
C SER E 203 -32.19 60.11 26.89
N GLY E 204 -32.24 59.94 28.22
CA GLY E 204 -33.05 58.88 28.81
C GLY E 204 -32.27 57.69 29.39
N SER E 205 -32.96 56.93 30.24
CA SER E 205 -32.42 55.71 30.85
C SER E 205 -33.53 54.80 31.36
N GLY E 206 -33.17 53.61 31.81
CA GLY E 206 -34.19 52.71 32.29
C GLY E 206 -35.07 52.27 31.14
N THR E 207 -36.30 52.77 31.10
CA THR E 207 -37.25 52.33 30.07
C THR E 207 -37.76 53.43 29.14
N ASP E 208 -37.26 54.64 29.34
CA ASP E 208 -37.73 55.79 28.58
C ASP E 208 -36.55 56.59 28.00
N PHE E 209 -36.52 56.72 26.69
CA PHE E 209 -35.43 57.42 26.01
C PHE E 209 -35.98 58.43 25.08
N THR E 210 -35.20 59.47 24.78
CA THR E 210 -35.72 60.55 23.97
C THR E 210 -34.76 60.99 22.88
N LEU E 211 -35.27 61.03 21.65
CA LEU E 211 -34.52 61.70 20.61
C LEU E 211 -35.13 63.07 20.47
N THR E 212 -34.28 64.10 20.43
CA THR E 212 -34.77 65.46 20.31
C THR E 212 -34.07 66.19 19.19
N ILE E 213 -34.84 66.49 18.15
CA ILE E 213 -34.38 67.28 17.04
C ILE E 213 -34.94 68.67 17.22
N SER E 214 -34.09 69.61 17.57
CA SER E 214 -34.47 71.01 17.57
C SER E 214 -34.25 71.58 16.14
N ARG E 215 -34.88 72.72 15.82
CA ARG E 215 -34.66 73.36 14.51
C ARG E 215 -34.69 72.42 13.31
N LEU E 216 -35.80 71.71 13.12
CA LEU E 216 -35.99 70.88 11.93
C LEU E 216 -35.64 71.53 10.60
N GLU E 217 -34.93 70.77 9.77
CA GLU E 217 -34.56 71.17 8.41
C GLU E 217 -35.30 70.26 7.44
N PRO E 218 -35.44 70.69 6.17
CA PRO E 218 -36.32 69.94 5.25
C PRO E 218 -35.84 68.53 5.01
N GLU E 219 -34.55 68.36 5.19
CA GLU E 219 -33.87 67.09 5.06
C GLU E 219 -34.06 66.18 6.27
N ASP E 220 -34.26 66.80 7.42
CA ASP E 220 -34.41 66.08 8.67
C ASP E 220 -35.68 65.22 8.74
N PHE E 221 -36.47 65.23 7.66
CA PHE E 221 -37.75 64.54 7.62
C PHE E 221 -37.59 63.15 7.04
N ALA E 222 -37.96 62.16 7.84
CA ALA E 222 -37.77 60.75 7.54
C ALA E 222 -38.47 59.92 8.59
N VAL E 223 -38.35 58.60 8.48
CA VAL E 223 -38.80 57.71 9.54
C VAL E 223 -37.65 57.55 10.57
N TYR E 224 -37.99 57.45 11.85
CA TYR E 224 -36.96 57.36 12.89
C TYR E 224 -37.16 56.13 13.76
N TYR E 225 -36.13 55.28 13.77
CA TYR E 225 -36.16 54.00 14.48
C TYR E 225 -35.25 54.05 15.69
N CYS E 226 -35.69 53.43 16.78
CA CYS E 226 -34.83 53.25 17.95
C CYS E 226 -34.49 51.79 18.09
N GLN E 227 -33.32 51.50 18.65
CA GLN E 227 -32.86 50.12 18.80
C GLN E 227 -32.23 49.85 20.15
N GLN E 228 -32.62 48.77 20.80
CA GLN E 228 -31.96 48.34 22.04
C GLN E 228 -31.04 47.18 21.75
N TYR E 229 -29.91 47.17 22.44
CA TYR E 229 -29.00 46.06 22.32
C TYR E 229 -28.50 45.65 23.68
N ALA E 230 -29.40 45.78 24.66
CA ALA E 230 -29.11 45.35 26.02
C ALA E 230 -29.27 43.84 26.22
N ASP E 231 -30.03 43.14 25.37
CA ASP E 231 -30.28 41.71 25.54
C ASP E 231 -30.73 41.07 24.21
N SER E 232 -30.16 39.92 23.87
CA SER E 232 -30.60 39.17 22.69
C SER E 232 -32.05 38.76 22.81
N PRO E 233 -32.84 38.93 21.73
CA PRO E 233 -32.47 39.41 20.40
C PRO E 233 -32.48 40.91 20.38
N ILE E 234 -31.68 41.51 19.49
CA ILE E 234 -31.74 42.94 19.21
C ILE E 234 -33.12 43.24 18.67
N THR E 235 -33.78 44.24 19.22
CA THR E 235 -35.09 44.62 18.71
C THR E 235 -35.17 46.10 18.29
N PHE E 236 -36.05 46.37 17.32
CA PHE E 236 -36.26 47.74 16.88
C PHE E 236 -37.66 48.25 17.25
N GLY E 237 -37.80 49.57 17.30
CA GLY E 237 -39.11 50.21 17.36
C GLY E 237 -39.82 50.09 16.03
N GLN E 238 -41.13 50.29 16.01
CA GLN E 238 -41.87 50.22 14.74
C GLN E 238 -41.79 51.55 13.94
N GLY E 239 -41.30 52.60 14.57
CA GLY E 239 -40.89 53.79 13.88
C GLY E 239 -41.78 54.99 14.12
N THR E 240 -41.23 56.18 13.94
CA THR E 240 -42.00 57.41 13.97
C THR E 240 -41.79 58.15 12.65
N ARG E 241 -42.89 58.50 11.98
CA ARG E 241 -42.78 59.13 10.68
C ARG E 241 -42.87 60.65 10.85
N LEU E 242 -41.79 61.34 10.49
CA LEU E 242 -41.72 62.79 10.60
C LEU E 242 -41.85 63.41 9.21
N GLU E 243 -42.97 64.11 8.99
CA GLU E 243 -43.30 64.66 7.67
C GLU E 243 -43.67 66.15 7.66
N ILE E 244 -43.33 66.83 6.57
CA ILE E 244 -43.50 68.28 6.51
C ILE E 244 -44.95 68.70 6.38
N LYS E 245 -45.33 69.70 7.17
CA LYS E 245 -46.67 70.31 7.12
C LYS E 245 -46.65 71.64 6.35
N ARG E 246 -47.83 72.15 5.97
CA ARG E 246 -47.93 73.42 5.23
C ARG E 246 -48.31 74.62 6.10
N GLN F 1 38.95 13.78 10.33
CA GLN F 1 39.71 12.88 9.47
C GLN F 1 38.85 11.76 8.89
N VAL F 2 37.57 11.82 9.24
CA VAL F 2 36.55 10.80 8.97
C VAL F 2 36.78 9.73 10.03
N GLN F 3 35.72 9.40 10.76
CA GLN F 3 35.82 8.48 11.89
C GLN F 3 34.56 7.66 11.99
N LEU F 4 34.69 6.35 12.07
CA LEU F 4 33.54 5.52 12.34
C LEU F 4 33.78 4.85 13.66
N VAL F 5 32.97 5.19 14.64
CA VAL F 5 33.23 4.65 15.94
C VAL F 5 32.08 3.73 16.33
N GLN F 6 32.41 2.47 16.61
CA GLN F 6 31.39 1.49 16.94
C GLN F 6 31.28 1.24 18.41
N SER F 7 30.07 0.89 18.83
CA SER F 7 29.79 0.53 20.22
C SER F 7 30.69 -0.62 20.70
N GLY F 8 30.73 -0.81 22.03
CA GLY F 8 31.59 -1.82 22.62
C GLY F 8 31.21 -3.25 22.30
N ALA F 9 32.14 -4.17 22.53
CA ALA F 9 31.90 -5.59 22.32
C ALA F 9 30.80 -6.08 23.24
N GLU F 10 30.09 -7.13 22.82
CA GLU F 10 28.96 -7.64 23.60
C GLU F 10 28.95 -9.17 23.61
N VAL F 11 28.33 -9.74 24.64
CA VAL F 11 28.17 -11.19 24.77
C VAL F 11 26.69 -11.54 24.89
N LYS F 12 26.18 -12.39 24.02
CA LYS F 12 24.76 -12.72 24.06
C LYS F 12 24.59 -14.21 24.01
N LYS F 13 23.49 -14.67 24.60
CA LYS F 13 23.07 -16.06 24.53
C LYS F 13 22.27 -16.32 23.25
N PRO F 14 22.18 -17.59 22.83
CA PRO F 14 21.39 -17.95 21.64
C PRO F 14 19.92 -17.50 21.73
N GLY F 15 19.29 -17.28 20.57
CA GLY F 15 17.93 -16.76 20.52
C GLY F 15 17.83 -15.24 20.58
N SER F 16 18.61 -14.63 21.46
CA SER F 16 18.61 -13.19 21.67
C SER F 16 18.91 -12.37 20.41
N SER F 17 18.91 -11.05 20.57
CA SER F 17 19.26 -10.16 19.48
C SER F 17 20.23 -9.10 20.00
N VAL F 18 21.13 -8.67 19.14
CA VAL F 18 22.11 -7.66 19.52
C VAL F 18 21.97 -6.45 18.57
N LYS F 19 22.25 -5.27 19.10
CA LYS F 19 22.24 -4.04 18.32
C LYS F 19 23.63 -3.41 18.44
N VAL F 20 24.27 -3.22 17.29
CA VAL F 20 25.59 -2.57 17.22
C VAL F 20 25.47 -1.16 16.63
N SER F 21 26.17 -0.18 17.18
CA SER F 21 26.03 1.19 16.71
C SER F 21 27.28 1.60 16.00
N CYS F 22 27.20 2.68 15.22
CA CYS F 22 28.35 3.20 14.48
C CYS F 22 28.16 4.68 14.19
N LYS F 23 28.99 5.51 14.79
CA LYS F 23 28.77 6.95 14.68
C LYS F 23 29.78 7.63 13.74
N ALA F 24 29.28 8.28 12.70
CA ALA F 24 30.14 8.95 11.74
C ALA F 24 30.47 10.37 12.14
N SER F 25 31.76 10.69 12.12
CA SER F 25 32.23 12.04 12.32
C SER F 25 32.67 12.50 10.96
N GLY F 26 33.92 12.93 10.87
CA GLY F 26 34.53 13.32 9.60
C GLY F 26 33.77 14.33 8.75
N TYR F 27 33.63 14.02 7.46
CA TYR F 27 32.69 14.79 6.67
C TYR F 27 31.35 14.03 6.63
N THR F 28 30.51 14.27 5.63
CA THR F 28 29.08 14.06 5.83
C THR F 28 28.43 12.69 5.55
N PHE F 29 27.78 12.21 6.62
CA PHE F 29 27.06 10.93 6.75
C PHE F 29 26.09 10.72 5.59
N SER F 30 25.15 11.66 5.48
CA SER F 30 24.03 11.70 4.52
C SER F 30 24.36 11.50 3.03
N SER F 31 25.57 11.87 2.62
CA SER F 31 25.97 11.73 1.23
C SER F 31 26.34 10.28 0.92
N ASN F 32 26.94 9.61 1.90
CA ASN F 32 27.53 8.29 1.67
C ASN F 32 26.71 7.08 2.12
N VAL F 33 26.91 5.98 1.42
CA VAL F 33 26.22 4.74 1.70
C VAL F 33 26.95 3.98 2.81
N ILE F 34 26.20 3.40 3.75
CA ILE F 34 26.80 2.76 4.91
C ILE F 34 26.57 1.27 4.90
N SER F 35 27.65 0.50 4.92
CA SER F 35 27.56 -0.96 4.91
C SER F 35 27.92 -1.57 6.24
N TRP F 36 27.52 -2.81 6.43
CA TRP F 36 28.01 -3.62 7.54
C TRP F 36 28.61 -4.92 6.97
N VAL F 37 29.81 -5.23 7.44
CA VAL F 37 30.54 -6.43 7.04
C VAL F 37 30.95 -7.16 8.31
N ARG F 38 30.72 -8.47 8.35
CA ARG F 38 31.18 -9.23 9.49
C ARG F 38 32.24 -10.24 9.06
N GLN F 39 33.08 -10.60 10.02
CA GLN F 39 34.18 -11.54 9.85
C GLN F 39 34.18 -12.50 11.00
N ALA F 40 33.79 -13.74 10.73
CA ALA F 40 33.86 -14.74 11.78
C ALA F 40 35.36 -15.02 12.04
N PRO F 41 35.72 -15.30 13.31
CA PRO F 41 37.08 -15.55 13.78
C PRO F 41 37.98 -16.34 12.82
N GLY F 42 39.11 -15.76 12.42
CA GLY F 42 40.04 -16.40 11.51
C GLY F 42 39.40 -16.94 10.24
N GLN F 43 38.41 -16.22 9.72
CA GLN F 43 37.66 -16.67 8.55
C GLN F 43 37.54 -15.50 7.56
N GLY F 44 36.94 -15.74 6.40
CA GLY F 44 36.64 -14.66 5.46
C GLY F 44 35.60 -13.65 5.91
N LEU F 45 35.36 -12.63 5.08
CA LEU F 45 34.38 -11.62 5.46
C LEU F 45 33.07 -11.81 4.72
N GLU F 46 31.97 -11.49 5.40
CA GLU F 46 30.62 -11.54 4.84
C GLU F 46 29.96 -10.16 4.76
N TRP F 47 29.46 -9.79 3.58
CA TRP F 47 28.63 -8.58 3.46
C TRP F 47 27.25 -8.85 4.00
N MET F 48 26.77 -7.96 4.84
CA MET F 48 25.49 -8.17 5.51
C MET F 48 24.39 -7.34 4.90
N GLY F 49 24.73 -6.09 4.59
CA GLY F 49 23.77 -5.18 4.04
C GLY F 49 24.34 -3.78 3.99
N GLY F 50 23.45 -2.82 3.74
CA GLY F 50 23.83 -1.45 3.59
C GLY F 50 22.59 -0.58 3.73
N VAL F 51 22.79 0.73 3.89
CA VAL F 51 21.66 1.65 3.93
C VAL F 51 22.06 3.01 3.34
N ILE F 52 21.12 3.68 2.72
CA ILE F 52 21.40 4.97 2.13
C ILE F 52 20.72 5.95 3.05
N PRO F 53 21.48 6.91 3.56
CA PRO F 53 21.09 7.69 4.73
C PRO F 53 19.71 8.35 4.66
N ILE F 54 19.58 9.34 3.78
CA ILE F 54 18.47 10.23 3.89
C ILE F 54 17.19 9.51 3.56
N VAL F 55 17.22 8.79 2.46
CA VAL F 55 16.04 8.13 1.98
C VAL F 55 15.69 6.87 2.75
N ASP F 56 16.52 6.51 3.73
CA ASP F 56 16.25 5.34 4.56
C ASP F 56 15.89 4.12 3.72
N ILE F 57 16.72 3.85 2.72
CA ILE F 57 16.60 2.68 1.85
C ILE F 57 17.68 1.63 2.22
N ALA F 58 17.26 0.43 2.59
CA ALA F 58 18.21 -0.59 2.98
C ALA F 58 18.20 -1.76 2.02
N ASN F 59 19.36 -2.26 1.64
CA ASN F 59 19.44 -3.48 0.85
C ASN F 59 20.25 -4.52 1.61
N TYR F 60 19.72 -5.73 1.76
CA TYR F 60 20.40 -6.77 2.52
C TYR F 60 20.83 -7.92 1.61
N ALA F 61 21.62 -8.83 2.18
CA ALA F 61 22.00 -10.04 1.49
C ALA F 61 21.03 -11.19 1.81
N GLN F 62 20.82 -12.07 0.82
CA GLN F 62 19.91 -13.20 0.92
C GLN F 62 19.89 -13.87 2.29
N ARG F 63 21.02 -14.43 2.69
CA ARG F 63 21.12 -15.20 3.94
C ARG F 63 20.60 -14.49 5.19
N PHE F 64 20.40 -13.18 5.09
CA PHE F 64 20.20 -12.38 6.29
C PHE F 64 18.84 -11.71 6.37
N LYS F 65 18.12 -11.67 5.25
CA LYS F 65 16.79 -11.08 5.19
C LYS F 65 15.90 -11.65 6.30
N GLY F 66 15.32 -10.76 7.09
CA GLY F 66 14.50 -11.19 8.20
C GLY F 66 15.20 -11.06 9.54
N ARG F 67 16.38 -11.66 9.65
CA ARG F 67 17.11 -11.65 10.92
C ARG F 67 17.91 -10.36 11.07
N VAL F 68 18.11 -9.63 9.96
CA VAL F 68 18.90 -8.40 10.00
C VAL F 68 18.11 -7.13 9.64
N THR F 69 18.36 -6.07 10.40
CA THR F 69 17.76 -4.77 10.20
C THR F 69 18.78 -3.64 10.34
N ILE F 70 19.17 -3.04 9.22
CA ILE F 70 20.10 -1.92 9.27
C ILE F 70 19.32 -0.61 9.18
N THR F 71 19.61 0.31 10.09
CA THR F 71 18.88 1.57 10.14
C THR F 71 19.83 2.74 10.29
N ALA F 72 19.47 3.88 9.73
CA ALA F 72 20.28 5.08 9.92
C ALA F 72 19.48 6.12 10.69
N ASP F 73 20.16 6.78 11.63
CA ASP F 73 19.56 7.84 12.42
C ASP F 73 20.33 9.15 12.21
N GLU F 74 19.88 9.94 11.24
CA GLU F 74 20.65 11.09 10.76
C GLU F 74 20.79 12.21 11.78
N SER F 75 19.86 12.27 12.72
CA SER F 75 19.94 13.28 13.76
C SER F 75 21.15 13.07 14.65
N THR F 76 21.65 11.83 14.78
CA THR F 76 22.79 11.55 15.66
C THR F 76 23.98 11.02 14.87
N SER F 77 23.84 10.99 13.53
CA SER F 77 24.91 10.56 12.62
C SER F 77 25.36 9.13 12.91
N THR F 78 24.40 8.28 13.17
CA THR F 78 24.69 6.98 13.74
C THR F 78 23.87 5.94 13.04
N THR F 79 24.50 4.82 12.70
CA THR F 79 23.78 3.78 12.01
C THR F 79 23.79 2.55 12.90
N TYR F 80 22.69 1.81 12.92
CA TYR F 80 22.50 0.71 13.85
C TYR F 80 22.27 -0.55 13.03
N MET F 81 23.05 -1.58 13.36
CA MET F 81 22.90 -2.94 12.83
C MET F 81 22.24 -3.79 13.92
N GLU F 82 21.09 -4.40 13.62
CA GLU F 82 20.48 -5.29 14.62
C GLU F 82 20.27 -6.68 13.98
N LEU F 83 20.89 -7.69 14.59
CA LEU F 83 20.78 -9.08 14.16
C LEU F 83 20.06 -9.90 15.26
N SER F 84 19.05 -10.68 14.88
CA SER F 84 18.24 -11.42 15.86
C SER F 84 18.27 -12.91 15.60
N SER F 85 17.81 -13.67 16.60
CA SER F 85 17.90 -15.14 16.60
C SER F 85 19.37 -15.57 16.49
N LEU F 86 20.21 -15.03 17.37
CA LEU F 86 21.65 -15.28 17.37
C LEU F 86 22.00 -16.73 17.60
N ARG F 87 22.57 -17.39 16.61
CA ARG F 87 23.14 -18.72 16.84
C ARG F 87 24.65 -18.62 17.07
N SER F 88 25.31 -19.76 17.18
CA SER F 88 26.74 -19.75 17.52
C SER F 88 27.60 -19.22 16.37
N GLU F 89 27.23 -19.59 15.14
CA GLU F 89 27.98 -19.19 13.95
C GLU F 89 27.89 -17.70 13.65
N ASP F 90 27.03 -17.00 14.40
CA ASP F 90 26.91 -15.55 14.29
C ASP F 90 28.04 -14.84 15.01
N THR F 91 28.77 -15.58 15.84
CA THR F 91 29.89 -15.01 16.58
C THR F 91 30.96 -14.54 15.62
N ALA F 92 31.25 -13.24 15.67
CA ALA F 92 32.15 -12.61 14.71
C ALA F 92 32.44 -11.17 15.13
N VAL F 93 33.36 -10.52 14.43
CA VAL F 93 33.59 -9.07 14.61
C VAL F 93 32.88 -8.34 13.51
N TYR F 94 32.00 -7.42 13.90
CA TYR F 94 31.10 -6.72 12.98
C TYR F 94 31.61 -5.33 12.64
N TYR F 95 31.71 -5.05 11.34
CA TYR F 95 32.27 -3.78 10.86
C TYR F 95 31.23 -2.88 10.18
N CYS F 96 31.29 -1.58 10.43
CA CYS F 96 30.58 -0.67 9.57
C CYS F 96 31.62 -0.02 8.66
N ALA F 97 31.25 0.21 7.41
CA ALA F 97 32.13 0.85 6.45
C ALA F 97 31.28 1.68 5.52
N SER F 98 31.84 2.77 5.01
CA SER F 98 31.20 3.58 3.99
C SER F 98 31.70 3.14 2.63
N THR F 99 30.83 3.18 1.61
CA THR F 99 31.20 2.84 0.23
C THR F 99 31.69 4.05 -0.56
N LEU F 100 32.22 3.80 -1.74
CA LEU F 100 32.75 4.84 -2.57
C LEU F 100 31.67 5.68 -3.18
N GLY F 101 30.45 5.15 -3.18
CA GLY F 101 29.33 5.81 -3.82
C GLY F 101 28.14 4.93 -4.16
N LEU F 102 28.36 3.78 -4.77
CA LEU F 102 27.24 2.94 -5.10
C LEU F 102 26.77 2.19 -3.89
N VAL F 103 25.61 1.56 -4.01
CA VAL F 103 25.07 0.73 -2.93
C VAL F 103 25.97 -0.49 -2.77
N LEU F 104 26.31 -1.13 -3.89
CA LEU F 104 27.39 -2.10 -3.88
C LEU F 104 28.63 -1.45 -4.48
N ASP F 105 29.66 -1.25 -3.65
CA ASP F 105 30.87 -0.57 -4.09
C ASP F 105 32.00 -1.02 -3.19
N ALA F 106 33.20 -0.53 -3.44
CA ALA F 106 34.31 -0.75 -2.50
C ALA F 106 34.07 0.04 -1.22
N MET F 107 34.73 -0.33 -0.14
CA MET F 107 34.52 0.39 1.09
C MET F 107 35.84 0.96 1.58
N ASP F 108 35.89 2.28 1.71
CA ASP F 108 37.16 2.96 1.97
C ASP F 108 37.36 3.43 3.41
N TYR F 109 36.28 3.69 4.14
CA TYR F 109 36.38 4.09 5.55
C TYR F 109 35.78 3.01 6.46
N TRP F 110 36.50 2.58 7.50
CA TRP F 110 36.01 1.48 8.34
C TRP F 110 35.87 1.84 9.82
N GLY F 111 35.04 1.05 10.51
CA GLY F 111 34.92 1.16 11.95
C GLY F 111 36.05 0.37 12.53
N GLN F 112 36.16 0.33 13.86
CA GLN F 112 37.25 -0.38 14.53
C GLN F 112 36.84 -1.81 14.87
N GLY F 113 35.60 -2.14 14.52
CA GLY F 113 35.09 -3.47 14.78
C GLY F 113 34.35 -3.54 16.10
N THR F 114 33.34 -4.40 16.13
CA THR F 114 32.64 -4.74 17.36
C THR F 114 32.51 -6.26 17.46
N LEU F 115 33.15 -6.85 18.48
CA LEU F 115 33.10 -8.29 18.67
C LEU F 115 31.84 -8.76 19.36
N VAL F 116 31.13 -9.70 18.74
CA VAL F 116 29.97 -10.29 19.38
C VAL F 116 30.17 -11.80 19.59
N THR F 117 30.09 -12.22 20.85
CA THR F 117 30.25 -13.61 21.23
C THR F 117 28.94 -14.23 21.65
N VAL F 118 28.57 -15.31 20.97
CA VAL F 118 27.36 -16.05 21.29
C VAL F 118 27.72 -17.48 21.66
N SER F 119 27.90 -17.73 22.96
CA SER F 119 28.15 -19.08 23.44
C SER F 119 27.00 -19.49 24.36
N SER F 120 27.07 -20.70 24.90
CA SER F 120 26.15 -21.11 25.96
C SER F 120 26.88 -21.55 27.23
N GLU F 138 25.20 -17.32 -5.18
CA GLU F 138 26.05 -16.13 -5.25
C GLU F 138 27.37 -16.37 -6.00
N THR F 139 27.99 -15.28 -6.46
CA THR F 139 29.28 -15.34 -7.17
C THR F 139 30.37 -15.79 -6.21
N VAL F 140 31.24 -16.68 -6.69
CA VAL F 140 32.31 -17.18 -5.83
C VAL F 140 33.69 -16.78 -6.34
N LEU F 141 34.42 -16.14 -5.43
CA LEU F 141 35.78 -15.70 -5.66
C LEU F 141 36.76 -16.67 -5.05
N THR F 142 37.58 -17.28 -5.90
CA THR F 142 38.64 -18.15 -5.42
C THR F 142 39.99 -17.45 -5.56
N GLN F 143 40.65 -17.27 -4.41
CA GLN F 143 41.99 -16.70 -4.33
C GLN F 143 43.05 -17.79 -4.30
N SER F 144 44.18 -17.55 -4.94
CA SER F 144 45.30 -18.47 -4.82
C SER F 144 46.56 -17.62 -4.93
N PRO F 145 47.64 -18.05 -4.26
CA PRO F 145 47.70 -19.24 -3.40
C PRO F 145 47.22 -18.93 -1.99
N GLY F 146 46.72 -19.94 -1.26
CA GLY F 146 46.26 -19.77 0.10
C GLY F 146 47.28 -19.13 1.04
N THR F 147 48.54 -19.51 0.85
CA THR F 147 49.65 -18.98 1.63
C THR F 147 50.80 -18.75 0.66
N LEU F 148 51.61 -17.76 0.98
CA LEU F 148 52.69 -17.32 0.11
C LEU F 148 53.76 -16.67 0.98
N SER F 149 54.98 -17.20 0.94
CA SER F 149 56.06 -16.67 1.78
C SER F 149 57.13 -16.02 0.92
N LEU F 150 57.54 -14.81 1.29
CA LEU F 150 58.49 -14.06 0.50
C LEU F 150 59.34 -13.15 1.37
N SER F 151 60.30 -12.48 0.75
CA SER F 151 61.21 -11.64 1.51
C SER F 151 61.14 -10.21 1.00
N PRO F 152 61.20 -9.25 1.91
CA PRO F 152 61.09 -7.82 1.59
C PRO F 152 62.00 -7.43 0.45
N GLY F 153 61.39 -6.89 -0.59
CA GLY F 153 62.06 -6.48 -1.80
C GLY F 153 61.62 -7.33 -2.96
N GLU F 154 61.13 -8.53 -2.67
CA GLU F 154 60.57 -9.38 -3.70
C GLU F 154 59.20 -8.87 -4.17
N ARG F 155 58.60 -9.58 -5.14
CA ARG F 155 57.31 -9.21 -5.69
C ARG F 155 56.27 -10.30 -5.46
N ALA F 156 55.06 -9.90 -5.10
CA ALA F 156 53.96 -10.86 -4.90
C ALA F 156 52.91 -10.75 -6.00
N THR F 157 52.40 -11.91 -6.40
CA THR F 157 51.35 -12.01 -7.40
C THR F 157 50.24 -12.85 -6.80
N LEU F 158 49.21 -12.15 -6.29
CA LEU F 158 48.00 -12.79 -5.75
C LEU F 158 46.91 -12.87 -6.81
N SER F 159 46.20 -13.99 -6.80
CA SER F 159 45.25 -14.30 -7.85
C SER F 159 43.85 -14.38 -7.24
N CYS F 160 42.86 -13.84 -7.97
CA CYS F 160 41.45 -13.95 -7.61
C CYS F 160 40.68 -14.32 -8.86
N ARG F 161 40.00 -15.45 -8.85
CA ARG F 161 39.28 -15.91 -10.04
C ARG F 161 37.82 -16.14 -9.67
N ALA F 162 36.90 -15.65 -10.49
CA ALA F 162 35.49 -15.58 -10.09
C ALA F 162 34.56 -16.45 -10.92
N SER F 163 33.51 -16.99 -10.28
CA SER F 163 32.60 -17.97 -10.92
C SER F 163 31.65 -17.39 -11.97
N GLN F 164 31.73 -16.07 -12.21
CA GLN F 164 31.04 -15.42 -13.34
C GLN F 164 31.69 -14.07 -13.65
N SER F 165 31.50 -13.54 -14.86
CA SER F 165 32.24 -12.34 -15.26
C SER F 165 31.84 -11.06 -14.47
N LEU F 166 32.84 -10.33 -14.01
CA LEU F 166 32.56 -9.16 -13.18
C LEU F 166 32.96 -7.90 -13.90
N GLY F 167 32.79 -7.90 -15.22
CA GLY F 167 33.16 -6.76 -16.02
C GLY F 167 34.56 -6.30 -15.72
N SER F 168 34.74 -5.00 -15.56
CA SER F 168 36.07 -4.48 -15.32
C SER F 168 36.12 -3.49 -14.18
N SER F 169 35.01 -3.32 -13.46
CA SER F 169 34.88 -2.20 -12.52
C SER F 169 34.22 -2.59 -11.22
N TYR F 170 34.17 -3.89 -10.92
CA TYR F 170 33.44 -4.34 -9.76
C TYR F 170 34.25 -5.30 -8.90
N LEU F 171 35.53 -5.00 -8.80
CA LEU F 171 36.41 -5.77 -7.93
C LEU F 171 37.34 -4.85 -7.16
N ALA F 172 37.55 -5.20 -5.89
CA ALA F 172 38.43 -4.45 -5.01
C ALA F 172 39.38 -5.38 -4.29
N TRP F 173 40.49 -4.83 -3.82
CA TRP F 173 41.48 -5.55 -3.01
C TRP F 173 41.69 -4.88 -1.67
N TYR F 174 41.78 -5.68 -0.62
CA TYR F 174 42.02 -5.13 0.71
C TYR F 174 43.22 -5.75 1.40
N GLN F 175 43.84 -4.96 2.28
CA GLN F 175 44.91 -5.41 3.17
C GLN F 175 44.37 -5.57 4.59
N GLN F 176 44.60 -6.71 5.22
CA GLN F 176 44.20 -6.78 6.62
C GLN F 176 45.33 -7.25 7.56
N LYS F 177 45.90 -6.28 8.30
CA LYS F 177 46.87 -6.56 9.34
C LYS F 177 46.17 -7.10 10.61
N PRO F 178 46.85 -8.00 11.36
CA PRO F 178 46.20 -8.70 12.47
C PRO F 178 45.39 -7.81 13.40
N GLY F 179 44.14 -8.20 13.66
CA GLY F 179 43.30 -7.51 14.61
C GLY F 179 43.00 -6.06 14.26
N GLN F 180 43.03 -5.77 12.96
CA GLN F 180 42.71 -4.44 12.46
C GLN F 180 41.57 -4.54 11.45
N ALA F 181 40.96 -3.40 11.18
CA ALA F 181 39.94 -3.34 10.16
C ALA F 181 40.61 -3.48 8.85
N PRO F 182 39.88 -3.96 7.82
CA PRO F 182 40.42 -4.04 6.46
C PRO F 182 40.90 -2.69 5.99
N ARG F 183 41.63 -2.70 4.88
CA ARG F 183 42.16 -1.46 4.36
C ARG F 183 42.05 -1.57 2.86
N LEU F 184 41.42 -0.57 2.28
CA LEU F 184 41.09 -0.59 0.87
C LEU F 184 42.36 -0.29 0.08
N LEU F 185 42.63 -1.12 -0.94
CA LEU F 185 43.78 -0.90 -1.79
C LEU F 185 43.41 -0.48 -3.17
N ILE F 186 42.64 -1.33 -3.83
CA ILE F 186 42.31 -1.12 -5.22
C ILE F 186 40.81 -1.16 -5.39
N TYR F 187 40.25 -0.29 -6.22
CA TYR F 187 38.84 -0.44 -6.59
C TYR F 187 38.71 -0.42 -8.12
N GLY F 188 37.61 -0.96 -8.62
CA GLY F 188 37.44 -1.10 -10.05
C GLY F 188 38.55 -1.92 -10.66
N ALA F 189 38.91 -3.01 -9.97
CA ALA F 189 39.94 -3.95 -10.43
C ALA F 189 41.36 -3.37 -10.60
N SER F 190 41.47 -2.08 -10.94
CA SER F 190 42.75 -1.45 -11.30
C SER F 190 43.00 -0.09 -10.66
N SER F 191 42.02 0.51 -10.01
CA SER F 191 42.22 1.85 -9.46
C SER F 191 42.75 1.83 -8.01
N ARG F 192 43.85 2.53 -7.78
CA ARG F 192 44.37 2.70 -6.42
C ARG F 192 43.43 3.56 -5.59
N ALA F 193 43.18 3.15 -4.35
CA ALA F 193 42.44 3.99 -3.38
C ALA F 193 43.30 5.19 -3.05
N PRO F 194 42.70 6.27 -2.57
CA PRO F 194 43.52 7.39 -2.13
C PRO F 194 44.61 6.97 -1.11
N GLY F 195 45.80 7.54 -1.26
CA GLY F 195 46.88 7.26 -0.33
C GLY F 195 47.48 5.88 -0.43
N ILE F 196 47.44 5.30 -1.61
CA ILE F 196 47.96 3.96 -1.83
C ILE F 196 49.19 4.03 -2.69
N PRO F 197 50.31 3.52 -2.16
CA PRO F 197 51.62 3.39 -2.81
C PRO F 197 51.56 2.76 -4.23
N ASP F 198 52.51 3.11 -5.10
CA ASP F 198 52.52 2.59 -6.46
C ASP F 198 52.89 1.11 -6.53
N ARG F 199 53.49 0.59 -5.46
CA ARG F 199 53.91 -0.80 -5.48
C ARG F 199 52.71 -1.75 -5.45
N PHE F 200 51.53 -1.22 -5.13
CA PHE F 200 50.29 -1.99 -5.25
C PHE F 200 49.62 -1.71 -6.59
N SER F 201 49.46 -2.77 -7.36
CA SER F 201 48.91 -2.63 -8.70
C SER F 201 47.96 -3.76 -9.00
N GLY F 202 46.73 -3.38 -9.32
CA GLY F 202 45.66 -4.31 -9.65
C GLY F 202 45.45 -4.42 -11.15
N SER F 203 44.95 -5.59 -11.58
CA SER F 203 44.73 -5.84 -12.99
C SER F 203 43.75 -6.97 -13.24
N GLY F 204 43.28 -7.04 -14.49
CA GLY F 204 42.35 -8.08 -14.92
C GLY F 204 40.93 -7.60 -15.15
N SER F 205 40.14 -8.42 -15.86
CA SER F 205 38.71 -8.18 -16.07
C SER F 205 38.06 -9.55 -16.34
N GLY F 206 36.75 -9.59 -16.51
CA GLY F 206 36.08 -10.86 -16.70
C GLY F 206 36.11 -11.73 -15.47
N THR F 207 36.89 -12.80 -15.51
CA THR F 207 36.88 -13.74 -14.38
C THR F 207 38.23 -13.88 -13.75
N ASP F 208 39.21 -13.12 -14.24
CA ASP F 208 40.59 -13.30 -13.79
C ASP F 208 41.19 -11.95 -13.37
N PHE F 209 41.55 -11.84 -12.10
CA PHE F 209 42.04 -10.59 -11.50
C PHE F 209 43.33 -10.75 -10.70
N THR F 210 44.14 -9.70 -10.71
CA THR F 210 45.45 -9.81 -10.11
C THR F 210 45.89 -8.62 -9.29
N LEU F 211 46.24 -8.87 -8.03
CA LEU F 211 46.92 -7.87 -7.24
C LEU F 211 48.41 -8.15 -7.27
N THR F 212 49.20 -7.12 -7.57
CA THR F 212 50.63 -7.30 -7.70
C THR F 212 51.40 -6.33 -6.83
N ILE F 213 52.02 -6.85 -5.78
CA ILE F 213 52.85 -6.01 -4.92
C ILE F 213 54.35 -6.21 -5.18
N SER F 214 54.99 -5.20 -5.78
CA SER F 214 56.44 -5.20 -5.95
C SER F 214 57.17 -4.59 -4.75
N ARG F 215 58.48 -4.87 -4.62
CA ARG F 215 59.32 -4.29 -3.56
C ARG F 215 58.62 -4.28 -2.20
N LEU F 216 58.15 -5.49 -1.84
CA LEU F 216 57.48 -5.76 -0.58
C LEU F 216 58.20 -5.14 0.58
N GLU F 217 57.45 -4.55 1.51
CA GLU F 217 58.08 -3.96 2.66
C GLU F 217 57.67 -4.73 3.89
N PRO F 218 58.42 -4.58 5.00
CA PRO F 218 58.17 -5.53 6.10
C PRO F 218 56.77 -5.44 6.70
N GLU F 219 56.16 -4.27 6.54
CA GLU F 219 54.81 -3.98 7.03
C GLU F 219 53.74 -4.59 6.13
N ASP F 220 54.10 -4.74 4.85
CA ASP F 220 53.22 -5.22 3.80
C ASP F 220 52.76 -6.64 3.99
N PHE F 221 53.20 -7.28 5.06
CA PHE F 221 52.85 -8.67 5.26
C PHE F 221 51.62 -8.79 6.14
N ALA F 222 50.56 -9.33 5.54
CA ALA F 222 49.22 -9.40 6.14
C ALA F 222 48.31 -10.24 5.25
N VAL F 223 47.04 -10.40 5.64
CA VAL F 223 46.07 -11.10 4.80
C VAL F 223 45.49 -10.19 3.74
N TYR F 224 45.32 -10.74 2.54
CA TYR F 224 44.87 -9.94 1.40
C TYR F 224 43.64 -10.53 0.79
N TYR F 225 42.59 -9.71 0.81
CA TYR F 225 41.29 -10.10 0.34
C TYR F 225 40.91 -9.36 -0.93
N CYS F 226 40.16 -10.08 -1.80
CA CYS F 226 39.51 -9.50 -2.98
C CYS F 226 38.00 -9.44 -2.78
N GLN F 227 37.36 -8.41 -3.34
CA GLN F 227 35.92 -8.24 -3.17
C GLN F 227 35.25 -7.91 -4.48
N GLN F 228 34.12 -8.57 -4.77
CA GLN F 228 33.30 -8.23 -5.95
C GLN F 228 32.05 -7.43 -5.62
N TYR F 229 31.70 -6.51 -6.51
CA TYR F 229 30.46 -5.78 -6.34
C TYR F 229 29.70 -5.56 -7.65
N ALA F 230 29.78 -6.58 -8.51
CA ALA F 230 29.02 -6.60 -9.73
C ALA F 230 27.61 -7.14 -9.47
N ASP F 231 27.40 -7.83 -8.35
CA ASP F 231 26.12 -8.48 -8.09
C ASP F 231 25.83 -8.81 -6.63
N SER F 232 24.64 -8.47 -6.13
CA SER F 232 24.23 -8.89 -4.78
C SER F 232 24.04 -10.43 -4.70
N PRO F 233 24.50 -11.06 -3.61
CA PRO F 233 25.16 -10.39 -2.50
C PRO F 233 26.64 -10.15 -2.78
N ILE F 234 27.20 -9.11 -2.16
CA ILE F 234 28.63 -8.89 -2.21
C ILE F 234 29.33 -10.08 -1.56
N THR F 235 30.33 -10.62 -2.23
CA THR F 235 31.13 -11.70 -1.69
C THR F 235 32.61 -11.37 -1.68
N PHE F 236 33.31 -11.96 -0.69
CA PHE F 236 34.75 -11.80 -0.53
C PHE F 236 35.47 -13.10 -0.84
N GLY F 237 36.77 -13.00 -1.14
CA GLY F 237 37.64 -14.17 -1.18
C GLY F 237 37.81 -14.67 0.24
N GLN F 238 38.25 -15.91 0.39
CA GLN F 238 38.55 -16.49 1.69
C GLN F 238 39.95 -16.06 2.17
N GLY F 239 40.70 -15.44 1.27
CA GLY F 239 41.93 -14.73 1.62
C GLY F 239 43.23 -15.36 1.18
N THR F 240 44.28 -14.56 1.07
CA THR F 240 45.64 -15.05 0.86
C THR F 240 46.54 -14.51 1.96
N ARG F 241 47.28 -15.41 2.62
CA ARG F 241 48.13 -15.02 3.76
C ARG F 241 49.59 -14.76 3.33
N LEU F 242 50.05 -13.52 3.49
CA LEU F 242 51.40 -13.14 3.06
C LEU F 242 52.33 -13.02 4.29
N GLU F 243 53.34 -13.90 4.34
CA GLU F 243 54.23 -13.94 5.48
C GLU F 243 55.71 -13.91 5.09
N ILE F 244 56.54 -13.33 5.96
CA ILE F 244 57.96 -13.16 5.67
C ILE F 244 58.77 -14.44 5.90
N LYS F 245 59.59 -14.78 4.90
CA LYS F 245 60.52 -15.90 4.94
C LYS F 245 61.94 -15.44 5.18
N ARG F 246 62.82 -16.38 5.52
CA ARG F 246 64.23 -16.08 5.84
C ARG F 246 65.16 -16.29 4.64
N GLN G 1 -2.87 -10.54 -41.35
CA GLN G 1 -3.50 -9.22 -41.44
C GLN G 1 -3.94 -8.59 -40.12
N VAL G 2 -3.33 -7.46 -39.76
CA VAL G 2 -3.70 -6.75 -38.53
C VAL G 2 -5.10 -6.13 -38.68
N GLN G 3 -5.96 -6.38 -37.70
CA GLN G 3 -7.35 -5.93 -37.81
C GLN G 3 -7.98 -5.53 -36.50
N LEU G 4 -8.58 -4.34 -36.47
CA LEU G 4 -9.35 -3.93 -35.33
C LEU G 4 -10.79 -3.76 -35.77
N VAL G 5 -11.65 -4.61 -35.22
CA VAL G 5 -13.03 -4.61 -35.63
C VAL G 5 -13.88 -4.24 -34.46
N GLN G 6 -14.61 -3.14 -34.66
CA GLN G 6 -15.37 -2.52 -33.60
C GLN G 6 -16.82 -2.94 -33.74
N SER G 7 -17.51 -2.89 -32.60
CA SER G 7 -18.95 -3.10 -32.54
C SER G 7 -19.70 -2.11 -33.43
N GLY G 8 -20.97 -2.43 -33.69
CA GLY G 8 -21.80 -1.64 -34.58
C GLY G 8 -22.12 -0.25 -34.07
N ALA G 9 -22.65 0.57 -34.98
CA ALA G 9 -23.10 1.91 -34.64
C ALA G 9 -24.22 1.81 -33.63
N GLU G 10 -24.36 2.83 -32.79
CA GLU G 10 -25.37 2.76 -31.75
C GLU G 10 -26.06 4.10 -31.62
N VAL G 11 -27.29 4.07 -31.11
CA VAL G 11 -28.04 5.29 -30.85
C VAL G 11 -28.47 5.33 -29.39
N LYS G 12 -28.13 6.41 -28.70
CA LYS G 12 -28.40 6.49 -27.27
C LYS G 12 -29.08 7.81 -26.91
N LYS G 13 -29.89 7.80 -25.85
CA LYS G 13 -30.51 9.01 -25.30
C LYS G 13 -29.57 9.68 -24.34
N PRO G 14 -29.76 10.97 -24.07
CA PRO G 14 -28.91 11.68 -23.11
C PRO G 14 -28.90 11.04 -21.74
N GLY G 15 -27.87 11.29 -20.95
CA GLY G 15 -27.73 10.67 -19.64
C GLY G 15 -27.12 9.28 -19.74
N SER G 16 -27.59 8.51 -20.71
CA SER G 16 -27.17 7.12 -20.94
C SER G 16 -25.68 6.86 -21.13
N SER G 17 -25.33 5.58 -21.27
CA SER G 17 -23.95 5.17 -21.48
C SER G 17 -23.85 4.15 -22.61
N VAL G 18 -22.73 4.19 -23.31
CA VAL G 18 -22.50 3.25 -24.38
C VAL G 18 -21.17 2.55 -24.09
N LYS G 19 -21.09 1.28 -24.49
CA LYS G 19 -19.89 0.52 -24.35
C LYS G 19 -19.53 0.06 -25.74
N VAL G 20 -18.38 0.51 -26.23
CA VAL G 20 -17.95 0.16 -27.58
C VAL G 20 -16.86 -0.89 -27.47
N SER G 21 -16.88 -1.86 -28.37
CA SER G 21 -15.91 -2.93 -28.32
C SER G 21 -14.94 -2.83 -29.49
N CYS G 22 -13.80 -3.50 -29.32
CA CYS G 22 -12.76 -3.51 -30.32
C CYS G 22 -12.00 -4.82 -30.20
N LYS G 23 -12.09 -5.66 -31.24
CA LYS G 23 -11.49 -6.99 -31.21
C LYS G 23 -10.25 -7.10 -32.07
N ALA G 24 -9.13 -7.50 -31.47
CA ALA G 24 -7.87 -7.57 -32.22
C ALA G 24 -7.67 -8.89 -32.94
N SER G 25 -7.33 -8.81 -34.23
CA SER G 25 -6.86 -9.95 -34.98
C SER G 25 -5.37 -9.78 -35.19
N GLY G 26 -4.89 -9.83 -36.43
CA GLY G 26 -3.47 -9.61 -36.72
C GLY G 26 -2.52 -10.41 -35.86
N TYR G 27 -1.49 -9.75 -35.34
CA TYR G 27 -0.68 -10.33 -34.26
C TYR G 27 -1.05 -9.82 -32.84
N THR G 28 -0.10 -10.00 -31.94
CA THR G 28 -0.06 -9.65 -30.53
C THR G 28 -1.26 -9.32 -29.59
N PHE G 29 -1.85 -8.14 -29.77
CA PHE G 29 -2.78 -7.51 -28.81
C PHE G 29 -2.13 -7.23 -27.46
N SER G 30 -1.86 -8.31 -26.73
CA SER G 30 -1.33 -8.22 -25.37
C SER G 30 -0.05 -7.41 -25.25
N SER G 31 0.78 -7.43 -26.28
CA SER G 31 2.01 -6.64 -26.25
C SER G 31 1.78 -5.18 -26.64
N ASN G 32 0.76 -4.87 -27.44
CA ASN G 32 0.66 -3.48 -27.87
C ASN G 32 -0.34 -2.67 -27.02
N VAL G 33 -0.09 -1.36 -26.94
CA VAL G 33 -0.93 -0.43 -26.19
C VAL G 33 -2.14 0.04 -26.96
N ILE G 34 -3.28 0.11 -26.29
CA ILE G 34 -4.52 0.46 -26.97
C ILE G 34 -5.07 1.80 -26.52
N SER G 35 -5.25 2.69 -27.49
CA SER G 35 -5.79 4.02 -27.27
C SER G 35 -7.20 4.10 -27.81
N TRP G 36 -7.98 5.07 -27.33
CA TRP G 36 -9.26 5.43 -27.95
C TRP G 36 -9.30 6.92 -28.30
N VAL G 37 -9.70 7.19 -29.53
CA VAL G 37 -9.83 8.54 -30.07
C VAL G 37 -11.20 8.77 -30.66
N ARG G 38 -11.84 9.90 -30.37
CA ARG G 38 -13.14 10.21 -31.00
C ARG G 38 -13.04 11.36 -31.99
N GLN G 39 -14.00 11.42 -32.91
CA GLN G 39 -14.09 12.49 -33.89
C GLN G 39 -15.52 13.00 -33.99
N ALA G 40 -15.78 14.16 -33.38
CA ALA G 40 -17.09 14.79 -33.45
C ALA G 40 -17.31 15.29 -34.86
N PRO G 41 -18.58 15.30 -35.32
CA PRO G 41 -18.99 15.73 -36.66
C PRO G 41 -18.21 16.91 -37.28
N GLY G 42 -17.57 16.64 -38.42
CA GLY G 42 -16.82 17.63 -39.18
C GLY G 42 -15.85 18.41 -38.32
N GLN G 43 -15.18 17.71 -37.41
CA GLN G 43 -14.32 18.39 -36.45
C GLN G 43 -12.95 17.72 -36.35
N GLY G 44 -12.05 18.30 -35.55
CA GLY G 44 -10.78 17.66 -35.22
C GLY G 44 -10.96 16.44 -34.36
N LEU G 45 -9.87 15.77 -33.98
CA LEU G 45 -9.97 14.57 -33.14
C LEU G 45 -9.60 14.82 -31.69
N GLU G 46 -10.23 14.09 -30.79
CA GLU G 46 -9.87 14.15 -29.37
C GLU G 46 -9.26 12.83 -28.90
N TRP G 47 -8.14 12.89 -28.19
CA TRP G 47 -7.66 11.68 -27.51
C TRP G 47 -8.50 11.40 -26.25
N MET G 48 -8.96 10.17 -26.04
CA MET G 48 -9.85 9.90 -24.89
C MET G 48 -9.11 9.24 -23.73
N GLY G 49 -8.31 8.23 -24.06
CA GLY G 49 -7.58 7.45 -23.09
C GLY G 49 -6.88 6.28 -23.73
N GLY G 50 -6.36 5.38 -22.90
CA GLY G 50 -5.59 4.23 -23.35
C GLY G 50 -5.47 3.19 -22.25
N VAL G 51 -5.07 1.99 -22.59
CA VAL G 51 -4.84 0.98 -21.57
C VAL G 51 -3.68 0.07 -22.00
N ILE G 52 -2.99 -0.51 -21.02
CA ILE G 52 -1.93 -1.48 -21.29
C ILE G 52 -2.45 -2.86 -20.90
N PRO G 53 -2.53 -3.78 -21.87
CA PRO G 53 -3.39 -4.97 -21.76
C PRO G 53 -3.25 -5.82 -20.48
N ILE G 54 -2.12 -6.50 -20.27
CA ILE G 54 -2.08 -7.54 -19.24
C ILE G 54 -2.13 -6.95 -17.83
N VAL G 55 -1.36 -5.89 -17.66
CA VAL G 55 -1.27 -5.24 -16.39
C VAL G 55 -2.52 -4.40 -16.08
N ASP G 56 -3.43 -4.34 -17.05
CA ASP G 56 -4.69 -3.61 -16.94
C ASP G 56 -4.49 -2.21 -16.36
N ILE G 57 -3.52 -1.48 -16.90
CA ILE G 57 -3.17 -0.10 -16.47
C ILE G 57 -3.72 0.97 -17.43
N ALA G 58 -4.55 1.88 -16.93
CA ALA G 58 -5.17 2.91 -17.78
C ALA G 58 -4.72 4.35 -17.51
N ASN G 59 -4.50 5.10 -18.57
CA ASN G 59 -4.31 6.54 -18.45
C ASN G 59 -5.36 7.22 -19.34
N TYR G 60 -6.08 8.20 -18.80
CA TYR G 60 -7.14 8.91 -19.53
C TYR G 60 -6.76 10.39 -19.76
N ALA G 61 -7.56 11.10 -20.55
CA ALA G 61 -7.36 12.54 -20.73
C ALA G 61 -8.20 13.33 -19.73
N GLN G 62 -7.69 14.49 -19.33
CA GLN G 62 -8.33 15.36 -18.35
C GLN G 62 -9.86 15.40 -18.42
N ARG G 63 -10.37 15.95 -19.51
CA ARG G 63 -11.80 16.13 -19.73
C ARG G 63 -12.70 14.90 -19.56
N PHE G 64 -12.11 13.71 -19.53
CA PHE G 64 -12.92 12.50 -19.61
C PHE G 64 -12.89 11.66 -18.36
N LYS G 65 -11.95 11.97 -17.47
CA LYS G 65 -11.83 11.25 -16.20
C LYS G 65 -13.19 11.17 -15.51
N GLY G 66 -13.59 9.94 -15.22
CA GLY G 66 -14.86 9.70 -14.60
C GLY G 66 -15.86 9.16 -15.60
N ARG G 67 -16.01 9.89 -16.71
CA ARG G 67 -17.06 9.54 -17.64
C ARG G 67 -16.62 8.38 -18.52
N VAL G 68 -15.30 8.13 -18.59
CA VAL G 68 -14.78 7.06 -19.44
C VAL G 68 -14.08 5.93 -18.69
N THR G 69 -14.34 4.71 -19.15
CA THR G 69 -13.71 3.55 -18.59
C THR G 69 -13.26 2.61 -19.70
N ILE G 70 -11.95 2.61 -19.93
CA ILE G 70 -11.30 1.70 -20.86
C ILE G 70 -10.67 0.51 -20.14
N THR G 71 -11.02 -0.69 -20.60
CA THR G 71 -10.52 -1.92 -20.01
C THR G 71 -10.11 -2.89 -21.10
N ALA G 72 -9.19 -3.77 -20.76
CA ALA G 72 -8.77 -4.79 -21.69
C ALA G 72 -9.20 -6.15 -21.18
N ASP G 73 -9.71 -6.94 -22.10
CA ASP G 73 -10.10 -8.30 -21.83
C ASP G 73 -9.28 -9.18 -22.75
N GLU G 74 -8.15 -9.64 -22.23
CA GLU G 74 -7.14 -10.32 -23.03
C GLU G 74 -7.60 -11.72 -23.48
N SER G 75 -8.49 -12.31 -22.69
CA SER G 75 -9.03 -13.63 -22.97
C SER G 75 -9.77 -13.62 -24.31
N THR G 76 -10.21 -12.44 -24.70
CA THR G 76 -10.98 -12.25 -25.92
C THR G 76 -10.33 -11.28 -26.94
N SER G 77 -9.13 -10.80 -26.62
CA SER G 77 -8.38 -9.91 -27.49
C SER G 77 -9.19 -8.64 -27.79
N THR G 78 -9.82 -8.11 -26.76
CA THR G 78 -10.83 -7.09 -26.93
C THR G 78 -10.74 -5.95 -25.91
N THR G 79 -10.86 -4.73 -26.41
CA THR G 79 -10.82 -3.58 -25.52
C THR G 79 -12.17 -2.86 -25.51
N TYR G 80 -12.56 -2.37 -24.34
CA TYR G 80 -13.88 -1.82 -24.15
C TYR G 80 -13.84 -0.38 -23.67
N MET G 81 -14.47 0.50 -24.45
CA MET G 81 -14.64 1.88 -24.05
C MET G 81 -16.08 2.11 -23.64
N GLU G 82 -16.25 2.61 -22.42
CA GLU G 82 -17.56 2.93 -21.89
C GLU G 82 -17.65 4.39 -21.51
N LEU G 83 -18.55 5.11 -22.16
CA LEU G 83 -18.73 6.52 -21.88
C LEU G 83 -20.13 6.70 -21.27
N SER G 84 -20.20 7.42 -20.15
CA SER G 84 -21.45 7.56 -19.41
C SER G 84 -21.88 9.04 -19.32
N SER G 85 -23.14 9.28 -18.94
CA SER G 85 -23.68 10.64 -18.92
C SER G 85 -23.51 11.27 -20.29
N LEU G 86 -24.02 10.59 -21.31
CA LEU G 86 -23.95 11.07 -22.69
C LEU G 86 -24.69 12.38 -22.88
N ARG G 87 -23.96 13.43 -23.23
CA ARG G 87 -24.62 14.63 -23.71
C ARG G 87 -24.60 14.66 -25.25
N SER G 88 -25.09 15.76 -25.83
CA SER G 88 -25.22 15.86 -27.28
C SER G 88 -23.86 15.98 -27.95
N GLU G 89 -22.95 16.70 -27.29
CA GLU G 89 -21.60 16.89 -27.81
C GLU G 89 -20.78 15.60 -27.79
N ASP G 90 -21.33 14.54 -27.20
CA ASP G 90 -20.72 13.22 -27.23
C ASP G 90 -20.97 12.49 -28.54
N THR G 91 -21.85 13.04 -29.37
CA THR G 91 -22.11 12.43 -30.66
C THR G 91 -20.88 12.55 -31.52
N ALA G 92 -20.33 11.41 -31.93
CA ALA G 92 -19.05 11.42 -32.64
C ALA G 92 -18.70 10.04 -33.18
N VAL G 93 -17.64 9.99 -33.99
CA VAL G 93 -17.13 8.71 -34.45
C VAL G 93 -15.95 8.32 -33.58
N TYR G 94 -16.10 7.15 -32.98
CA TYR G 94 -15.20 6.63 -31.98
C TYR G 94 -14.26 5.54 -32.55
N TYR G 95 -12.95 5.74 -32.41
CA TYR G 95 -11.93 4.84 -32.96
C TYR G 95 -11.09 4.16 -31.89
N CYS G 96 -10.76 2.89 -32.06
CA CYS G 96 -9.68 2.30 -31.25
C CYS G 96 -8.42 2.15 -32.09
N ALA G 97 -7.27 2.38 -31.46
CA ALA G 97 -5.99 2.23 -32.17
C ALA G 97 -4.90 1.68 -31.27
N SER G 98 -3.99 0.91 -31.88
CA SER G 98 -2.84 0.43 -31.14
C SER G 98 -1.74 1.45 -31.36
N THR G 99 -0.91 1.65 -30.33
CA THR G 99 0.19 2.59 -30.42
C THR G 99 1.45 1.93 -30.96
N LEU G 100 2.46 2.74 -31.24
CA LEU G 100 3.75 2.23 -31.69
C LEU G 100 4.55 1.54 -30.60
N GLY G 101 4.18 1.79 -29.33
CA GLY G 101 4.94 1.23 -28.22
C GLY G 101 4.79 1.96 -26.90
N LEU G 102 4.90 3.29 -26.94
CA LEU G 102 4.77 4.09 -25.74
C LEU G 102 3.30 4.23 -25.33
N VAL G 103 3.05 4.74 -24.13
CA VAL G 103 1.68 4.93 -23.70
C VAL G 103 1.07 6.08 -24.53
N LEU G 104 1.77 7.21 -24.56
CA LEU G 104 1.47 8.28 -25.51
C LEU G 104 2.42 8.21 -26.68
N ASP G 105 1.89 7.90 -27.85
CA ASP G 105 2.67 7.67 -29.06
C ASP G 105 1.83 7.98 -30.31
N ALA G 106 2.43 7.83 -31.48
CA ALA G 106 1.68 7.79 -32.71
C ALA G 106 0.94 6.45 -32.72
N MET G 107 -0.09 6.32 -33.54
CA MET G 107 -0.91 5.10 -33.62
C MET G 107 -0.97 4.55 -35.03
N ASP G 108 -0.63 3.27 -35.25
CA ASP G 108 -0.55 2.77 -36.64
C ASP G 108 -1.71 1.86 -37.12
N TYR G 109 -2.37 1.13 -36.23
CA TYR G 109 -3.49 0.34 -36.68
C TYR G 109 -4.80 0.85 -36.07
N TRP G 110 -5.78 1.14 -36.90
CA TRP G 110 -6.99 1.77 -36.41
C TRP G 110 -8.19 0.90 -36.65
N GLY G 111 -9.25 1.18 -35.92
CA GLY G 111 -10.51 0.50 -36.13
C GLY G 111 -11.23 1.11 -37.31
N GLN G 112 -12.41 0.59 -37.62
CA GLN G 112 -13.15 1.07 -38.78
C GLN G 112 -14.08 2.18 -38.37
N GLY G 113 -14.12 2.44 -37.07
CA GLY G 113 -14.99 3.44 -36.47
C GLY G 113 -16.26 2.83 -35.92
N THR G 114 -16.77 3.45 -34.88
CA THR G 114 -18.10 3.15 -34.37
C THR G 114 -18.85 4.44 -34.15
N LEU G 115 -19.96 4.63 -34.88
CA LEU G 115 -20.73 5.84 -34.74
C LEU G 115 -21.62 5.83 -33.51
N VAL G 116 -21.52 6.90 -32.74
CA VAL G 116 -22.40 7.11 -31.61
C VAL G 116 -23.23 8.37 -31.80
N THR G 117 -24.56 8.20 -31.81
CA THR G 117 -25.48 9.31 -32.01
C THR G 117 -26.23 9.60 -30.72
N VAL G 118 -26.11 10.81 -30.21
CA VAL G 118 -26.82 11.19 -29.00
C VAL G 118 -27.73 12.38 -29.28
N SER G 119 -29.00 12.13 -29.61
CA SER G 119 -29.95 13.22 -29.82
C SER G 119 -31.09 13.21 -28.83
N SER G 120 -32.04 14.12 -29.05
CA SER G 120 -33.31 14.14 -28.34
C SER G 120 -34.32 14.87 -29.19
N LEU G 137 -5.40 24.03 -20.51
CA LEU G 137 -4.10 23.66 -19.95
C LEU G 137 -3.21 22.87 -20.92
N GLU G 138 -3.81 22.17 -21.87
CA GLU G 138 -3.05 21.36 -22.82
C GLU G 138 -2.38 22.08 -23.98
N THR G 139 -1.43 21.37 -24.57
CA THR G 139 -0.70 21.82 -25.73
C THR G 139 -1.62 22.02 -26.92
N VAL G 140 -1.40 23.09 -27.69
CA VAL G 140 -2.26 23.44 -28.82
C VAL G 140 -1.55 23.32 -30.17
N LEU G 141 -2.11 22.54 -31.07
CA LEU G 141 -1.50 22.41 -32.39
C LEU G 141 -2.22 23.30 -33.38
N THR G 142 -1.47 24.25 -33.94
CA THR G 142 -1.99 25.14 -34.96
C THR G 142 -1.48 24.78 -36.35
N GLN G 143 -2.37 24.24 -37.17
CA GLN G 143 -2.02 23.92 -38.55
C GLN G 143 -2.40 25.07 -39.48
N SER G 144 -1.62 25.22 -40.54
CA SER G 144 -1.95 26.13 -41.63
C SER G 144 -1.37 25.51 -42.89
N PRO G 145 -1.97 25.77 -44.03
CA PRO G 145 -3.16 26.59 -44.22
C PRO G 145 -4.41 25.79 -43.90
N GLY G 146 -5.50 26.46 -43.52
CA GLY G 146 -6.75 25.78 -43.25
C GLY G 146 -7.16 24.92 -44.43
N THR G 147 -6.92 25.47 -45.63
CA THR G 147 -7.26 24.81 -46.88
C THR G 147 -6.16 25.03 -47.87
N LEU G 148 -6.01 24.07 -48.78
CA LEU G 148 -4.92 24.11 -49.75
C LEU G 148 -5.29 23.31 -51.00
N SER G 149 -5.32 23.99 -52.13
CA SER G 149 -5.66 23.37 -53.40
C SER G 149 -4.49 23.36 -54.39
N LEU G 150 -4.25 22.21 -55.01
CA LEU G 150 -3.12 22.03 -55.93
C LEU G 150 -3.42 21.03 -57.05
N SER G 151 -2.47 20.87 -57.97
CA SER G 151 -2.64 20.02 -59.16
C SER G 151 -1.61 18.89 -59.12
N PRO G 152 -2.03 17.67 -59.54
CA PRO G 152 -1.17 16.47 -59.43
C PRO G 152 0.25 16.68 -59.96
N GLY G 153 1.22 16.45 -59.08
CA GLY G 153 2.62 16.61 -59.42
C GLY G 153 3.27 17.76 -58.69
N GLU G 154 2.46 18.71 -58.24
CA GLU G 154 2.97 19.85 -57.50
C GLU G 154 3.46 19.40 -56.11
N ARG G 155 3.94 20.34 -55.32
CA ARG G 155 4.40 20.00 -53.99
C ARG G 155 3.62 20.69 -52.90
N ALA G 156 3.30 19.94 -51.86
CA ALA G 156 2.52 20.46 -50.75
C ALA G 156 3.40 20.66 -49.53
N THR G 157 3.16 21.76 -48.83
CA THR G 157 3.89 22.11 -47.61
C THR G 157 2.92 22.45 -46.48
N LEU G 158 2.60 21.45 -45.66
CA LEU G 158 1.70 21.62 -44.52
C LEU G 158 2.49 21.94 -43.26
N SER G 159 1.94 22.80 -42.43
CA SER G 159 2.65 23.31 -41.27
C SER G 159 1.96 22.94 -39.95
N CYS G 160 2.73 22.60 -38.90
CA CYS G 160 2.14 22.40 -37.58
C CYS G 160 2.98 23.11 -36.54
N ARG G 161 2.36 24.01 -35.79
CA ARG G 161 3.08 24.82 -34.82
C ARG G 161 2.44 24.65 -33.44
N ALA G 162 3.27 24.41 -32.44
CA ALA G 162 2.76 24.01 -31.13
C ALA G 162 3.08 25.04 -30.08
N SER G 163 2.21 25.12 -29.08
CA SER G 163 2.35 26.13 -28.04
C SER G 163 3.47 25.81 -27.03
N GLN G 164 4.17 24.70 -27.26
CA GLN G 164 5.36 24.35 -26.47
C GLN G 164 6.23 23.36 -27.27
N SER G 165 7.50 23.26 -26.93
CA SER G 165 8.41 22.42 -27.71
C SER G 165 8.12 20.94 -27.52
N LEU G 166 8.19 20.21 -28.61
CA LEU G 166 7.88 18.78 -28.62
C LEU G 166 9.13 17.99 -28.96
N GLY G 167 10.28 18.51 -28.58
CA GLY G 167 11.53 17.88 -28.92
C GLY G 167 11.59 17.62 -30.42
N SER G 168 11.98 16.39 -30.78
CA SER G 168 12.13 16.01 -32.18
C SER G 168 11.54 14.63 -32.49
N SER G 169 10.83 14.06 -31.53
CA SER G 169 10.44 12.66 -31.61
C SER G 169 9.04 12.35 -31.09
N TYR G 170 8.25 13.39 -30.89
CA TYR G 170 6.95 13.24 -30.27
C TYR G 170 5.87 13.94 -31.10
N LEU G 171 6.02 13.86 -32.42
CA LEU G 171 5.08 14.45 -33.37
C LEU G 171 4.76 13.53 -34.53
N ALA G 172 3.51 13.50 -34.93
CA ALA G 172 3.10 12.63 -36.01
C ALA G 172 2.30 13.38 -37.04
N TRP G 173 2.26 12.82 -38.25
CA TRP G 173 1.44 13.34 -39.32
C TRP G 173 0.50 12.23 -39.79
N TYR G 174 -0.76 12.58 -40.04
CA TYR G 174 -1.75 11.60 -40.51
C TYR G 174 -2.53 12.01 -41.77
N GLN G 175 -2.96 10.99 -42.53
CA GLN G 175 -3.87 11.18 -43.66
C GLN G 175 -5.27 10.64 -43.35
N GLN G 176 -6.29 11.47 -43.55
CA GLN G 176 -7.67 11.01 -43.36
C GLN G 176 -8.52 11.24 -44.59
N LYS G 177 -8.78 10.15 -45.31
CA LYS G 177 -9.70 10.18 -46.42
C LYS G 177 -11.11 10.11 -45.87
N PRO G 178 -12.08 10.74 -46.56
CA PRO G 178 -13.48 10.90 -46.14
C PRO G 178 -14.19 9.64 -45.60
N GLY G 179 -14.73 9.78 -44.39
CA GLY G 179 -15.47 8.71 -43.73
C GLY G 179 -14.67 7.47 -43.47
N GLN G 180 -13.35 7.64 -43.35
CA GLN G 180 -12.42 6.56 -43.08
C GLN G 180 -11.61 6.83 -41.81
N ALA G 181 -10.95 5.80 -41.32
CA ALA G 181 -10.05 5.97 -40.17
C ALA G 181 -8.81 6.71 -40.60
N PRO G 182 -8.19 7.43 -39.65
CA PRO G 182 -6.92 8.10 -39.93
C PRO G 182 -5.89 7.09 -40.38
N ARG G 183 -4.81 7.56 -40.98
CA ARG G 183 -3.79 6.67 -41.48
C ARG G 183 -2.43 7.30 -41.24
N LEU G 184 -1.56 6.57 -40.56
CA LEU G 184 -0.29 7.14 -40.09
C LEU G 184 0.72 7.32 -41.17
N LEU G 185 1.31 8.50 -41.20
CA LEU G 185 2.34 8.82 -42.16
C LEU G 185 3.70 8.98 -41.51
N ILE G 186 3.80 9.88 -40.54
CA ILE G 186 5.08 10.22 -39.93
C ILE G 186 5.01 10.10 -38.38
N TYR G 187 6.07 9.57 -37.77
CA TYR G 187 6.22 9.61 -36.32
C TYR G 187 7.59 10.16 -36.00
N GLY G 188 7.78 10.60 -34.76
CA GLY G 188 9.04 11.20 -34.36
C GLY G 188 9.40 12.34 -35.30
N ALA G 189 8.38 13.10 -35.68
CA ALA G 189 8.48 14.23 -36.60
C ALA G 189 8.97 13.89 -38.02
N SER G 190 9.79 12.85 -38.14
CA SER G 190 10.46 12.61 -39.40
C SER G 190 10.47 11.18 -39.97
N SER G 191 10.05 10.20 -39.18
CA SER G 191 10.13 8.82 -39.63
C SER G 191 8.87 8.35 -40.37
N ARG G 192 9.04 7.79 -41.55
CA ARG G 192 7.95 7.18 -42.29
C ARG G 192 7.39 5.97 -41.54
N ALA G 193 6.08 5.83 -41.55
CA ALA G 193 5.47 4.58 -41.12
C ALA G 193 5.87 3.50 -42.11
N PRO G 194 5.75 2.24 -41.69
CA PRO G 194 5.87 1.12 -42.62
C PRO G 194 4.92 1.27 -43.84
N GLY G 195 5.40 0.90 -45.02
CA GLY G 195 4.59 0.90 -46.24
C GLY G 195 4.17 2.27 -46.73
N ILE G 196 4.96 3.30 -46.43
CA ILE G 196 4.56 4.64 -46.80
C ILE G 196 5.48 5.24 -47.87
N PRO G 197 4.91 5.58 -49.03
CA PRO G 197 5.66 6.16 -50.15
C PRO G 197 6.59 7.31 -49.75
N ASP G 198 7.71 7.42 -50.45
CA ASP G 198 8.76 8.35 -50.07
C ASP G 198 8.42 9.82 -50.33
N ARG G 199 7.38 10.04 -51.15
CA ARG G 199 6.96 11.40 -51.49
C ARG G 199 6.36 12.14 -50.28
N PHE G 200 6.06 11.38 -49.23
CA PHE G 200 5.66 11.94 -47.94
C PHE G 200 6.91 12.12 -47.08
N SER G 201 7.16 13.33 -46.57
CA SER G 201 8.38 13.58 -45.81
C SER G 201 8.16 14.50 -44.60
N GLY G 202 8.56 14.05 -43.42
CA GLY G 202 8.38 14.82 -42.21
C GLY G 202 9.60 15.66 -41.90
N SER G 203 9.44 16.72 -41.12
CA SER G 203 10.57 17.56 -40.69
C SER G 203 10.17 18.45 -39.51
N GLY G 204 11.17 19.14 -38.96
CA GLY G 204 10.94 20.08 -37.90
C GLY G 204 11.36 19.59 -36.53
N SER G 205 11.56 20.52 -35.62
CA SER G 205 11.84 20.19 -34.22
C SER G 205 11.49 21.42 -33.40
N GLY G 206 11.48 21.28 -32.08
CA GLY G 206 11.01 22.35 -31.22
C GLY G 206 9.51 22.59 -31.35
N THR G 207 9.11 23.72 -31.92
CA THR G 207 7.69 24.10 -31.98
C THR G 207 7.17 24.26 -33.41
N ASP G 208 7.98 23.93 -34.40
CA ASP G 208 7.63 24.08 -35.82
C ASP G 208 7.91 22.81 -36.62
N PHE G 209 6.87 22.28 -37.26
CA PHE G 209 7.01 21.03 -38.00
C PHE G 209 6.37 21.11 -39.38
N THR G 210 6.79 20.26 -40.28
CA THR G 210 6.29 20.31 -41.64
C THR G 210 6.10 18.94 -42.26
N LEU G 211 4.92 18.70 -42.81
CA LEU G 211 4.72 17.52 -43.64
C LEU G 211 4.86 18.00 -45.08
N THR G 212 5.63 17.28 -45.89
CA THR G 212 5.88 17.71 -47.27
C THR G 212 5.67 16.60 -48.30
N ILE G 213 4.64 16.77 -49.12
CA ILE G 213 4.36 15.84 -50.20
C ILE G 213 4.81 16.38 -51.56
N SER G 214 5.83 15.78 -52.16
CA SER G 214 6.17 16.07 -53.55
C SER G 214 5.39 15.14 -54.50
N ARG G 215 5.26 15.54 -55.76
CA ARG G 215 4.53 14.78 -56.80
C ARG G 215 3.17 14.21 -56.35
N LEU G 216 2.29 15.10 -55.87
CA LEU G 216 0.92 14.77 -55.46
C LEU G 216 0.21 13.86 -56.44
N GLU G 217 -0.51 12.87 -55.94
CA GLU G 217 -1.25 11.95 -56.79
C GLU G 217 -2.76 12.05 -56.51
N PRO G 218 -3.63 11.57 -57.44
CA PRO G 218 -5.07 11.86 -57.30
C PRO G 218 -5.72 11.25 -56.07
N GLU G 219 -5.13 10.21 -55.51
CA GLU G 219 -5.63 9.63 -54.28
C GLU G 219 -5.15 10.43 -53.06
N ASP G 220 -4.00 11.10 -53.19
CA ASP G 220 -3.39 11.88 -52.10
C ASP G 220 -4.25 13.01 -51.56
N PHE G 221 -5.46 13.18 -52.06
CA PHE G 221 -6.28 14.30 -51.62
C PHE G 221 -7.21 13.88 -50.49
N ALA G 222 -7.00 14.52 -49.34
CA ALA G 222 -7.66 14.18 -48.08
C ALA G 222 -7.36 15.25 -47.01
N VAL G 223 -7.91 15.09 -45.81
CA VAL G 223 -7.62 16.02 -44.71
C VAL G 223 -6.35 15.55 -43.95
N TYR G 224 -5.48 16.47 -43.53
CA TYR G 224 -4.21 16.06 -42.91
C TYR G 224 -4.02 16.63 -41.52
N TYR G 225 -3.89 15.74 -40.55
CA TYR G 225 -3.80 16.15 -39.15
C TYR G 225 -2.38 15.93 -38.59
N CYS G 226 -1.96 16.82 -37.70
CA CYS G 226 -0.74 16.65 -36.93
C CYS G 226 -1.11 16.35 -35.48
N GLN G 227 -0.28 15.55 -34.80
CA GLN G 227 -0.52 15.11 -33.40
C GLN G 227 0.70 15.21 -32.52
N GLN G 228 0.54 15.75 -31.33
CA GLN G 228 1.66 15.74 -30.40
C GLN G 228 1.41 14.66 -29.38
N TYR G 229 2.49 14.02 -28.96
CA TYR G 229 2.37 13.06 -27.87
C TYR G 229 3.51 13.21 -26.87
N ALA G 230 3.99 14.45 -26.73
CA ALA G 230 5.02 14.80 -25.78
C ALA G 230 4.47 15.07 -24.38
N ASP G 231 3.16 15.31 -24.25
CA ASP G 231 2.61 15.61 -22.93
C ASP G 231 1.12 15.35 -22.85
N SER G 232 0.71 14.55 -21.87
CA SER G 232 -0.70 14.27 -21.69
C SER G 232 -1.44 15.55 -21.31
N PRO G 233 -2.61 15.78 -21.95
CA PRO G 233 -3.20 14.93 -22.99
C PRO G 233 -2.68 15.19 -24.40
N ILE G 234 -2.77 14.14 -25.19
CA ILE G 234 -2.49 14.16 -26.61
C ILE G 234 -3.45 15.05 -27.33
N THR G 235 -2.89 15.91 -28.16
CA THR G 235 -3.71 16.80 -28.96
C THR G 235 -3.36 16.70 -30.43
N PHE G 236 -4.37 16.98 -31.25
CA PHE G 236 -4.25 17.00 -32.69
C PHE G 236 -4.40 18.43 -33.24
N GLY G 237 -3.92 18.66 -34.46
CA GLY G 237 -4.32 19.86 -35.19
C GLY G 237 -5.77 19.73 -35.63
N GLN G 238 -6.40 20.85 -35.96
CA GLN G 238 -7.77 20.81 -36.48
C GLN G 238 -7.77 20.50 -37.96
N GLY G 239 -6.59 20.50 -38.57
CA GLY G 239 -6.48 19.94 -39.90
C GLY G 239 -6.19 20.91 -41.01
N THR G 240 -5.71 20.34 -42.12
CA THR G 240 -5.56 21.03 -43.39
C THR G 240 -6.27 20.25 -44.49
N ARG G 241 -7.14 20.92 -45.24
CA ARG G 241 -7.87 20.22 -46.28
C ARG G 241 -7.17 20.37 -47.62
N LEU G 242 -6.79 19.24 -48.19
CA LEU G 242 -6.11 19.18 -49.49
C LEU G 242 -7.04 18.65 -50.58
N GLU G 243 -7.38 19.52 -51.53
CA GLU G 243 -8.33 19.19 -52.60
C GLU G 243 -7.68 19.55 -53.94
N ILE G 244 -8.07 18.84 -54.99
CA ILE G 244 -7.50 19.01 -56.32
C ILE G 244 -7.95 20.30 -56.99
N LYS G 245 -7.03 21.04 -57.60
CA LYS G 245 -7.42 22.23 -58.33
C LYS G 245 -7.42 21.87 -59.82
N ARG G 246 -8.02 22.74 -60.63
CA ARG G 246 -8.11 22.51 -62.07
C ARG G 246 -7.00 23.26 -62.81
N VAL H 2 8.70 -53.88 8.46
CA VAL H 2 7.75 -52.88 8.95
C VAL H 2 8.18 -52.38 10.33
N GLN H 3 8.14 -51.06 10.53
CA GLN H 3 8.65 -50.48 11.77
C GLN H 3 7.88 -49.27 12.25
N LEU H 4 7.52 -49.29 13.53
CA LEU H 4 6.93 -48.12 14.18
C LEU H 4 7.84 -47.69 15.30
N VAL H 5 8.40 -46.49 15.18
CA VAL H 5 9.35 -46.00 16.17
C VAL H 5 8.84 -44.76 16.88
N GLN H 6 8.73 -44.89 18.21
CA GLN H 6 8.13 -43.86 19.07
C GLN H 6 9.16 -42.99 19.78
N SER H 7 8.77 -41.75 20.10
CA SER H 7 9.61 -40.82 20.85
C SER H 7 10.06 -41.40 22.19
N GLY H 8 11.04 -40.75 22.82
CA GLY H 8 11.53 -41.26 24.09
C GLY H 8 10.49 -41.15 25.19
N ALA H 9 10.72 -41.88 26.28
CA ALA H 9 9.86 -41.82 27.46
C ALA H 9 9.93 -40.43 28.13
N GLU H 10 8.88 -40.04 28.84
CA GLU H 10 8.78 -38.68 29.39
C GLU H 10 8.21 -38.54 30.82
N VAL H 11 8.54 -37.41 31.45
CA VAL H 11 8.06 -37.02 32.77
C VAL H 11 7.40 -35.61 32.71
N LYS H 12 6.15 -35.52 33.15
CA LYS H 12 5.42 -34.27 33.08
C LYS H 12 4.75 -33.96 34.41
N LYS H 13 4.44 -32.69 34.65
CA LYS H 13 3.69 -32.28 35.84
C LYS H 13 2.19 -32.45 35.61
N PRO H 14 1.39 -32.56 36.70
CA PRO H 14 -0.08 -32.59 36.55
C PRO H 14 -0.56 -31.34 35.82
N GLY H 15 -1.70 -31.39 35.14
CA GLY H 15 -2.15 -30.26 34.37
C GLY H 15 -1.55 -30.18 32.96
N SER H 16 -0.26 -30.47 32.87
CA SER H 16 0.51 -30.39 31.62
C SER H 16 -0.06 -31.26 30.50
N SER H 17 0.57 -31.17 29.31
CA SER H 17 0.18 -32.00 28.18
C SER H 17 1.43 -32.58 27.50
N VAL H 18 1.31 -33.79 26.96
CA VAL H 18 2.46 -34.44 26.30
C VAL H 18 2.14 -34.81 24.84
N LYS H 19 3.15 -34.75 23.98
CA LYS H 19 2.99 -35.15 22.60
C LYS H 19 3.99 -36.25 22.26
N VAL H 20 3.47 -37.42 21.95
CA VAL H 20 4.28 -38.57 21.59
C VAL H 20 4.14 -38.79 20.11
N SER H 21 5.25 -39.12 19.47
CA SER H 21 5.30 -39.30 18.04
C SER H 21 5.45 -40.76 17.69
N CYS H 22 5.19 -41.12 16.44
CA CYS H 22 5.39 -42.49 16.01
C CYS H 22 5.66 -42.55 14.50
N LYS H 23 6.87 -43.01 14.12
CA LYS H 23 7.29 -42.99 12.73
C LYS H 23 7.33 -44.36 12.04
N ALA H 24 6.64 -44.43 10.91
CA ALA H 24 6.56 -45.65 10.11
C ALA H 24 7.69 -45.74 9.08
N SER H 25 8.34 -46.90 9.05
CA SER H 25 9.25 -47.26 8.00
C SER H 25 8.50 -48.34 7.24
N GLY H 26 9.09 -49.52 7.09
CA GLY H 26 8.38 -50.65 6.50
C GLY H 26 7.73 -50.43 5.16
N TYR H 27 6.45 -50.77 5.04
CA TYR H 27 5.68 -50.32 3.88
C TYR H 27 4.95 -49.00 4.21
N THR H 28 3.88 -48.69 3.49
CA THR H 28 3.36 -47.33 3.53
C THR H 28 2.33 -46.90 4.58
N PHE H 29 2.72 -45.81 5.23
CA PHE H 29 1.94 -45.09 6.22
C PHE H 29 0.50 -44.85 5.76
N SER H 30 0.38 -44.10 4.65
CA SER H 30 -0.89 -43.64 4.09
C SER H 30 -1.96 -44.70 3.88
N SER H 31 -1.57 -45.95 3.62
CA SER H 31 -2.57 -46.97 3.38
C SER H 31 -3.22 -47.49 4.67
N ASN H 32 -2.46 -47.53 5.77
CA ASN H 32 -2.95 -48.17 7.00
C ASN H 32 -3.49 -47.22 8.08
N VAL H 33 -4.47 -47.73 8.83
CA VAL H 33 -5.11 -46.97 9.91
C VAL H 33 -4.29 -47.08 11.20
N ILE H 34 -4.14 -45.96 11.90
CA ILE H 34 -3.29 -45.92 13.07
C ILE H 34 -4.08 -45.74 14.37
N SER H 35 -3.94 -46.67 15.31
CA SER H 35 -4.62 -46.55 16.62
C SER H 35 -3.64 -46.18 17.70
N TRP H 36 -4.15 -45.67 18.81
CA TRP H 36 -3.35 -45.49 20.03
C TRP H 36 -4.01 -46.26 21.16
N VAL H 37 -3.22 -47.05 21.86
CA VAL H 37 -3.67 -47.84 23.00
C VAL H 37 -2.71 -47.50 24.11
N ARG H 38 -3.21 -47.29 25.32
CA ARG H 38 -2.31 -47.07 26.46
C ARG H 38 -2.38 -48.23 27.44
N GLN H 39 -1.37 -48.35 28.29
CA GLN H 39 -1.38 -49.42 29.29
C GLN H 39 -0.99 -48.90 30.65
N ALA H 40 -1.99 -48.80 31.53
CA ALA H 40 -1.81 -48.39 32.92
C ALA H 40 -1.09 -49.47 33.73
N PRO H 41 -0.27 -49.06 34.71
CA PRO H 41 0.51 -49.94 35.57
C PRO H 41 -0.17 -51.25 36.00
N GLY H 42 0.40 -52.39 35.60
CA GLY H 42 -0.12 -53.72 35.93
C GLY H 42 -1.59 -53.97 35.61
N GLN H 43 -2.03 -53.44 34.46
CA GLN H 43 -3.43 -53.45 34.03
C GLN H 43 -3.63 -53.96 32.58
N GLY H 44 -4.89 -54.06 32.20
CA GLY H 44 -5.28 -54.20 30.80
C GLY H 44 -4.99 -52.89 30.10
N LEU H 45 -5.29 -52.84 28.81
CA LEU H 45 -5.02 -51.66 28.04
C LEU H 45 -6.29 -50.87 27.76
N GLU H 46 -6.13 -49.57 27.60
CA GLU H 46 -7.22 -48.69 27.19
C GLU H 46 -6.97 -48.20 25.79
N TRP H 47 -7.98 -48.38 24.92
CA TRP H 47 -7.94 -47.82 23.58
C TRP H 47 -8.20 -46.34 23.66
N MET H 48 -7.40 -45.56 22.96
CA MET H 48 -7.50 -44.13 23.08
C MET H 48 -8.21 -43.46 21.91
N GLY H 49 -7.85 -43.87 20.69
CA GLY H 49 -8.41 -43.31 19.47
C GLY H 49 -7.65 -43.79 18.28
N GLY H 50 -7.91 -43.22 17.12
CA GLY H 50 -7.32 -43.68 15.88
C GLY H 50 -7.40 -42.58 14.85
N VAL H 51 -6.66 -42.72 13.76
CA VAL H 51 -6.76 -41.74 12.70
C VAL H 51 -6.56 -42.41 11.35
N ILE H 52 -7.21 -41.89 10.31
CA ILE H 52 -7.05 -42.42 8.94
C ILE H 52 -6.19 -41.46 8.13
N PRO H 53 -5.07 -41.96 7.61
CA PRO H 53 -3.95 -41.09 7.21
C PRO H 53 -4.29 -39.91 6.28
N ILE H 54 -4.64 -40.16 5.03
CA ILE H 54 -4.69 -39.07 4.07
C ILE H 54 -5.85 -38.11 4.33
N VAL H 55 -7.01 -38.69 4.60
CA VAL H 55 -8.21 -37.89 4.80
C VAL H 55 -8.24 -37.24 6.18
N ASP H 56 -7.19 -37.49 6.98
CA ASP H 56 -7.03 -36.93 8.33
C ASP H 56 -8.29 -37.05 9.19
N ILE H 57 -8.91 -38.22 9.20
CA ILE H 57 -10.14 -38.44 9.97
C ILE H 57 -9.82 -39.22 11.25
N ALA H 58 -10.20 -38.64 12.38
CA ALA H 58 -9.92 -39.21 13.69
C ALA H 58 -11.19 -39.66 14.37
N ASN H 59 -11.15 -40.83 14.99
CA ASN H 59 -12.23 -41.27 15.86
C ASN H 59 -11.64 -41.57 17.20
N TYR H 60 -12.21 -41.00 18.27
CA TYR H 60 -11.64 -41.19 19.60
C TYR H 60 -12.51 -42.03 20.53
N ALA H 61 -11.98 -42.40 21.68
CA ALA H 61 -12.78 -43.11 22.65
C ALA H 61 -13.42 -42.10 23.56
N GLN H 62 -14.62 -42.42 24.01
CA GLN H 62 -15.45 -41.58 24.85
C GLN H 62 -14.63 -40.84 25.91
N ARG H 63 -14.03 -41.58 26.84
CA ARG H 63 -13.28 -41.00 27.96
C ARG H 63 -12.24 -39.95 27.61
N PHE H 64 -11.86 -39.87 26.34
CA PHE H 64 -10.70 -39.10 25.98
C PHE H 64 -11.03 -37.90 25.05
N LYS H 65 -12.25 -37.89 24.52
CA LYS H 65 -12.73 -36.77 23.72
C LYS H 65 -12.55 -35.47 24.51
N GLY H 66 -11.84 -34.54 23.88
CA GLY H 66 -11.52 -33.27 24.49
C GLY H 66 -10.06 -33.28 24.89
N ARG H 67 -9.67 -34.27 25.67
CA ARG H 67 -8.32 -34.29 26.20
C ARG H 67 -7.34 -34.85 25.17
N VAL H 68 -7.84 -35.57 24.16
CA VAL H 68 -6.94 -36.18 23.19
C VAL H 68 -7.03 -35.62 21.79
N THR H 69 -5.86 -35.49 21.15
CA THR H 69 -5.80 -35.02 19.79
C THR H 69 -4.83 -35.86 18.98
N ILE H 70 -5.34 -36.81 18.21
CA ILE H 70 -4.48 -37.61 17.33
C ILE H 70 -4.47 -37.08 15.89
N THR H 71 -3.26 -36.84 15.39
CA THR H 71 -3.09 -36.27 14.06
C THR H 71 -2.02 -37.00 13.25
N ALA H 72 -2.15 -36.90 11.93
CA ALA H 72 -1.20 -37.48 11.01
C ALA H 72 -0.43 -36.39 10.27
N ASP H 73 0.86 -36.62 10.10
CA ASP H 73 1.69 -35.72 9.33
C ASP H 73 2.30 -36.55 8.20
N GLU H 74 1.67 -36.53 7.04
CA GLU H 74 2.03 -37.45 5.96
C GLU H 74 3.39 -37.16 5.33
N SER H 75 3.82 -35.90 5.41
CA SER H 75 5.12 -35.51 4.87
C SER H 75 6.26 -36.19 5.58
N THR H 76 6.04 -36.59 6.84
CA THR H 76 7.12 -37.16 7.65
C THR H 76 6.85 -38.59 8.06
N SER H 77 5.75 -39.17 7.60
CA SER H 77 5.41 -40.55 7.88
C SER H 77 5.33 -40.77 9.39
N THR H 78 4.75 -39.79 10.07
CA THR H 78 4.74 -39.71 11.54
C THR H 78 3.37 -39.29 12.05
N THR H 79 2.87 -40.00 13.04
CA THR H 79 1.59 -39.66 13.64
C THR H 79 1.77 -39.27 15.11
N TYR H 80 0.98 -38.29 15.55
CA TYR H 80 1.14 -37.66 16.84
C TYR H 80 -0.06 -37.86 17.73
N MET H 81 0.18 -38.37 18.93
CA MET H 81 -0.84 -38.47 19.96
C MET H 81 -0.58 -37.33 20.95
N GLU H 82 -1.57 -36.48 21.19
CA GLU H 82 -1.40 -35.43 22.17
C GLU H 82 -2.51 -35.43 23.23
N LEU H 83 -2.10 -35.65 24.48
CA LEU H 83 -3.00 -35.71 25.64
C LEU H 83 -2.76 -34.57 26.64
N SER H 84 -3.83 -33.91 27.05
CA SER H 84 -3.76 -32.75 27.91
C SER H 84 -4.53 -32.94 29.21
N SER H 85 -4.28 -32.06 30.17
CA SER H 85 -4.83 -32.15 31.53
C SER H 85 -4.43 -33.49 32.16
N LEU H 86 -3.13 -33.71 32.16
CA LEU H 86 -2.54 -34.92 32.69
C LEU H 86 -2.81 -35.07 34.18
N ARG H 87 -3.59 -36.07 34.54
CA ARG H 87 -3.68 -36.42 35.94
C ARG H 87 -2.73 -37.58 36.20
N SER H 88 -2.70 -38.06 37.45
CA SER H 88 -1.73 -39.08 37.84
C SER H 88 -2.10 -40.42 37.21
N GLU H 89 -3.42 -40.69 37.06
CA GLU H 89 -3.88 -41.95 36.46
C GLU H 89 -3.56 -42.01 34.96
N ASP H 90 -3.09 -40.91 34.42
CA ASP H 90 -2.70 -40.88 33.02
C ASP H 90 -1.34 -41.55 32.82
N THR H 91 -0.65 -41.87 33.92
CA THR H 91 0.65 -42.55 33.82
C THR H 91 0.51 -43.94 33.21
N ALA H 92 1.21 -44.16 32.10
CA ALA H 92 1.08 -45.42 31.38
C ALA H 92 2.12 -45.58 30.29
N VAL H 93 2.10 -46.76 29.67
CA VAL H 93 2.90 -47.02 28.48
C VAL H 93 1.98 -46.74 27.29
N TYR H 94 2.39 -45.82 26.42
CA TYR H 94 1.56 -45.39 25.29
C TYR H 94 2.03 -45.98 23.95
N TYR H 95 1.14 -46.70 23.26
CA TYR H 95 1.50 -47.39 22.02
C TYR H 95 0.74 -46.81 20.82
N CYS H 96 1.38 -46.66 19.67
CA CYS H 96 0.64 -46.45 18.42
C CYS H 96 0.66 -47.77 17.68
N ALA H 97 -0.40 -48.09 16.95
CA ALA H 97 -0.43 -49.37 16.23
C ALA H 97 -1.17 -49.26 14.90
N SER H 98 -0.78 -50.04 13.89
CA SER H 98 -1.53 -50.04 12.65
C SER H 98 -2.59 -51.14 12.73
N THR H 99 -3.77 -50.92 12.15
CA THR H 99 -4.82 -51.94 12.17
C THR H 99 -4.75 -52.79 10.90
N LEU H 100 -5.52 -53.88 10.88
CA LEU H 100 -5.52 -54.77 9.74
C LEU H 100 -6.18 -54.13 8.49
N GLY H 101 -6.92 -53.06 8.72
CA GLY H 101 -7.64 -52.42 7.63
C GLY H 101 -8.78 -51.52 8.06
N LEU H 102 -9.60 -52.02 8.98
CA LEU H 102 -10.77 -51.27 9.44
C LEU H 102 -10.40 -50.19 10.47
N VAL H 103 -11.34 -49.31 10.79
CA VAL H 103 -11.09 -48.28 11.81
C VAL H 103 -10.94 -48.84 13.22
N LEU H 104 -11.86 -49.70 13.61
CA LEU H 104 -11.68 -50.56 14.75
C LEU H 104 -11.33 -51.93 14.20
N ASP H 105 -10.12 -52.42 14.46
CA ASP H 105 -9.71 -53.72 13.93
C ASP H 105 -8.74 -54.30 14.94
N ALA H 106 -8.25 -55.51 14.66
CA ALA H 106 -7.13 -56.06 15.36
C ALA H 106 -5.91 -55.24 14.94
N MET H 107 -4.85 -55.33 15.70
CA MET H 107 -3.65 -54.58 15.40
C MET H 107 -2.47 -55.55 15.31
N ASP H 108 -1.74 -55.50 14.19
CA ASP H 108 -0.64 -56.45 13.93
C ASP H 108 0.75 -55.82 14.06
N TYR H 109 0.88 -54.51 13.85
CA TYR H 109 2.16 -53.83 13.99
C TYR H 109 2.15 -52.83 15.12
N TRP H 110 3.12 -52.91 16.03
CA TRP H 110 3.16 -52.08 17.23
C TRP H 110 4.43 -51.25 17.36
N GLY H 111 4.36 -50.20 18.16
CA GLY H 111 5.54 -49.44 18.50
C GLY H 111 6.24 -50.19 19.61
N GLN H 112 7.30 -49.61 20.13
CA GLN H 112 8.02 -50.19 21.26
C GLN H 112 7.46 -49.65 22.56
N GLY H 113 6.53 -48.72 22.47
CA GLY H 113 5.93 -48.14 23.64
C GLY H 113 6.69 -46.91 24.05
N THR H 114 5.97 -45.94 24.62
CA THR H 114 6.58 -44.79 25.25
C THR H 114 6.00 -44.62 26.63
N LEU H 115 6.85 -44.71 27.65
CA LEU H 115 6.39 -44.51 29.01
C LEU H 115 6.27 -43.02 29.29
N VAL H 116 5.10 -42.58 29.76
CA VAL H 116 4.92 -41.21 30.20
C VAL H 116 4.55 -41.25 31.67
N THR H 117 5.39 -40.64 32.53
CA THR H 117 5.17 -40.63 33.98
C THR H 117 4.83 -39.27 34.54
N VAL H 118 3.67 -39.17 35.17
CA VAL H 118 3.18 -37.92 35.72
C VAL H 118 2.96 -38.06 37.23
N SER H 119 3.82 -37.44 38.04
CA SER H 119 3.64 -37.51 39.49
C SER H 119 3.27 -36.20 40.15
N SER H 120 3.23 -36.22 41.49
CA SER H 120 3.03 -35.09 42.40
C SER H 120 3.23 -33.69 41.78
N LEU H 137 -20.31 -46.69 29.77
CA LEU H 137 -20.93 -47.72 28.91
C LEU H 137 -20.10 -48.19 27.71
N GLU H 138 -19.58 -49.40 27.83
CA GLU H 138 -18.79 -50.03 26.80
C GLU H 138 -18.80 -51.53 26.99
N THR H 139 -18.43 -52.25 25.95
CA THR H 139 -18.36 -53.69 26.01
C THR H 139 -17.22 -54.13 26.94
N VAL H 140 -17.51 -55.04 27.86
CA VAL H 140 -16.52 -55.46 28.86
C VAL H 140 -16.04 -56.90 28.73
N LEU H 141 -14.72 -57.07 28.67
CA LEU H 141 -14.10 -58.38 28.51
C LEU H 141 -13.61 -58.96 29.82
N THR H 142 -14.20 -60.08 30.22
CA THR H 142 -13.77 -60.75 31.44
C THR H 142 -12.90 -61.96 31.15
N GLN H 143 -11.63 -61.87 31.47
CA GLN H 143 -10.77 -63.01 31.23
C GLN H 143 -10.68 -63.86 32.47
N SER H 144 -10.50 -65.16 32.27
CA SER H 144 -10.25 -66.10 33.37
C SER H 144 -9.37 -67.28 32.94
N PRO H 145 -8.55 -67.82 33.86
CA PRO H 145 -8.30 -67.43 35.25
C PRO H 145 -7.31 -66.25 35.32
N GLY H 146 -7.38 -65.46 36.39
CA GLY H 146 -6.50 -64.32 36.55
C GLY H 146 -5.06 -64.72 36.42
N THR H 147 -4.76 -65.88 36.99
CA THR H 147 -3.39 -66.40 37.01
C THR H 147 -3.44 -67.88 36.75
N LEU H 148 -2.38 -68.41 36.13
CA LEU H 148 -2.37 -69.82 35.74
C LEU H 148 -0.95 -70.32 35.59
N SER H 149 -0.59 -71.34 36.37
CA SER H 149 0.75 -71.90 36.32
C SER H 149 0.68 -73.31 35.78
N LEU H 150 1.54 -73.61 34.83
CA LEU H 150 1.54 -74.91 34.19
C LEU H 150 2.96 -75.29 33.75
N SER H 151 3.10 -76.50 33.22
CA SER H 151 4.39 -77.04 32.84
C SER H 151 4.46 -77.38 31.34
N PRO H 152 5.62 -77.14 30.70
CA PRO H 152 5.86 -77.35 29.26
C PRO H 152 5.37 -78.69 28.72
N GLY H 153 4.49 -78.62 27.72
CA GLY H 153 3.93 -79.81 27.12
C GLY H 153 2.45 -79.91 27.46
N GLU H 154 2.04 -79.27 28.55
CA GLU H 154 0.64 -79.23 28.97
C GLU H 154 -0.18 -78.32 28.05
N ARG H 155 -1.48 -78.22 28.33
CA ARG H 155 -2.38 -77.40 27.52
C ARG H 155 -3.06 -76.29 28.34
N ALA H 156 -3.15 -75.10 27.76
CA ALA H 156 -3.78 -73.94 28.41
C ALA H 156 -5.13 -73.62 27.80
N THR H 157 -6.09 -73.29 28.65
CA THR H 157 -7.45 -72.96 28.20
C THR H 157 -7.84 -71.60 28.80
N LEU H 158 -7.57 -70.56 28.02
CA LEU H 158 -7.89 -69.20 28.44
C LEU H 158 -9.28 -68.83 27.99
N SER H 159 -9.95 -68.09 28.85
CA SER H 159 -11.32 -67.78 28.63
C SER H 159 -11.45 -66.27 28.49
N CYS H 160 -12.31 -65.86 27.56
CA CYS H 160 -12.69 -64.46 27.41
C CYS H 160 -14.17 -64.40 27.19
N ARG H 161 -14.85 -63.71 28.09
CA ARG H 161 -16.30 -63.67 28.03
C ARG H 161 -16.74 -62.19 28.01
N ALA H 162 -17.70 -61.87 27.16
CA ALA H 162 -18.05 -60.47 26.91
C ALA H 162 -19.46 -60.15 27.34
N SER H 163 -19.65 -58.90 27.74
CA SER H 163 -20.91 -58.35 28.23
C SER H 163 -21.99 -58.06 27.16
N GLN H 164 -21.64 -58.29 25.90
CA GLN H 164 -22.61 -58.21 24.81
C GLN H 164 -22.04 -59.03 23.66
N SER H 165 -22.91 -59.40 22.71
CA SER H 165 -22.55 -60.33 21.65
C SER H 165 -21.57 -59.70 20.62
N LEU H 166 -20.52 -60.43 20.24
CA LEU H 166 -19.51 -59.89 19.33
C LEU H 166 -19.38 -60.60 17.98
N GLY H 167 -20.50 -61.11 17.50
CA GLY H 167 -20.51 -61.91 16.27
C GLY H 167 -19.46 -63.00 16.35
N SER H 168 -18.73 -63.21 15.26
CA SER H 168 -17.75 -64.27 15.24
C SER H 168 -16.47 -63.78 14.59
N SER H 169 -16.36 -62.47 14.44
CA SER H 169 -15.28 -61.95 13.63
C SER H 169 -14.63 -60.71 14.25
N TYR H 170 -15.03 -60.37 15.47
CA TYR H 170 -14.61 -59.08 16.01
C TYR H 170 -13.93 -59.17 17.36
N LEU H 171 -13.12 -60.21 17.49
CA LEU H 171 -12.37 -60.43 18.69
C LEU H 171 -10.95 -60.82 18.35
N ALA H 172 -9.98 -60.31 19.10
CA ALA H 172 -8.61 -60.69 18.86
C ALA H 172 -7.96 -61.11 20.19
N TRP H 173 -6.88 -61.89 20.09
CA TRP H 173 -6.10 -62.33 21.24
C TRP H 173 -4.70 -61.84 21.04
N TYR H 174 -4.05 -61.46 22.12
CA TYR H 174 -2.67 -60.97 22.09
C TYR H 174 -1.77 -61.66 23.10
N GLN H 175 -0.47 -61.65 22.81
CA GLN H 175 0.55 -62.09 23.75
C GLN H 175 1.43 -60.89 24.23
N GLN H 176 1.57 -60.67 25.53
CA GLN H 176 2.50 -59.64 25.99
C GLN H 176 3.49 -60.19 26.99
N LYS H 177 4.72 -60.38 26.51
CA LYS H 177 5.84 -60.73 27.34
C LYS H 177 6.35 -59.45 28.02
N PRO H 178 6.96 -59.58 29.21
CA PRO H 178 7.38 -58.45 30.05
C PRO H 178 8.12 -57.36 29.31
N GLY H 179 7.75 -56.10 29.53
CA GLY H 179 8.44 -54.98 28.94
C GLY H 179 8.42 -54.99 27.42
N GLN H 180 7.39 -55.60 26.85
CA GLN H 180 7.23 -55.61 25.40
C GLN H 180 5.87 -55.09 24.99
N ALA H 181 5.74 -54.74 23.71
CA ALA H 181 4.47 -54.40 23.11
C ALA H 181 3.68 -55.69 22.91
N PRO H 182 2.36 -55.59 22.84
CA PRO H 182 1.57 -56.78 22.52
C PRO H 182 1.95 -57.40 21.17
N ARG H 183 1.44 -58.60 20.92
CA ARG H 183 1.75 -59.36 19.72
C ARG H 183 0.51 -60.12 19.26
N LEU H 184 0.08 -59.90 18.03
CA LEU H 184 -1.19 -60.46 17.63
C LEU H 184 -1.13 -61.95 17.40
N LEU H 185 -2.09 -62.66 17.99
CA LEU H 185 -2.16 -64.10 17.88
C LEU H 185 -3.36 -64.50 17.05
N ILE H 186 -4.56 -64.07 17.44
CA ILE H 186 -5.80 -64.46 16.74
C ILE H 186 -6.58 -63.19 16.35
N TYR H 187 -7.20 -63.21 15.17
CA TYR H 187 -8.20 -62.19 14.84
C TYR H 187 -9.47 -62.87 14.31
N GLY H 188 -10.58 -62.15 14.30
CA GLY H 188 -11.87 -62.70 13.90
C GLY H 188 -12.22 -63.94 14.71
N ALA H 189 -11.91 -63.89 16.01
CA ALA H 189 -12.09 -64.97 16.99
C ALA H 189 -11.32 -66.24 16.66
N SER H 190 -11.14 -66.55 15.38
CA SER H 190 -10.61 -67.86 15.04
C SER H 190 -9.45 -67.86 14.01
N SER H 191 -9.19 -66.74 13.36
CA SER H 191 -8.17 -66.74 12.33
C SER H 191 -6.79 -66.47 12.91
N ARG H 192 -5.86 -67.38 12.62
CA ARG H 192 -4.48 -67.20 13.06
C ARG H 192 -3.79 -66.02 12.39
N ALA H 193 -3.09 -65.22 13.17
CA ALA H 193 -2.25 -64.17 12.62
C ALA H 193 -1.15 -64.84 11.85
N PRO H 194 -0.57 -64.12 10.88
CA PRO H 194 0.60 -64.59 10.16
C PRO H 194 1.72 -65.03 11.11
N GLY H 195 2.41 -66.11 10.76
CA GLY H 195 3.57 -66.55 11.51
C GLY H 195 3.26 -67.06 12.90
N ILE H 196 2.06 -67.61 13.07
CA ILE H 196 1.65 -68.09 14.38
C ILE H 196 1.44 -69.59 14.41
N PRO H 197 2.24 -70.31 15.25
CA PRO H 197 2.22 -71.76 15.44
C PRO H 197 0.82 -72.32 15.67
N ASP H 198 0.63 -73.58 15.28
CA ASP H 198 -0.67 -74.23 15.34
C ASP H 198 -1.16 -74.50 16.75
N ARG H 199 -0.23 -74.43 17.72
CA ARG H 199 -0.58 -74.69 19.11
C ARG H 199 -1.43 -73.58 19.68
N PHE H 200 -1.48 -72.45 18.99
CA PHE H 200 -2.39 -71.37 19.32
C PHE H 200 -3.69 -71.52 18.56
N SER H 201 -4.79 -71.60 19.28
CA SER H 201 -6.06 -71.82 18.63
C SER H 201 -7.15 -71.02 19.31
N GLY H 202 -7.82 -70.19 18.52
CA GLY H 202 -8.91 -69.36 19.02
C GLY H 202 -10.19 -70.05 18.65
N SER H 203 -11.25 -69.78 19.39
CA SER H 203 -12.55 -70.38 19.10
C SER H 203 -13.60 -69.56 19.77
N GLY H 204 -14.85 -69.90 19.47
CA GLY H 204 -15.98 -69.23 20.08
C GLY H 204 -16.79 -68.29 19.20
N SER H 205 -17.99 -67.99 19.69
CA SER H 205 -18.85 -67.05 19.00
C SER H 205 -19.78 -66.42 20.00
N GLY H 206 -20.47 -65.37 19.61
CA GLY H 206 -21.35 -64.66 20.51
C GLY H 206 -20.60 -63.94 21.62
N THR H 207 -20.72 -64.50 22.83
CA THR H 207 -20.17 -63.91 24.05
C THR H 207 -19.14 -64.79 24.76
N ASP H 208 -18.78 -65.92 24.15
CA ASP H 208 -17.86 -66.88 24.77
C ASP H 208 -16.74 -67.24 23.83
N PHE H 209 -15.51 -66.95 24.21
CA PHE H 209 -14.40 -67.19 23.30
C PHE H 209 -13.28 -67.87 24.02
N THR H 210 -12.47 -68.61 23.29
CA THR H 210 -11.42 -69.39 23.93
C THR H 210 -10.11 -69.41 23.17
N LEU H 211 -9.04 -69.04 23.84
CA LEU H 211 -7.71 -69.27 23.30
C LEU H 211 -7.21 -70.56 23.90
N THR H 212 -6.66 -71.44 23.06
CA THR H 212 -6.15 -72.72 23.54
C THR H 212 -4.73 -72.95 23.07
N ILE H 213 -3.77 -72.86 24.01
CA ILE H 213 -2.39 -73.16 23.67
C ILE H 213 -2.03 -74.55 24.14
N SER H 214 -1.96 -75.47 23.19
CA SER H 214 -1.50 -76.83 23.45
C SER H 214 0.03 -76.86 23.33
N ARG H 215 0.63 -77.93 23.84
CA ARG H 215 2.09 -78.12 23.76
C ARG H 215 2.85 -76.87 24.18
N LEU H 216 2.56 -76.38 25.39
CA LEU H 216 3.24 -75.21 25.97
C LEU H 216 4.73 -75.30 25.82
N GLU H 217 5.36 -74.18 25.47
CA GLU H 217 6.80 -74.12 25.40
C GLU H 217 7.29 -73.06 26.39
N PRO H 218 8.58 -73.10 26.79
CA PRO H 218 9.06 -72.20 27.86
C PRO H 218 8.99 -70.72 27.48
N GLU H 219 8.92 -70.45 26.18
CA GLU H 219 8.72 -69.10 25.65
C GLU H 219 7.24 -68.66 25.66
N ASP H 220 6.32 -69.63 25.59
CA ASP H 220 4.86 -69.37 25.61
C ASP H 220 4.32 -68.77 26.91
N PHE H 221 5.18 -68.48 27.89
CA PHE H 221 4.68 -67.97 29.16
C PHE H 221 4.73 -66.44 29.23
N ALA H 222 3.54 -65.83 29.38
CA ALA H 222 3.34 -64.37 29.27
C ALA H 222 1.93 -63.95 29.72
N VAL H 223 1.63 -62.65 29.67
CA VAL H 223 0.26 -62.20 29.95
C VAL H 223 -0.56 -62.24 28.65
N TYR H 224 -1.81 -62.65 28.75
CA TYR H 224 -2.62 -62.79 27.56
C TYR H 224 -3.87 -61.95 27.66
N TYR H 225 -4.01 -61.06 26.68
CA TYR H 225 -5.10 -60.11 26.64
C TYR H 225 -6.04 -60.44 25.51
N CYS H 226 -7.33 -60.22 25.68
CA CYS H 226 -8.23 -60.30 24.54
C CYS H 226 -8.81 -58.90 24.23
N GLN H 227 -9.17 -58.68 22.96
CA GLN H 227 -9.66 -57.38 22.50
C GLN H 227 -10.95 -57.43 21.66
N GLN H 228 -11.94 -56.60 22.01
CA GLN H 228 -13.14 -56.54 21.19
C GLN H 228 -13.08 -55.28 20.34
N TYR H 229 -13.55 -55.42 19.10
CA TYR H 229 -13.62 -54.26 18.24
C TYR H 229 -14.89 -54.30 17.45
N ALA H 230 -15.92 -54.87 18.05
CA ALA H 230 -17.25 -54.90 17.44
C ALA H 230 -18.01 -53.60 17.72
N ASP H 231 -17.60 -52.86 18.74
CA ASP H 231 -18.31 -51.65 19.09
C ASP H 231 -17.41 -50.68 19.81
N SER H 232 -17.34 -49.45 19.32
CA SER H 232 -16.54 -48.40 19.93
C SER H 232 -17.08 -48.14 21.29
N PRO H 233 -16.19 -47.97 22.31
CA PRO H 233 -14.73 -48.00 22.15
C PRO H 233 -14.19 -49.42 22.15
N ILE H 234 -13.02 -49.58 21.55
CA ILE H 234 -12.32 -50.82 21.63
C ILE H 234 -12.00 -51.07 23.10
N THR H 235 -12.35 -52.25 23.59
CA THR H 235 -12.01 -52.58 24.97
C THR H 235 -11.21 -53.90 25.04
N PHE H 236 -10.38 -53.99 26.08
CA PHE H 236 -9.56 -55.15 26.34
C PHE H 236 -9.99 -55.93 27.59
N GLY H 237 -9.51 -57.16 27.72
CA GLY H 237 -9.51 -57.86 28.98
C GLY H 237 -8.46 -57.26 29.93
N GLN H 238 -8.59 -57.54 31.22
CA GLN H 238 -7.60 -57.13 32.22
C GLN H 238 -6.47 -58.15 32.28
N GLY H 239 -6.66 -59.28 31.60
CA GLY H 239 -5.57 -60.18 31.32
C GLY H 239 -5.60 -61.50 32.04
N THR H 240 -4.87 -62.46 31.47
CA THR H 240 -4.58 -63.72 32.14
C THR H 240 -3.10 -63.96 32.18
N ARG H 241 -2.59 -64.25 33.37
CA ARG H 241 -1.14 -64.44 33.52
C ARG H 241 -0.67 -65.90 33.52
N LEU H 242 0.15 -66.22 32.54
CA LEU H 242 0.65 -67.58 32.37
C LEU H 242 2.10 -67.70 32.81
N GLU H 243 2.30 -68.51 33.84
CA GLU H 243 3.62 -68.72 34.41
C GLU H 243 3.91 -70.21 34.54
N ILE H 244 5.19 -70.56 34.50
CA ILE H 244 5.64 -71.96 34.61
C ILE H 244 5.58 -72.52 36.05
N LYS H 245 5.03 -73.73 36.21
CA LYS H 245 5.01 -74.38 37.52
C LYS H 245 6.13 -75.43 37.58
N ARG H 246 6.43 -75.93 38.78
CA ARG H 246 7.51 -76.91 38.95
C ARG H 246 6.97 -78.34 39.01
#